data_1ET1
# 
_entry.id   1ET1 
# 
_audit_conform.dict_name       mmcif_pdbx.dic 
_audit_conform.dict_version    5.385 
_audit_conform.dict_location   http://mmcif.pdb.org/dictionaries/ascii/mmcif_pdbx.dic 
# 
loop_
_database_2.database_id 
_database_2.database_code 
_database_2.pdbx_database_accession 
_database_2.pdbx_DOI 
PDB   1ET1         pdb_00001et1 10.2210/pdb1et1/pdb 
RCSB  RCSB010869   ?            ?                   
WWPDB D_1000010869 ?            ?                   
# 
loop_
_pdbx_audit_revision_history.ordinal 
_pdbx_audit_revision_history.data_content_type 
_pdbx_audit_revision_history.major_revision 
_pdbx_audit_revision_history.minor_revision 
_pdbx_audit_revision_history.revision_date 
1 'Structure model' 1 0 2000-09-06 
2 'Structure model' 1 1 2008-04-27 
3 'Structure model' 1 2 2011-07-13 
4 'Structure model' 1 3 2017-10-04 
5 'Structure model' 1 4 2024-02-07 
# 
_pdbx_audit_revision_details.ordinal             1 
_pdbx_audit_revision_details.revision_ordinal    1 
_pdbx_audit_revision_details.data_content_type   'Structure model' 
_pdbx_audit_revision_details.provider            repository 
_pdbx_audit_revision_details.type                'Initial release' 
_pdbx_audit_revision_details.description         ? 
_pdbx_audit_revision_details.details             ? 
# 
loop_
_pdbx_audit_revision_group.ordinal 
_pdbx_audit_revision_group.revision_ordinal 
_pdbx_audit_revision_group.data_content_type 
_pdbx_audit_revision_group.group 
1 2 'Structure model' 'Version format compliance' 
2 3 'Structure model' 'Version format compliance' 
3 4 'Structure model' 'Refinement description'    
4 5 'Structure model' 'Data collection'           
5 5 'Structure model' 'Database references'       
6 5 'Structure model' 'Derived calculations'      
# 
loop_
_pdbx_audit_revision_category.ordinal 
_pdbx_audit_revision_category.revision_ordinal 
_pdbx_audit_revision_category.data_content_type 
_pdbx_audit_revision_category.category 
1 4 'Structure model' software               
2 5 'Structure model' chem_comp_atom         
3 5 'Structure model' chem_comp_bond         
4 5 'Structure model' database_2             
5 5 'Structure model' pdbx_struct_conn_angle 
6 5 'Structure model' struct_conn            
7 5 'Structure model' struct_site            
# 
loop_
_pdbx_audit_revision_item.ordinal 
_pdbx_audit_revision_item.revision_ordinal 
_pdbx_audit_revision_item.data_content_type 
_pdbx_audit_revision_item.item 
1  4 'Structure model' '_software.classification'                    
2  4 'Structure model' '_software.name'                              
3  5 'Structure model' '_database_2.pdbx_DOI'                        
4  5 'Structure model' '_database_2.pdbx_database_accession'         
5  5 'Structure model' '_pdbx_struct_conn_angle.ptnr1_auth_asym_id'  
6  5 'Structure model' '_pdbx_struct_conn_angle.ptnr1_auth_comp_id'  
7  5 'Structure model' '_pdbx_struct_conn_angle.ptnr1_auth_seq_id'   
8  5 'Structure model' '_pdbx_struct_conn_angle.ptnr1_label_asym_id' 
9  5 'Structure model' '_pdbx_struct_conn_angle.ptnr1_label_atom_id' 
10 5 'Structure model' '_pdbx_struct_conn_angle.ptnr1_label_comp_id' 
11 5 'Structure model' '_pdbx_struct_conn_angle.ptnr1_label_seq_id'  
12 5 'Structure model' '_pdbx_struct_conn_angle.ptnr1_symmetry'      
13 5 'Structure model' '_pdbx_struct_conn_angle.ptnr2_auth_asym_id'  
14 5 'Structure model' '_pdbx_struct_conn_angle.ptnr2_auth_seq_id'   
15 5 'Structure model' '_pdbx_struct_conn_angle.ptnr2_label_asym_id' 
16 5 'Structure model' '_pdbx_struct_conn_angle.ptnr3_auth_asym_id'  
17 5 'Structure model' '_pdbx_struct_conn_angle.ptnr3_auth_comp_id'  
18 5 'Structure model' '_pdbx_struct_conn_angle.ptnr3_auth_seq_id'   
19 5 'Structure model' '_pdbx_struct_conn_angle.ptnr3_label_asym_id' 
20 5 'Structure model' '_pdbx_struct_conn_angle.ptnr3_label_atom_id' 
21 5 'Structure model' '_pdbx_struct_conn_angle.ptnr3_label_comp_id' 
22 5 'Structure model' '_pdbx_struct_conn_angle.ptnr3_label_seq_id'  
23 5 'Structure model' '_pdbx_struct_conn_angle.ptnr3_symmetry'      
24 5 'Structure model' '_pdbx_struct_conn_angle.value'               
25 5 'Structure model' '_struct_conn.pdbx_dist_value'                
26 5 'Structure model' '_struct_conn.ptnr1_auth_asym_id'             
27 5 'Structure model' '_struct_conn.ptnr1_auth_comp_id'             
28 5 'Structure model' '_struct_conn.ptnr1_auth_seq_id'              
29 5 'Structure model' '_struct_conn.ptnr1_label_asym_id'            
30 5 'Structure model' '_struct_conn.ptnr1_label_atom_id'            
31 5 'Structure model' '_struct_conn.ptnr1_label_comp_id'            
32 5 'Structure model' '_struct_conn.ptnr1_label_seq_id'             
33 5 'Structure model' '_struct_conn.ptnr1_symmetry'                 
34 5 'Structure model' '_struct_conn.ptnr2_auth_asym_id'             
35 5 'Structure model' '_struct_conn.ptnr2_auth_comp_id'             
36 5 'Structure model' '_struct_conn.ptnr2_auth_seq_id'              
37 5 'Structure model' '_struct_conn.ptnr2_label_asym_id'            
38 5 'Structure model' '_struct_conn.ptnr2_label_atom_id'            
39 5 'Structure model' '_struct_conn.ptnr2_label_comp_id'            
40 5 'Structure model' '_struct_conn.ptnr2_label_seq_id'             
41 5 'Structure model' '_struct_conn.ptnr2_symmetry'                 
42 5 'Structure model' '_struct_site.pdbx_auth_asym_id'              
43 5 'Structure model' '_struct_site.pdbx_auth_comp_id'              
44 5 'Structure model' '_struct_site.pdbx_auth_seq_id'               
# 
_pdbx_database_status.status_code                     REL 
_pdbx_database_status.entry_id                        1ET1 
_pdbx_database_status.recvd_initial_deposition_date   2000-04-12 
_pdbx_database_status.deposit_site                    RCSB 
_pdbx_database_status.process_site                    RCSB 
_pdbx_database_status.SG_entry                        . 
_pdbx_database_status.pdb_format_compatible           Y 
_pdbx_database_status.status_code_mr                  ? 
_pdbx_database_status.status_code_sf                  ? 
_pdbx_database_status.status_code_cs                  ? 
_pdbx_database_status.methods_development_category    ? 
_pdbx_database_status.status_code_nmr_data            ? 
# 
loop_
_audit_author.name 
_audit_author.pdbx_ordinal 
'Jin, L.'           1 
'Briggs, S.L.'      2 
'Chandrasekhar, S.' 3 
'Chirgadze, N.Y.'   4 
'Clawson, D.K.'     5 
'Schevitz, R.W.'    6 
'Smiley, D.L.'      7 
'Tashjian, A.H.'    8 
'Zhang, F.'         9 
# 
_citation.id                        primary 
_citation.title                     'Crystal structure of human parathyroid hormone 1-34 at 0.9-A resolution.' 
_citation.journal_abbrev            J.Biol.Chem. 
_citation.journal_volume            275 
_citation.page_first                27238 
_citation.page_last                 27244 
_citation.year                      2000 
_citation.journal_id_ASTM           JBCHA3 
_citation.country                   US 
_citation.journal_id_ISSN           0021-9258 
_citation.journal_id_CSD            0071 
_citation.book_publisher            ? 
_citation.pdbx_database_id_PubMed   10837469 
_citation.pdbx_database_id_DOI      ? 
# 
loop_
_citation_author.citation_id 
_citation_author.name 
_citation_author.ordinal 
_citation_author.identifier_ORCID 
primary 'Jin, L.'           1 ? 
primary 'Briggs, S.L.'      2 ? 
primary 'Chandrasekhar, S.' 3 ? 
primary 'Chirgadze, N.Y.'   4 ? 
primary 'Clawson, D.K.'     5 ? 
primary 'Schevitz, R.W.'    6 ? 
primary 'Smiley, D.L.'      7 ? 
primary 'Tashjian, A.H.'    8 ? 
primary 'Zhang, F.'         9 ? 
# 
loop_
_entity.id 
_entity.type 
_entity.src_method 
_entity.pdbx_description 
_entity.formula_weight 
_entity.pdbx_number_of_molecules 
_entity.pdbx_ec 
_entity.pdbx_mutation 
_entity.pdbx_fragment 
_entity.details 
1 polymer     man 'PARATHYROID HORMONE' 4125.778 2   ? ? ? ? 
2 non-polymer syn 'SODIUM ION'          22.990   2   ? ? ? ? 
3 water       nat water                 18.015   104 ? ? ? ? 
# 
_entity_poly.entity_id                      1 
_entity_poly.type                           'polypeptide(L)' 
_entity_poly.nstd_linkage                   no 
_entity_poly.nstd_monomer                   no 
_entity_poly.pdbx_seq_one_letter_code       SVSEIQLMHNLGKHLNSMERVEWLRKKLQDVHNF 
_entity_poly.pdbx_seq_one_letter_code_can   SVSEIQLMHNLGKHLNSMERVEWLRKKLQDVHNF 
_entity_poly.pdbx_strand_id                 A,B 
_entity_poly.pdbx_target_identifier         ? 
# 
loop_
_pdbx_entity_nonpoly.entity_id 
_pdbx_entity_nonpoly.name 
_pdbx_entity_nonpoly.comp_id 
2 'SODIUM ION' NA  
3 water        HOH 
# 
loop_
_entity_poly_seq.entity_id 
_entity_poly_seq.num 
_entity_poly_seq.mon_id 
_entity_poly_seq.hetero 
1 1  SER n 
1 2  VAL n 
1 3  SER n 
1 4  GLU n 
1 5  ILE n 
1 6  GLN n 
1 7  LEU n 
1 8  MET n 
1 9  HIS n 
1 10 ASN n 
1 11 LEU n 
1 12 GLY n 
1 13 LYS n 
1 14 HIS n 
1 15 LEU n 
1 16 ASN n 
1 17 SER n 
1 18 MET n 
1 19 GLU n 
1 20 ARG n 
1 21 VAL n 
1 22 GLU n 
1 23 TRP n 
1 24 LEU n 
1 25 ARG n 
1 26 LYS n 
1 27 LYS n 
1 28 LEU n 
1 29 GLN n 
1 30 ASP n 
1 31 VAL n 
1 32 HIS n 
1 33 ASN n 
1 34 PHE n 
# 
_entity_src_gen.entity_id                          1 
_entity_src_gen.pdbx_src_id                        1 
_entity_src_gen.pdbx_alt_source_flag               sample 
_entity_src_gen.pdbx_seq_type                      ? 
_entity_src_gen.pdbx_beg_seq_num                   ? 
_entity_src_gen.pdbx_end_seq_num                   ? 
_entity_src_gen.gene_src_common_name               human 
_entity_src_gen.gene_src_genus                     Homo 
_entity_src_gen.pdbx_gene_src_gene                 ? 
_entity_src_gen.gene_src_species                   ? 
_entity_src_gen.gene_src_strain                    ? 
_entity_src_gen.gene_src_tissue                    ? 
_entity_src_gen.gene_src_tissue_fraction           ? 
_entity_src_gen.gene_src_details                   ? 
_entity_src_gen.pdbx_gene_src_fragment             ? 
_entity_src_gen.pdbx_gene_src_scientific_name      'Homo sapiens' 
_entity_src_gen.pdbx_gene_src_ncbi_taxonomy_id     9606 
_entity_src_gen.pdbx_gene_src_variant              ? 
_entity_src_gen.pdbx_gene_src_cell_line            ? 
_entity_src_gen.pdbx_gene_src_atcc                 ? 
_entity_src_gen.pdbx_gene_src_organ                ? 
_entity_src_gen.pdbx_gene_src_organelle            ? 
_entity_src_gen.pdbx_gene_src_cell                 ? 
_entity_src_gen.pdbx_gene_src_cellular_location    ? 
_entity_src_gen.host_org_common_name               ? 
_entity_src_gen.pdbx_host_org_scientific_name      'Escherichia coli' 
_entity_src_gen.pdbx_host_org_ncbi_taxonomy_id     562 
_entity_src_gen.host_org_genus                     Escherichia 
_entity_src_gen.pdbx_host_org_gene                 ? 
_entity_src_gen.pdbx_host_org_organ                ? 
_entity_src_gen.host_org_species                   ? 
_entity_src_gen.pdbx_host_org_tissue               ? 
_entity_src_gen.pdbx_host_org_tissue_fraction      ? 
_entity_src_gen.pdbx_host_org_strain               ? 
_entity_src_gen.pdbx_host_org_variant              ? 
_entity_src_gen.pdbx_host_org_cell_line            ? 
_entity_src_gen.pdbx_host_org_atcc                 ? 
_entity_src_gen.pdbx_host_org_culture_collection   ? 
_entity_src_gen.pdbx_host_org_cell                 ? 
_entity_src_gen.pdbx_host_org_organelle            ? 
_entity_src_gen.pdbx_host_org_cellular_location    ? 
_entity_src_gen.pdbx_host_org_vector_type          ? 
_entity_src_gen.pdbx_host_org_vector               ? 
_entity_src_gen.host_org_details                   ? 
_entity_src_gen.expression_system_id               ? 
_entity_src_gen.plasmid_name                       ? 
_entity_src_gen.plasmid_details                    ? 
_entity_src_gen.pdbx_description                   ? 
# 
loop_
_chem_comp.id 
_chem_comp.type 
_chem_comp.mon_nstd_flag 
_chem_comp.name 
_chem_comp.pdbx_synonyms 
_chem_comp.formula 
_chem_comp.formula_weight 
ARG 'L-peptide linking' y ARGININE        ? 'C6 H15 N4 O2 1' 175.209 
ASN 'L-peptide linking' y ASPARAGINE      ? 'C4 H8 N2 O3'    132.118 
ASP 'L-peptide linking' y 'ASPARTIC ACID' ? 'C4 H7 N O4'     133.103 
GLN 'L-peptide linking' y GLUTAMINE       ? 'C5 H10 N2 O3'   146.144 
GLU 'L-peptide linking' y 'GLUTAMIC ACID' ? 'C5 H9 N O4'     147.129 
GLY 'peptide linking'   y GLYCINE         ? 'C2 H5 N O2'     75.067  
HIS 'L-peptide linking' y HISTIDINE       ? 'C6 H10 N3 O2 1' 156.162 
HOH non-polymer         . WATER           ? 'H2 O'           18.015  
ILE 'L-peptide linking' y ISOLEUCINE      ? 'C6 H13 N O2'    131.173 
LEU 'L-peptide linking' y LEUCINE         ? 'C6 H13 N O2'    131.173 
LYS 'L-peptide linking' y LYSINE          ? 'C6 H15 N2 O2 1' 147.195 
MET 'L-peptide linking' y METHIONINE      ? 'C5 H11 N O2 S'  149.211 
NA  non-polymer         . 'SODIUM ION'    ? 'Na 1'           22.990  
PHE 'L-peptide linking' y PHENYLALANINE   ? 'C9 H11 N O2'    165.189 
SER 'L-peptide linking' y SERINE          ? 'C3 H7 N O3'     105.093 
TRP 'L-peptide linking' y TRYPTOPHAN      ? 'C11 H12 N2 O2'  204.225 
VAL 'L-peptide linking' y VALINE          ? 'C5 H11 N O2'    117.146 
# 
loop_
_pdbx_poly_seq_scheme.asym_id 
_pdbx_poly_seq_scheme.entity_id 
_pdbx_poly_seq_scheme.seq_id 
_pdbx_poly_seq_scheme.mon_id 
_pdbx_poly_seq_scheme.ndb_seq_num 
_pdbx_poly_seq_scheme.pdb_seq_num 
_pdbx_poly_seq_scheme.auth_seq_num 
_pdbx_poly_seq_scheme.pdb_mon_id 
_pdbx_poly_seq_scheme.auth_mon_id 
_pdbx_poly_seq_scheme.pdb_strand_id 
_pdbx_poly_seq_scheme.pdb_ins_code 
_pdbx_poly_seq_scheme.hetero 
A 1 1  SER 1  1  1  SER SER A . n 
A 1 2  VAL 2  2  2  VAL VAL A . n 
A 1 3  SER 3  3  3  SER SER A . n 
A 1 4  GLU 4  4  4  GLU GLU A . n 
A 1 5  ILE 5  5  5  ILE ILE A . n 
A 1 6  GLN 6  6  6  GLN GLN A . n 
A 1 7  LEU 7  7  7  LEU LEU A . n 
A 1 8  MET 8  8  8  MET MET A . n 
A 1 9  HIS 9  9  9  HIS HIS A . n 
A 1 10 ASN 10 10 10 ASN ASN A . n 
A 1 11 LEU 11 11 11 LEU LEU A . n 
A 1 12 GLY 12 12 12 GLY GLY A . n 
A 1 13 LYS 13 13 13 LYS LYS A . n 
A 1 14 HIS 14 14 14 HIS HIS A . n 
A 1 15 LEU 15 15 15 LEU LEU A . n 
A 1 16 ASN 16 16 16 ASN ASN A . n 
A 1 17 SER 17 17 17 SER SER A . n 
A 1 18 MET 18 18 18 MET MET A . n 
A 1 19 GLU 19 19 19 GLU GLU A . n 
A 1 20 ARG 20 20 20 ARG ARG A . n 
A 1 21 VAL 21 21 21 VAL VAL A . n 
A 1 22 GLU 22 22 22 GLU GLU A . n 
A 1 23 TRP 23 23 23 TRP TRP A . n 
A 1 24 LEU 24 24 24 LEU LEU A . n 
A 1 25 ARG 25 25 25 ARG ARG A . n 
A 1 26 LYS 26 26 26 LYS LYS A . n 
A 1 27 LYS 27 27 27 LYS LYS A . n 
A 1 28 LEU 28 28 28 LEU LEU A . n 
A 1 29 GLN 29 29 29 GLN GLN A . n 
A 1 30 ASP 30 30 30 ASP ASP A . n 
A 1 31 VAL 31 31 31 VAL VAL A . n 
A 1 32 HIS 32 32 32 HIS HIS A . n 
A 1 33 ASN 33 33 33 ASN ASN A . n 
A 1 34 PHE 34 34 34 PHE PHE A . n 
B 1 1  SER 1  1  1  SER SER B . n 
B 1 2  VAL 2  2  2  VAL VAL B . n 
B 1 3  SER 3  3  3  SER SER B . n 
B 1 4  GLU 4  4  4  GLU GLU B . n 
B 1 5  ILE 5  5  5  ILE ILE B . n 
B 1 6  GLN 6  6  6  GLN GLN B . n 
B 1 7  LEU 7  7  7  LEU LEU B . n 
B 1 8  MET 8  8  8  MET MET B . n 
B 1 9  HIS 9  9  9  HIS HIS B . n 
B 1 10 ASN 10 10 10 ASN ASN B . n 
B 1 11 LEU 11 11 11 LEU LEU B . n 
B 1 12 GLY 12 12 12 GLY GLY B . n 
B 1 13 LYS 13 13 13 LYS LYS B . n 
B 1 14 HIS 14 14 14 HIS HIS B . n 
B 1 15 LEU 15 15 15 LEU LEU B . n 
B 1 16 ASN 16 16 16 ASN ASN B . n 
B 1 17 SER 17 17 17 SER SER B . n 
B 1 18 MET 18 18 18 MET MET B . n 
B 1 19 GLU 19 19 19 GLU GLU B . n 
B 1 20 ARG 20 20 20 ARG ARG B . n 
B 1 21 VAL 21 21 21 VAL VAL B . n 
B 1 22 GLU 22 22 22 GLU GLU B . n 
B 1 23 TRP 23 23 23 TRP TRP B . n 
B 1 24 LEU 24 24 24 LEU LEU B . n 
B 1 25 ARG 25 25 25 ARG ARG B . n 
B 1 26 LYS 26 26 26 LYS LYS B . n 
B 1 27 LYS 27 27 27 LYS LYS B . n 
B 1 28 LEU 28 28 28 LEU LEU B . n 
B 1 29 GLN 29 29 29 GLN GLN B . n 
B 1 30 ASP 30 30 30 ASP ASP B . n 
B 1 31 VAL 31 31 31 VAL VAL B . n 
B 1 32 HIS 32 32 32 HIS HIS B . n 
B 1 33 ASN 33 33 33 ASN ASN B . n 
B 1 34 PHE 34 34 34 PHE PHE B . n 
# 
loop_
_pdbx_nonpoly_scheme.asym_id 
_pdbx_nonpoly_scheme.entity_id 
_pdbx_nonpoly_scheme.mon_id 
_pdbx_nonpoly_scheme.ndb_seq_num 
_pdbx_nonpoly_scheme.pdb_seq_num 
_pdbx_nonpoly_scheme.auth_seq_num 
_pdbx_nonpoly_scheme.pdb_mon_id 
_pdbx_nonpoly_scheme.auth_mon_id 
_pdbx_nonpoly_scheme.pdb_strand_id 
_pdbx_nonpoly_scheme.pdb_ins_code 
C 2 NA  1  101 101 NA  SOD A . 
D 2 NA  1  102 102 NA  SOD B . 
E 3 HOH 1  102 10  HOH HOH A . 
E 3 HOH 2  103 12  HOH HOH A . 
E 3 HOH 3  104 14  HOH HOH A . 
E 3 HOH 4  105 20  HOH HOH A . 
E 3 HOH 5  106 22  HOH HOH A . 
E 3 HOH 6  107 29  HOH HOH A . 
E 3 HOH 7  108 30  HOH HOH A . 
E 3 HOH 8  109 31  HOH HOH A . 
E 3 HOH 9  110 33  HOH HOH A . 
E 3 HOH 10 111 36  HOH HOH A . 
E 3 HOH 11 112 37  HOH HOH A . 
E 3 HOH 12 113 44  HOH HOH A . 
E 3 HOH 13 114 47  HOH HOH A . 
E 3 HOH 14 115 49  HOH HOH A . 
E 3 HOH 15 116 52  HOH HOH A . 
E 3 HOH 16 117 57  HOH HOH A . 
E 3 HOH 17 118 58  HOH HOH A . 
E 3 HOH 18 119 61  HOH HOH A . 
E 3 HOH 19 120 62  HOH HOH A . 
E 3 HOH 20 121 65  HOH HOH A . 
E 3 HOH 21 122 66  HOH HOH A . 
E 3 HOH 22 123 67  HOH HOH A . 
E 3 HOH 23 124 70  HOH HOH A . 
E 3 HOH 24 125 73  HOH HOH A . 
E 3 HOH 25 126 75  HOH HOH A . 
E 3 HOH 26 127 77  HOH HOH A . 
E 3 HOH 27 128 78  HOH HOH A . 
E 3 HOH 28 129 81  HOH HOH A . 
E 3 HOH 29 130 82  HOH HOH A . 
E 3 HOH 30 131 83  HOH HOH A . 
E 3 HOH 31 132 84  HOH HOH A . 
E 3 HOH 32 133 88  HOH HOH A . 
E 3 HOH 33 134 90  HOH HOH A . 
E 3 HOH 34 135 93  HOH HOH A . 
E 3 HOH 35 136 97  HOH HOH A . 
E 3 HOH 36 137 98  HOH HOH A . 
E 3 HOH 37 138 99  HOH HOH A . 
E 3 HOH 38 139 100 HOH HOH A . 
E 3 HOH 39 140 101 HOH HOH A . 
F 3 HOH 1  103 1   HOH HOH B . 
F 3 HOH 2  104 2   HOH HOH B . 
F 3 HOH 3  105 3   HOH HOH B . 
F 3 HOH 4  106 4   HOH HOH B . 
F 3 HOH 5  107 5   HOH HOH B . 
F 3 HOH 6  108 6   HOH HOH B . 
F 3 HOH 7  109 7   HOH HOH B . 
F 3 HOH 8  110 8   HOH HOH B . 
F 3 HOH 9  111 9   HOH HOH B . 
F 3 HOH 10 112 11  HOH HOH B . 
F 3 HOH 11 113 13  HOH HOH B . 
F 3 HOH 12 114 15  HOH HOH B . 
F 3 HOH 13 115 16  HOH HOH B . 
F 3 HOH 14 116 17  HOH HOH B . 
F 3 HOH 15 117 18  HOH HOH B . 
F 3 HOH 16 118 19  HOH HOH B . 
F 3 HOH 17 119 21  HOH HOH B . 
F 3 HOH 18 120 23  HOH HOH B . 
F 3 HOH 19 121 24  HOH HOH B . 
F 3 HOH 20 122 25  HOH HOH B . 
F 3 HOH 21 123 26  HOH HOH B . 
F 3 HOH 22 124 27  HOH HOH B . 
F 3 HOH 23 125 28  HOH HOH B . 
F 3 HOH 24 126 32  HOH HOH B . 
F 3 HOH 25 127 34  HOH HOH B . 
F 3 HOH 26 128 35  HOH HOH B . 
F 3 HOH 27 129 38  HOH HOH B . 
F 3 HOH 28 130 39  HOH HOH B . 
F 3 HOH 29 131 40  HOH HOH B . 
F 3 HOH 30 132 41  HOH HOH B . 
F 3 HOH 31 133 42  HOH HOH B . 
F 3 HOH 32 134 43  HOH HOH B . 
F 3 HOH 33 135 45  HOH HOH B . 
F 3 HOH 34 136 46  HOH HOH B . 
F 3 HOH 35 137 48  HOH HOH B . 
F 3 HOH 36 138 50  HOH HOH B . 
F 3 HOH 37 139 51  HOH HOH B . 
F 3 HOH 38 140 53  HOH HOH B . 
F 3 HOH 39 141 54  HOH HOH B . 
F 3 HOH 40 142 55  HOH HOH B . 
F 3 HOH 41 143 56  HOH HOH B . 
F 3 HOH 42 144 59  HOH HOH B . 
F 3 HOH 43 145 60  HOH HOH B . 
F 3 HOH 44 146 63  HOH HOH B . 
F 3 HOH 45 147 64  HOH HOH B . 
F 3 HOH 46 148 68  HOH HOH B . 
F 3 HOH 47 149 69  HOH HOH B . 
F 3 HOH 48 150 71  HOH HOH B . 
F 3 HOH 49 151 72  HOH HOH B . 
F 3 HOH 50 152 74  HOH HOH B . 
F 3 HOH 51 153 76  HOH HOH B . 
F 3 HOH 52 154 79  HOH HOH B . 
F 3 HOH 53 155 80  HOH HOH B . 
F 3 HOH 54 156 85  HOH HOH B . 
F 3 HOH 55 157 86  HOH HOH B . 
F 3 HOH 56 158 87  HOH HOH B . 
F 3 HOH 57 159 89  HOH HOH B . 
F 3 HOH 58 160 91  HOH HOH B . 
F 3 HOH 59 161 92  HOH HOH B . 
F 3 HOH 60 162 94  HOH HOH B . 
F 3 HOH 61 163 95  HOH HOH B . 
F 3 HOH 62 164 96  HOH HOH B . 
F 3 HOH 63 165 102 HOH HOH B . 
F 3 HOH 64 166 103 HOH HOH B . 
F 3 HOH 65 167 104 HOH HOH B . 
# 
loop_
_software.name 
_software.classification 
_software.version 
_software.citation_id 
_software.pdbx_ordinal 
SOLVE     phasing           . ? 1 
SHELXL-97 refinement        . ? 2 
MAR345    'data collection' . ? 3 
HKL-2000  'data scaling'    . ? 4 
# 
_cell.entry_id           1ET1 
_cell.length_a           30.177 
_cell.length_b           30.177 
_cell.length_c           110.435 
_cell.angle_alpha        90.00 
_cell.angle_beta         90.00 
_cell.angle_gamma        120.00 
_cell.Z_PDB              12 
_cell.pdbx_unique_axis   ? 
# 
_symmetry.entry_id                         1ET1 
_symmetry.space_group_name_H-M             'P 65' 
_symmetry.pdbx_full_space_group_name_H-M   ? 
_symmetry.cell_setting                     ? 
_symmetry.Int_Tables_number                170 
# 
_exptl.entry_id          1ET1 
_exptl.method            'X-RAY DIFFRACTION' 
_exptl.crystals_number   1 
# 
_exptl_crystal.id                    1 
_exptl_crystal.density_meas          ? 
_exptl_crystal.density_percent_sol   30.08 
_exptl_crystal.density_Matthews      1.76 
_exptl_crystal.description           ? 
# 
_exptl_crystal_grow.crystal_id      1 
_exptl_crystal_grow.method          'VAPOR DIFFUSION, HANGING DROP' 
_exptl_crystal_grow.pH              4.5 
_exptl_crystal_grow.temp            293 
_exptl_crystal_grow.temp_details    ? 
_exptl_crystal_grow.pdbx_details    
'2.5 M ammonium sulfate, 5% isopropanol and 0.1 M sodium acetate buffer, pH 4.5., VAPOR DIFFUSION, HANGING DROP, temperature 293K' 
_exptl_crystal_grow.pdbx_pH_range   . 
# 
_diffrn.id                     1 
_diffrn.ambient_temp           103 
_diffrn.ambient_temp_details   ? 
_diffrn.crystal_id             1 
# 
_diffrn_detector.diffrn_id              1 
_diffrn_detector.detector               CCD 
_diffrn_detector.type                   MARRESEARCH 
_diffrn_detector.pdbx_collection_date   1998-08-10 
_diffrn_detector.details                ? 
# 
_diffrn_radiation.diffrn_id                        1 
_diffrn_radiation.wavelength_id                    1 
_diffrn_radiation.monochromator                    ? 
_diffrn_radiation.pdbx_monochromatic_or_laue_m_l   M 
_diffrn_radiation.pdbx_diffrn_protocol             'SINGLE WAVELENGTH' 
_diffrn_radiation.pdbx_scattering_type             x-ray 
# 
_diffrn_radiation_wavelength.id           1 
_diffrn_radiation_wavelength.wavelength   1.0 
_diffrn_radiation_wavelength.wt           1.0 
# 
_diffrn_source.diffrn_id                   1 
_diffrn_source.source                      SYNCHROTRON 
_diffrn_source.type                        'APS BEAMLINE 17-ID' 
_diffrn_source.pdbx_wavelength             1.0 
_diffrn_source.pdbx_synchrotron_site       APS 
_diffrn_source.pdbx_synchrotron_beamline   17-ID 
_diffrn_source.pdbx_wavelength_list        ? 
# 
_reflns.entry_id                     1ET1 
_reflns.observed_criterion_sigma_I   0 
_reflns.observed_criterion_sigma_F   0 
_reflns.d_resolution_low             13.5 
_reflns.d_resolution_high            0.9 
_reflns.number_obs                   37771 
_reflns.number_all                   37771 
_reflns.percent_possible_obs         90.5 
_reflns.pdbx_Rmerge_I_obs            0.054 
_reflns.pdbx_Rsym_value              ? 
_reflns.pdbx_netI_over_sigmaI        8.2 
_reflns.B_iso_Wilson_estimate        4.4 
_reflns.pdbx_redundancy              3.0 
_reflns.R_free_details               ? 
_reflns.limit_h_max                  ? 
_reflns.limit_h_min                  ? 
_reflns.limit_k_max                  ? 
_reflns.limit_k_min                  ? 
_reflns.limit_l_max                  ? 
_reflns.limit_l_min                  ? 
_reflns.observed_criterion_F_max     ? 
_reflns.observed_criterion_F_min     ? 
_reflns.pdbx_diffrn_id               1 
_reflns.pdbx_ordinal                 1 
# 
_reflns_shell.d_res_high             0.90 
_reflns_shell.d_res_low              0.93 
_reflns_shell.percent_possible_obs   ? 
_reflns_shell.percent_possible_all   75.5 
_reflns_shell.Rmerge_I_obs           0.163 
_reflns_shell.meanI_over_sigI_obs    ? 
_reflns_shell.pdbx_Rsym_value        ? 
_reflns_shell.pdbx_redundancy        ? 
_reflns_shell.number_unique_all      3148 
_reflns_shell.pdbx_diffrn_id         ? 
_reflns_shell.pdbx_ordinal           1 
# 
_refine.entry_id                                 1ET1 
_refine.ls_number_reflns_obs                     37765 
_refine.ls_number_reflns_all                     41735 
_refine.pdbx_ls_sigma_I                          0 
_refine.pdbx_ls_sigma_F                          0 
_refine.pdbx_data_cutoff_high_absF               ? 
_refine.pdbx_data_cutoff_low_absF                ? 
_refine.ls_d_res_low                             13.5 
_refine.ls_d_res_high                            0.90 
_refine.ls_percent_reflns_obs                    90.5 
_refine.ls_R_factor_obs                          0.137 
_refine.ls_R_factor_all                          ? 
_refine.ls_R_factor_R_work                       0.137 
_refine.ls_R_factor_R_free                       0.140 
_refine.ls_R_factor_R_free_error                 ? 
_refine.ls_R_factor_R_free_error_details         ? 
_refine.ls_percent_reflns_R_free                 ? 
_refine.ls_number_reflns_R_free                  1881 
_refine.ls_number_parameters                     ? 
_refine.ls_number_restraints                     ? 
_refine.occupancy_min                            ? 
_refine.occupancy_max                            ? 
_refine.B_iso_mean                               ? 
_refine.aniso_B[1][1]                            ? 
_refine.aniso_B[2][2]                            ? 
_refine.aniso_B[3][3]                            ? 
_refine.aniso_B[1][2]                            ? 
_refine.aniso_B[1][3]                            ? 
_refine.aniso_B[2][3]                            ? 
_refine.solvent_model_details                    ? 
_refine.solvent_model_param_ksol                 ? 
_refine.solvent_model_param_bsol                 ? 
_refine.pdbx_ls_cross_valid_method               ? 
_refine.details                                  
'Used conjugate-gradient algorithm with riding hydrogens with anisotropic B factor refinement.' 
_refine.pdbx_starting_model                      ? 
_refine.pdbx_method_to_determine_struct          ? 
_refine.pdbx_isotropic_thermal_model             ? 
_refine.pdbx_stereochemistry_target_values       'Engh & Huber' 
_refine.pdbx_stereochem_target_val_spec_case     ? 
_refine.pdbx_R_Free_selection_details            '5% of randomly selected data.' 
_refine.pdbx_overall_ESU_R_Free                  ? 
_refine.overall_SU_B                             ? 
_refine.ls_redundancy_reflns_obs                 ? 
_refine.B_iso_min                                ? 
_refine.B_iso_max                                ? 
_refine.overall_SU_ML                            ? 
_refine.pdbx_overall_ESU_R                       ? 
_refine.pdbx_data_cutoff_high_rms_absF           ? 
_refine.pdbx_refine_id                           'X-RAY DIFFRACTION' 
_refine.pdbx_diffrn_id                           1 
_refine.pdbx_TLS_residual_ADP_flag               ? 
_refine.correlation_coeff_Fo_to_Fc               ? 
_refine.correlation_coeff_Fo_to_Fc_free          ? 
_refine.pdbx_solvent_vdw_probe_radii             ? 
_refine.pdbx_solvent_ion_probe_radii             ? 
_refine.pdbx_solvent_shrinkage_radii             ? 
_refine.pdbx_overall_phase_error                 ? 
_refine.overall_SU_R_Cruickshank_DPI             ? 
_refine.pdbx_overall_SU_R_free_Cruickshank_DPI   ? 
_refine.pdbx_overall_SU_R_Blow_DPI               ? 
_refine.pdbx_overall_SU_R_free_Blow_DPI          ? 
# 
_refine_hist.pdbx_refine_id                   'X-RAY DIFFRACTION' 
_refine_hist.cycle_id                         LAST 
_refine_hist.pdbx_number_atoms_protein        658 
_refine_hist.pdbx_number_atoms_nucleic_acid   0 
_refine_hist.pdbx_number_atoms_ligand         2 
_refine_hist.number_atoms_solvent             104 
_refine_hist.number_atoms_total               764 
_refine_hist.d_res_high                       0.90 
_refine_hist.d_res_low                        13.5 
# 
loop_
_refine_ls_restr.type 
_refine_ls_restr.dev_ideal 
_refine_ls_restr.dev_ideal_target 
_refine_ls_restr.weight 
_refine_ls_restr.number 
_refine_ls_restr.pdbx_refine_id 
_refine_ls_restr.pdbx_restraint_function 
x_bond_d           0.015  ? ? ? 'X-RAY DIFFRACTION' ? 
x_angle_deg        2.259  ? ? ? 'X-RAY DIFFRACTION' ? 
x_torsion_deg      16.628 ? ? ? 'X-RAY DIFFRACTION' ? 
x_torsion_impr_deg 1.795  ? ? ? 'X-RAY DIFFRACTION' ? 
# 
_struct.entry_id                  1ET1 
_struct.title                     'CRYSTAL STRUCTURE OF HUMAN PARATHYROID HORMONE 1-34 AT 0.9 A RESOLUTION' 
_struct.pdbx_model_details        ? 
_struct.pdbx_CASP_flag            ? 
_struct.pdbx_model_type_details   ? 
# 
_struct_keywords.entry_id        1ET1 
_struct_keywords.pdbx_keywords   'HORMONE/GROWTH FACTOR' 
_struct_keywords.text            'HELICAL DIMER, HORMONE-GROWTH FACTOR COMPLEX' 
# 
loop_
_struct_asym.id 
_struct_asym.pdbx_blank_PDB_chainid_flag 
_struct_asym.pdbx_modified 
_struct_asym.entity_id 
_struct_asym.details 
A N N 1 ? 
B N N 1 ? 
C N N 2 ? 
D N N 2 ? 
E N N 3 ? 
F N N 3 ? 
# 
_struct_ref.id                         1 
_struct_ref.db_code                    PTHY_HUMAN 
_struct_ref.db_name                    UNP 
_struct_ref.entity_id                  1 
_struct_ref.pdbx_db_accession          P01270 
_struct_ref.pdbx_align_begin           32 
_struct_ref.pdbx_seq_one_letter_code   SVSEIQLMHNLGKHLNSMERVEWLRKKLQDVHNF 
_struct_ref.pdbx_db_isoform            ? 
# 
loop_
_struct_ref_seq.align_id 
_struct_ref_seq.ref_id 
_struct_ref_seq.pdbx_PDB_id_code 
_struct_ref_seq.pdbx_strand_id 
_struct_ref_seq.seq_align_beg 
_struct_ref_seq.pdbx_seq_align_beg_ins_code 
_struct_ref_seq.seq_align_end 
_struct_ref_seq.pdbx_seq_align_end_ins_code 
_struct_ref_seq.pdbx_db_accession 
_struct_ref_seq.db_align_beg 
_struct_ref_seq.pdbx_db_align_beg_ins_code 
_struct_ref_seq.db_align_end 
_struct_ref_seq.pdbx_db_align_end_ins_code 
_struct_ref_seq.pdbx_auth_seq_align_beg 
_struct_ref_seq.pdbx_auth_seq_align_end 
1 1 1ET1 A 1 ? 34 ? P01270 32 ? 65 ? 1 34 
2 1 1ET1 B 1 ? 34 ? P01270 32 ? 65 ? 1 34 
# 
_pdbx_struct_assembly.id                   1 
_pdbx_struct_assembly.details              author_and_software_defined_assembly 
_pdbx_struct_assembly.method_details       PISA 
_pdbx_struct_assembly.oligomeric_details   dimeric 
_pdbx_struct_assembly.oligomeric_count     2 
# 
loop_
_pdbx_struct_assembly_prop.biol_id 
_pdbx_struct_assembly_prop.type 
_pdbx_struct_assembly_prop.value 
_pdbx_struct_assembly_prop.details 
1 'ABSA (A^2)' 850  ? 
1 MORE         -24  ? 
1 'SSA (A^2)'  6420 ? 
# 
_pdbx_struct_assembly_gen.assembly_id       1 
_pdbx_struct_assembly_gen.oper_expression   1 
_pdbx_struct_assembly_gen.asym_id_list      A,B,C,D,E,F 
# 
_pdbx_struct_oper_list.id                   1 
_pdbx_struct_oper_list.type                 'identity operation' 
_pdbx_struct_oper_list.name                 1_555 
_pdbx_struct_oper_list.symmetry_operation   x,y,z 
_pdbx_struct_oper_list.matrix[1][1]         1.0000000000 
_pdbx_struct_oper_list.matrix[1][2]         0.0000000000 
_pdbx_struct_oper_list.matrix[1][3]         0.0000000000 
_pdbx_struct_oper_list.vector[1]            0.0000000000 
_pdbx_struct_oper_list.matrix[2][1]         0.0000000000 
_pdbx_struct_oper_list.matrix[2][2]         1.0000000000 
_pdbx_struct_oper_list.matrix[2][3]         0.0000000000 
_pdbx_struct_oper_list.vector[2]            0.0000000000 
_pdbx_struct_oper_list.matrix[3][1]         0.0000000000 
_pdbx_struct_oper_list.matrix[3][2]         0.0000000000 
_pdbx_struct_oper_list.matrix[3][3]         1.0000000000 
_pdbx_struct_oper_list.vector[3]            0.0000000000 
# 
_struct_biol.id                    1 
_struct_biol.details               'The biological functional unit is a monomer of hPTH (1-34).' 
_struct_biol.pdbx_parent_biol_id   ? 
# 
loop_
_struct_conf.conf_type_id 
_struct_conf.id 
_struct_conf.pdbx_PDB_helix_id 
_struct_conf.beg_label_comp_id 
_struct_conf.beg_label_asym_id 
_struct_conf.beg_label_seq_id 
_struct_conf.pdbx_beg_PDB_ins_code 
_struct_conf.end_label_comp_id 
_struct_conf.end_label_asym_id 
_struct_conf.end_label_seq_id 
_struct_conf.pdbx_end_PDB_ins_code 
_struct_conf.beg_auth_comp_id 
_struct_conf.beg_auth_asym_id 
_struct_conf.beg_auth_seq_id 
_struct_conf.end_auth_comp_id 
_struct_conf.end_auth_asym_id 
_struct_conf.end_auth_seq_id 
_struct_conf.pdbx_PDB_helix_class 
_struct_conf.details 
_struct_conf.pdbx_PDB_helix_length 
HELX_P HELX_P1 1 VAL A 2 ? PHE A 34 ? VAL A 2 PHE A 34 1 ? 33 
HELX_P HELX_P2 2 VAL B 2 ? PHE B 34 ? VAL B 2 PHE B 34 1 ? 33 
# 
_struct_conf_type.id          HELX_P 
_struct_conf_type.criteria    ? 
_struct_conf_type.reference   ? 
# 
loop_
_struct_conn.id 
_struct_conn.conn_type_id 
_struct_conn.pdbx_leaving_atom_flag 
_struct_conn.pdbx_PDB_id 
_struct_conn.ptnr1_label_asym_id 
_struct_conn.ptnr1_label_comp_id 
_struct_conn.ptnr1_label_seq_id 
_struct_conn.ptnr1_label_atom_id 
_struct_conn.pdbx_ptnr1_label_alt_id 
_struct_conn.pdbx_ptnr1_PDB_ins_code 
_struct_conn.pdbx_ptnr1_standard_comp_id 
_struct_conn.ptnr1_symmetry 
_struct_conn.ptnr2_label_asym_id 
_struct_conn.ptnr2_label_comp_id 
_struct_conn.ptnr2_label_seq_id 
_struct_conn.ptnr2_label_atom_id 
_struct_conn.pdbx_ptnr2_label_alt_id 
_struct_conn.pdbx_ptnr2_PDB_ins_code 
_struct_conn.ptnr1_auth_asym_id 
_struct_conn.ptnr1_auth_comp_id 
_struct_conn.ptnr1_auth_seq_id 
_struct_conn.ptnr2_auth_asym_id 
_struct_conn.ptnr2_auth_comp_id 
_struct_conn.ptnr2_auth_seq_id 
_struct_conn.ptnr2_symmetry 
_struct_conn.pdbx_ptnr3_label_atom_id 
_struct_conn.pdbx_ptnr3_label_seq_id 
_struct_conn.pdbx_ptnr3_label_comp_id 
_struct_conn.pdbx_ptnr3_label_asym_id 
_struct_conn.pdbx_ptnr3_label_alt_id 
_struct_conn.pdbx_ptnr3_PDB_ins_code 
_struct_conn.details 
_struct_conn.pdbx_dist_value 
_struct_conn.pdbx_value_order 
_struct_conn.pdbx_role 
metalc1 metalc ? ? A SER 1  O   ? ? ? 1_555 D NA  . NA  ? ? A SER 1   B NA  102 1_555 ? ? ? ? ? ? ? 2.917 ? ? 
metalc2 metalc ? ? A GLU 4  OE2 ? ? ? 1_555 D NA  . NA  ? ? A GLU 4   B NA  102 1_555 ? ? ? ? ? ? ? 1.759 ? ? 
metalc3 metalc ? ? A GLU 4  OE1 ? ? ? 1_555 D NA  . NA  ? ? A GLU 4   B NA  102 1_555 ? ? ? ? ? ? ? 2.641 ? ? 
metalc4 metalc ? ? A GLU 19 OE2 ? ? ? 5_565 C NA  . NA  ? ? A GLU 19  A NA  101 1_555 ? ? ? ? ? ? ? 2.563 ? ? 
metalc5 metalc ? ? C NA  .  NA  ? ? ? 1_555 B SER 1 O   ? ? A NA  101 B SER 1   1_555 ? ? ? ? ? ? ? 2.855 ? ? 
metalc6 metalc ? ? C NA  .  NA  ? ? ? 1_555 B GLU 4 OE2 ? ? A NA  101 B GLU 4   1_555 ? ? ? ? ? ? ? 2.054 ? ? 
metalc7 metalc ? ? C NA  .  NA  ? ? ? 1_555 B GLU 4 OE1 ? ? A NA  101 B GLU 4   1_555 ? ? ? ? ? ? ? 2.846 ? ? 
# 
_struct_conn_type.id          metalc 
_struct_conn_type.criteria    ? 
_struct_conn_type.reference   ? 
# 
loop_
_pdbx_struct_conn_angle.id 
_pdbx_struct_conn_angle.ptnr1_label_atom_id 
_pdbx_struct_conn_angle.ptnr1_label_alt_id 
_pdbx_struct_conn_angle.ptnr1_label_asym_id 
_pdbx_struct_conn_angle.ptnr1_label_comp_id 
_pdbx_struct_conn_angle.ptnr1_label_seq_id 
_pdbx_struct_conn_angle.ptnr1_auth_atom_id 
_pdbx_struct_conn_angle.ptnr1_auth_asym_id 
_pdbx_struct_conn_angle.ptnr1_auth_comp_id 
_pdbx_struct_conn_angle.ptnr1_auth_seq_id 
_pdbx_struct_conn_angle.ptnr1_PDB_ins_code 
_pdbx_struct_conn_angle.ptnr1_symmetry 
_pdbx_struct_conn_angle.ptnr2_label_atom_id 
_pdbx_struct_conn_angle.ptnr2_label_alt_id 
_pdbx_struct_conn_angle.ptnr2_label_asym_id 
_pdbx_struct_conn_angle.ptnr2_label_comp_id 
_pdbx_struct_conn_angle.ptnr2_label_seq_id 
_pdbx_struct_conn_angle.ptnr2_auth_atom_id 
_pdbx_struct_conn_angle.ptnr2_auth_asym_id 
_pdbx_struct_conn_angle.ptnr2_auth_comp_id 
_pdbx_struct_conn_angle.ptnr2_auth_seq_id 
_pdbx_struct_conn_angle.ptnr2_PDB_ins_code 
_pdbx_struct_conn_angle.ptnr2_symmetry 
_pdbx_struct_conn_angle.ptnr3_label_atom_id 
_pdbx_struct_conn_angle.ptnr3_label_alt_id 
_pdbx_struct_conn_angle.ptnr3_label_asym_id 
_pdbx_struct_conn_angle.ptnr3_label_comp_id 
_pdbx_struct_conn_angle.ptnr3_label_seq_id 
_pdbx_struct_conn_angle.ptnr3_auth_atom_id 
_pdbx_struct_conn_angle.ptnr3_auth_asym_id 
_pdbx_struct_conn_angle.ptnr3_auth_comp_id 
_pdbx_struct_conn_angle.ptnr3_auth_seq_id 
_pdbx_struct_conn_angle.ptnr3_PDB_ins_code 
_pdbx_struct_conn_angle.ptnr3_symmetry 
_pdbx_struct_conn_angle.value 
_pdbx_struct_conn_angle.value_esd 
1 O   ? A SER 1  ? A SER 1  ? 1_555 NA ? D NA . ? B NA 102 ? 1_555 OE2 ? A GLU 4 ? A GLU 4 ? 1_555 98.9  ? 
2 O   ? A SER 1  ? A SER 1  ? 1_555 NA ? D NA . ? B NA 102 ? 1_555 OE1 ? A GLU 4 ? A GLU 4 ? 1_555 80.1  ? 
3 OE2 ? A GLU 4  ? A GLU 4  ? 1_555 NA ? D NA . ? B NA 102 ? 1_555 OE1 ? A GLU 4 ? A GLU 4 ? 1_555 53.8  ? 
4 OE2 ? A GLU 19 ? A GLU 19 ? 5_565 NA ? C NA . ? A NA 101 ? 1_555 O   ? B SER 1 ? B SER 1 ? 1_555 141.6 ? 
5 OE2 ? A GLU 19 ? A GLU 19 ? 5_565 NA ? C NA . ? A NA 101 ? 1_555 OE2 ? B GLU 4 ? B GLU 4 ? 1_555 95.2  ? 
6 O   ? B SER 1  ? B SER 1  ? 1_555 NA ? C NA . ? A NA 101 ? 1_555 OE2 ? B GLU 4 ? B GLU 4 ? 1_555 88.4  ? 
7 OE2 ? A GLU 19 ? A GLU 19 ? 5_565 NA ? C NA . ? A NA 101 ? 1_555 OE1 ? B GLU 4 ? B GLU 4 ? 1_555 137.5 ? 
8 O   ? B SER 1  ? B SER 1  ? 1_555 NA ? C NA . ? A NA 101 ? 1_555 OE1 ? B GLU 4 ? B GLU 4 ? 1_555 69.9  ? 
9 OE2 ? B GLU 4  ? B GLU 4  ? 1_555 NA ? C NA . ? A NA 101 ? 1_555 OE1 ? B GLU 4 ? B GLU 4 ? 1_555 49.4  ? 
# 
loop_
_struct_site.id 
_struct_site.pdbx_evidence_code 
_struct_site.pdbx_auth_asym_id 
_struct_site.pdbx_auth_comp_id 
_struct_site.pdbx_auth_seq_id 
_struct_site.pdbx_auth_ins_code 
_struct_site.pdbx_num_residues 
_struct_site.details 
AC1 Software A NA 101 ? 5 'BINDING SITE FOR RESIDUE NA A 101' 
AC2 Software B NA 102 ? 5 'BINDING SITE FOR RESIDUE NA B 102' 
# 
loop_
_struct_site_gen.id 
_struct_site_gen.site_id 
_struct_site_gen.pdbx_num_res 
_struct_site_gen.label_comp_id 
_struct_site_gen.label_asym_id 
_struct_site_gen.label_seq_id 
_struct_site_gen.pdbx_auth_ins_code 
_struct_site_gen.auth_comp_id 
_struct_site_gen.auth_asym_id 
_struct_site_gen.auth_seq_id 
_struct_site_gen.label_atom_id 
_struct_site_gen.label_alt_id 
_struct_site_gen.symmetry 
_struct_site_gen.details 
1  AC1 5 ASN A 16 ? ASN A 16 . ? 5_565 ? 
2  AC1 5 GLU A 19 ? GLU A 19 . ? 5_565 ? 
3  AC1 5 SER B 1  ? SER B 1  . ? 1_555 ? 
4  AC1 5 GLU B 4  ? GLU B 4  . ? 1_555 ? 
5  AC1 5 ILE B 5  ? ILE B 5  . ? 1_555 ? 
6  AC2 5 SER A 1  ? SER A 1  . ? 1_555 ? 
7  AC2 5 GLU A 4  ? GLU A 4  . ? 1_555 ? 
8  AC2 5 ILE A 5  ? ILE A 5  . ? 1_555 ? 
9  AC2 5 ASN B 16 ? ASN B 16 . ? 6_554 ? 
10 AC2 5 GLU B 19 ? GLU B 19 . ? 6_554 ? 
# 
loop_
_pdbx_validate_rmsd_angle.id 
_pdbx_validate_rmsd_angle.PDB_model_num 
_pdbx_validate_rmsd_angle.auth_atom_id_1 
_pdbx_validate_rmsd_angle.auth_asym_id_1 
_pdbx_validate_rmsd_angle.auth_comp_id_1 
_pdbx_validate_rmsd_angle.auth_seq_id_1 
_pdbx_validate_rmsd_angle.PDB_ins_code_1 
_pdbx_validate_rmsd_angle.label_alt_id_1 
_pdbx_validate_rmsd_angle.auth_atom_id_2 
_pdbx_validate_rmsd_angle.auth_asym_id_2 
_pdbx_validate_rmsd_angle.auth_comp_id_2 
_pdbx_validate_rmsd_angle.auth_seq_id_2 
_pdbx_validate_rmsd_angle.PDB_ins_code_2 
_pdbx_validate_rmsd_angle.label_alt_id_2 
_pdbx_validate_rmsd_angle.auth_atom_id_3 
_pdbx_validate_rmsd_angle.auth_asym_id_3 
_pdbx_validate_rmsd_angle.auth_comp_id_3 
_pdbx_validate_rmsd_angle.auth_seq_id_3 
_pdbx_validate_rmsd_angle.PDB_ins_code_3 
_pdbx_validate_rmsd_angle.label_alt_id_3 
_pdbx_validate_rmsd_angle.angle_value 
_pdbx_validate_rmsd_angle.angle_target_value 
_pdbx_validate_rmsd_angle.angle_deviation 
_pdbx_validate_rmsd_angle.angle_standard_deviation 
_pdbx_validate_rmsd_angle.linker_flag 
1 1 N   A SER 1  ? ? CA A SER 1  ? ? CB  A SER 1  ? ? 96.99  110.50 -13.51 1.50 N 
2 1 OE1 A GLU 22 ? B CD A GLU 22 ? B OE2 A GLU 22 ? B 115.38 123.30 -7.92  1.20 N 
3 1 N   B SER 1  ? ? CA B SER 1  ? ? CB  B SER 1  ? ? 122.57 110.50 12.07  1.50 N 
4 1 NE  B ARG 20 ? ? CZ B ARG 20 ? ? NH2 B ARG 20 ? ? 116.43 120.30 -3.87  0.50 N 
5 1 OE1 B GLU 22 ? C CD B GLU 22 ? C OE2 B GLU 22 ? C 114.24 123.30 -9.06  1.20 N 
# 
loop_
_chem_comp_atom.comp_id 
_chem_comp_atom.atom_id 
_chem_comp_atom.type_symbol 
_chem_comp_atom.pdbx_aromatic_flag 
_chem_comp_atom.pdbx_stereo_config 
_chem_comp_atom.pdbx_ordinal 
ARG N    N  N N 1   
ARG CA   C  N S 2   
ARG C    C  N N 3   
ARG O    O  N N 4   
ARG CB   C  N N 5   
ARG CG   C  N N 6   
ARG CD   C  N N 7   
ARG NE   N  N N 8   
ARG CZ   C  N N 9   
ARG NH1  N  N N 10  
ARG NH2  N  N N 11  
ARG OXT  O  N N 12  
ARG H    H  N N 13  
ARG H2   H  N N 14  
ARG HA   H  N N 15  
ARG HB2  H  N N 16  
ARG HB3  H  N N 17  
ARG HG2  H  N N 18  
ARG HG3  H  N N 19  
ARG HD2  H  N N 20  
ARG HD3  H  N N 21  
ARG HE   H  N N 22  
ARG HH11 H  N N 23  
ARG HH12 H  N N 24  
ARG HH21 H  N N 25  
ARG HH22 H  N N 26  
ARG HXT  H  N N 27  
ASN N    N  N N 28  
ASN CA   C  N S 29  
ASN C    C  N N 30  
ASN O    O  N N 31  
ASN CB   C  N N 32  
ASN CG   C  N N 33  
ASN OD1  O  N N 34  
ASN ND2  N  N N 35  
ASN OXT  O  N N 36  
ASN H    H  N N 37  
ASN H2   H  N N 38  
ASN HA   H  N N 39  
ASN HB2  H  N N 40  
ASN HB3  H  N N 41  
ASN HD21 H  N N 42  
ASN HD22 H  N N 43  
ASN HXT  H  N N 44  
ASP N    N  N N 45  
ASP CA   C  N S 46  
ASP C    C  N N 47  
ASP O    O  N N 48  
ASP CB   C  N N 49  
ASP CG   C  N N 50  
ASP OD1  O  N N 51  
ASP OD2  O  N N 52  
ASP OXT  O  N N 53  
ASP H    H  N N 54  
ASP H2   H  N N 55  
ASP HA   H  N N 56  
ASP HB2  H  N N 57  
ASP HB3  H  N N 58  
ASP HD2  H  N N 59  
ASP HXT  H  N N 60  
GLN N    N  N N 61  
GLN CA   C  N S 62  
GLN C    C  N N 63  
GLN O    O  N N 64  
GLN CB   C  N N 65  
GLN CG   C  N N 66  
GLN CD   C  N N 67  
GLN OE1  O  N N 68  
GLN NE2  N  N N 69  
GLN OXT  O  N N 70  
GLN H    H  N N 71  
GLN H2   H  N N 72  
GLN HA   H  N N 73  
GLN HB2  H  N N 74  
GLN HB3  H  N N 75  
GLN HG2  H  N N 76  
GLN HG3  H  N N 77  
GLN HE21 H  N N 78  
GLN HE22 H  N N 79  
GLN HXT  H  N N 80  
GLU N    N  N N 81  
GLU CA   C  N S 82  
GLU C    C  N N 83  
GLU O    O  N N 84  
GLU CB   C  N N 85  
GLU CG   C  N N 86  
GLU CD   C  N N 87  
GLU OE1  O  N N 88  
GLU OE2  O  N N 89  
GLU OXT  O  N N 90  
GLU H    H  N N 91  
GLU H2   H  N N 92  
GLU HA   H  N N 93  
GLU HB2  H  N N 94  
GLU HB3  H  N N 95  
GLU HG2  H  N N 96  
GLU HG3  H  N N 97  
GLU HE2  H  N N 98  
GLU HXT  H  N N 99  
GLY N    N  N N 100 
GLY CA   C  N N 101 
GLY C    C  N N 102 
GLY O    O  N N 103 
GLY OXT  O  N N 104 
GLY H    H  N N 105 
GLY H2   H  N N 106 
GLY HA2  H  N N 107 
GLY HA3  H  N N 108 
GLY HXT  H  N N 109 
HIS N    N  N N 110 
HIS CA   C  N S 111 
HIS C    C  N N 112 
HIS O    O  N N 113 
HIS CB   C  N N 114 
HIS CG   C  Y N 115 
HIS ND1  N  Y N 116 
HIS CD2  C  Y N 117 
HIS CE1  C  Y N 118 
HIS NE2  N  Y N 119 
HIS OXT  O  N N 120 
HIS H    H  N N 121 
HIS H2   H  N N 122 
HIS HA   H  N N 123 
HIS HB2  H  N N 124 
HIS HB3  H  N N 125 
HIS HD1  H  N N 126 
HIS HD2  H  N N 127 
HIS HE1  H  N N 128 
HIS HE2  H  N N 129 
HIS HXT  H  N N 130 
HOH O    O  N N 131 
HOH H1   H  N N 132 
HOH H2   H  N N 133 
ILE N    N  N N 134 
ILE CA   C  N S 135 
ILE C    C  N N 136 
ILE O    O  N N 137 
ILE CB   C  N S 138 
ILE CG1  C  N N 139 
ILE CG2  C  N N 140 
ILE CD1  C  N N 141 
ILE OXT  O  N N 142 
ILE H    H  N N 143 
ILE H2   H  N N 144 
ILE HA   H  N N 145 
ILE HB   H  N N 146 
ILE HG12 H  N N 147 
ILE HG13 H  N N 148 
ILE HG21 H  N N 149 
ILE HG22 H  N N 150 
ILE HG23 H  N N 151 
ILE HD11 H  N N 152 
ILE HD12 H  N N 153 
ILE HD13 H  N N 154 
ILE HXT  H  N N 155 
LEU N    N  N N 156 
LEU CA   C  N S 157 
LEU C    C  N N 158 
LEU O    O  N N 159 
LEU CB   C  N N 160 
LEU CG   C  N N 161 
LEU CD1  C  N N 162 
LEU CD2  C  N N 163 
LEU OXT  O  N N 164 
LEU H    H  N N 165 
LEU H2   H  N N 166 
LEU HA   H  N N 167 
LEU HB2  H  N N 168 
LEU HB3  H  N N 169 
LEU HG   H  N N 170 
LEU HD11 H  N N 171 
LEU HD12 H  N N 172 
LEU HD13 H  N N 173 
LEU HD21 H  N N 174 
LEU HD22 H  N N 175 
LEU HD23 H  N N 176 
LEU HXT  H  N N 177 
LYS N    N  N N 178 
LYS CA   C  N S 179 
LYS C    C  N N 180 
LYS O    O  N N 181 
LYS CB   C  N N 182 
LYS CG   C  N N 183 
LYS CD   C  N N 184 
LYS CE   C  N N 185 
LYS NZ   N  N N 186 
LYS OXT  O  N N 187 
LYS H    H  N N 188 
LYS H2   H  N N 189 
LYS HA   H  N N 190 
LYS HB2  H  N N 191 
LYS HB3  H  N N 192 
LYS HG2  H  N N 193 
LYS HG3  H  N N 194 
LYS HD2  H  N N 195 
LYS HD3  H  N N 196 
LYS HE2  H  N N 197 
LYS HE3  H  N N 198 
LYS HZ1  H  N N 199 
LYS HZ2  H  N N 200 
LYS HZ3  H  N N 201 
LYS HXT  H  N N 202 
MET N    N  N N 203 
MET CA   C  N S 204 
MET C    C  N N 205 
MET O    O  N N 206 
MET CB   C  N N 207 
MET CG   C  N N 208 
MET SD   S  N N 209 
MET CE   C  N N 210 
MET OXT  O  N N 211 
MET H    H  N N 212 
MET H2   H  N N 213 
MET HA   H  N N 214 
MET HB2  H  N N 215 
MET HB3  H  N N 216 
MET HG2  H  N N 217 
MET HG3  H  N N 218 
MET HE1  H  N N 219 
MET HE2  H  N N 220 
MET HE3  H  N N 221 
MET HXT  H  N N 222 
NA  NA   NA N N 223 
PHE N    N  N N 224 
PHE CA   C  N S 225 
PHE C    C  N N 226 
PHE O    O  N N 227 
PHE CB   C  N N 228 
PHE CG   C  Y N 229 
PHE CD1  C  Y N 230 
PHE CD2  C  Y N 231 
PHE CE1  C  Y N 232 
PHE CE2  C  Y N 233 
PHE CZ   C  Y N 234 
PHE OXT  O  N N 235 
PHE H    H  N N 236 
PHE H2   H  N N 237 
PHE HA   H  N N 238 
PHE HB2  H  N N 239 
PHE HB3  H  N N 240 
PHE HD1  H  N N 241 
PHE HD2  H  N N 242 
PHE HE1  H  N N 243 
PHE HE2  H  N N 244 
PHE HZ   H  N N 245 
PHE HXT  H  N N 246 
SER N    N  N N 247 
SER CA   C  N S 248 
SER C    C  N N 249 
SER O    O  N N 250 
SER CB   C  N N 251 
SER OG   O  N N 252 
SER OXT  O  N N 253 
SER H    H  N N 254 
SER H2   H  N N 255 
SER HA   H  N N 256 
SER HB2  H  N N 257 
SER HB3  H  N N 258 
SER HG   H  N N 259 
SER HXT  H  N N 260 
TRP N    N  N N 261 
TRP CA   C  N S 262 
TRP C    C  N N 263 
TRP O    O  N N 264 
TRP CB   C  N N 265 
TRP CG   C  Y N 266 
TRP CD1  C  Y N 267 
TRP CD2  C  Y N 268 
TRP NE1  N  Y N 269 
TRP CE2  C  Y N 270 
TRP CE3  C  Y N 271 
TRP CZ2  C  Y N 272 
TRP CZ3  C  Y N 273 
TRP CH2  C  Y N 274 
TRP OXT  O  N N 275 
TRP H    H  N N 276 
TRP H2   H  N N 277 
TRP HA   H  N N 278 
TRP HB2  H  N N 279 
TRP HB3  H  N N 280 
TRP HD1  H  N N 281 
TRP HE1  H  N N 282 
TRP HE3  H  N N 283 
TRP HZ2  H  N N 284 
TRP HZ3  H  N N 285 
TRP HH2  H  N N 286 
TRP HXT  H  N N 287 
VAL N    N  N N 288 
VAL CA   C  N S 289 
VAL C    C  N N 290 
VAL O    O  N N 291 
VAL CB   C  N N 292 
VAL CG1  C  N N 293 
VAL CG2  C  N N 294 
VAL OXT  O  N N 295 
VAL H    H  N N 296 
VAL H2   H  N N 297 
VAL HA   H  N N 298 
VAL HB   H  N N 299 
VAL HG11 H  N N 300 
VAL HG12 H  N N 301 
VAL HG13 H  N N 302 
VAL HG21 H  N N 303 
VAL HG22 H  N N 304 
VAL HG23 H  N N 305 
VAL HXT  H  N N 306 
# 
loop_
_chem_comp_bond.comp_id 
_chem_comp_bond.atom_id_1 
_chem_comp_bond.atom_id_2 
_chem_comp_bond.value_order 
_chem_comp_bond.pdbx_aromatic_flag 
_chem_comp_bond.pdbx_stereo_config 
_chem_comp_bond.pdbx_ordinal 
ARG N   CA   sing N N 1   
ARG N   H    sing N N 2   
ARG N   H2   sing N N 3   
ARG CA  C    sing N N 4   
ARG CA  CB   sing N N 5   
ARG CA  HA   sing N N 6   
ARG C   O    doub N N 7   
ARG C   OXT  sing N N 8   
ARG CB  CG   sing N N 9   
ARG CB  HB2  sing N N 10  
ARG CB  HB3  sing N N 11  
ARG CG  CD   sing N N 12  
ARG CG  HG2  sing N N 13  
ARG CG  HG3  sing N N 14  
ARG CD  NE   sing N N 15  
ARG CD  HD2  sing N N 16  
ARG CD  HD3  sing N N 17  
ARG NE  CZ   sing N N 18  
ARG NE  HE   sing N N 19  
ARG CZ  NH1  sing N N 20  
ARG CZ  NH2  doub N N 21  
ARG NH1 HH11 sing N N 22  
ARG NH1 HH12 sing N N 23  
ARG NH2 HH21 sing N N 24  
ARG NH2 HH22 sing N N 25  
ARG OXT HXT  sing N N 26  
ASN N   CA   sing N N 27  
ASN N   H    sing N N 28  
ASN N   H2   sing N N 29  
ASN CA  C    sing N N 30  
ASN CA  CB   sing N N 31  
ASN CA  HA   sing N N 32  
ASN C   O    doub N N 33  
ASN C   OXT  sing N N 34  
ASN CB  CG   sing N N 35  
ASN CB  HB2  sing N N 36  
ASN CB  HB3  sing N N 37  
ASN CG  OD1  doub N N 38  
ASN CG  ND2  sing N N 39  
ASN ND2 HD21 sing N N 40  
ASN ND2 HD22 sing N N 41  
ASN OXT HXT  sing N N 42  
ASP N   CA   sing N N 43  
ASP N   H    sing N N 44  
ASP N   H2   sing N N 45  
ASP CA  C    sing N N 46  
ASP CA  CB   sing N N 47  
ASP CA  HA   sing N N 48  
ASP C   O    doub N N 49  
ASP C   OXT  sing N N 50  
ASP CB  CG   sing N N 51  
ASP CB  HB2  sing N N 52  
ASP CB  HB3  sing N N 53  
ASP CG  OD1  doub N N 54  
ASP CG  OD2  sing N N 55  
ASP OD2 HD2  sing N N 56  
ASP OXT HXT  sing N N 57  
GLN N   CA   sing N N 58  
GLN N   H    sing N N 59  
GLN N   H2   sing N N 60  
GLN CA  C    sing N N 61  
GLN CA  CB   sing N N 62  
GLN CA  HA   sing N N 63  
GLN C   O    doub N N 64  
GLN C   OXT  sing N N 65  
GLN CB  CG   sing N N 66  
GLN CB  HB2  sing N N 67  
GLN CB  HB3  sing N N 68  
GLN CG  CD   sing N N 69  
GLN CG  HG2  sing N N 70  
GLN CG  HG3  sing N N 71  
GLN CD  OE1  doub N N 72  
GLN CD  NE2  sing N N 73  
GLN NE2 HE21 sing N N 74  
GLN NE2 HE22 sing N N 75  
GLN OXT HXT  sing N N 76  
GLU N   CA   sing N N 77  
GLU N   H    sing N N 78  
GLU N   H2   sing N N 79  
GLU CA  C    sing N N 80  
GLU CA  CB   sing N N 81  
GLU CA  HA   sing N N 82  
GLU C   O    doub N N 83  
GLU C   OXT  sing N N 84  
GLU CB  CG   sing N N 85  
GLU CB  HB2  sing N N 86  
GLU CB  HB3  sing N N 87  
GLU CG  CD   sing N N 88  
GLU CG  HG2  sing N N 89  
GLU CG  HG3  sing N N 90  
GLU CD  OE1  doub N N 91  
GLU CD  OE2  sing N N 92  
GLU OE2 HE2  sing N N 93  
GLU OXT HXT  sing N N 94  
GLY N   CA   sing N N 95  
GLY N   H    sing N N 96  
GLY N   H2   sing N N 97  
GLY CA  C    sing N N 98  
GLY CA  HA2  sing N N 99  
GLY CA  HA3  sing N N 100 
GLY C   O    doub N N 101 
GLY C   OXT  sing N N 102 
GLY OXT HXT  sing N N 103 
HIS N   CA   sing N N 104 
HIS N   H    sing N N 105 
HIS N   H2   sing N N 106 
HIS CA  C    sing N N 107 
HIS CA  CB   sing N N 108 
HIS CA  HA   sing N N 109 
HIS C   O    doub N N 110 
HIS C   OXT  sing N N 111 
HIS CB  CG   sing N N 112 
HIS CB  HB2  sing N N 113 
HIS CB  HB3  sing N N 114 
HIS CG  ND1  sing Y N 115 
HIS CG  CD2  doub Y N 116 
HIS ND1 CE1  doub Y N 117 
HIS ND1 HD1  sing N N 118 
HIS CD2 NE2  sing Y N 119 
HIS CD2 HD2  sing N N 120 
HIS CE1 NE2  sing Y N 121 
HIS CE1 HE1  sing N N 122 
HIS NE2 HE2  sing N N 123 
HIS OXT HXT  sing N N 124 
HOH O   H1   sing N N 125 
HOH O   H2   sing N N 126 
ILE N   CA   sing N N 127 
ILE N   H    sing N N 128 
ILE N   H2   sing N N 129 
ILE CA  C    sing N N 130 
ILE CA  CB   sing N N 131 
ILE CA  HA   sing N N 132 
ILE C   O    doub N N 133 
ILE C   OXT  sing N N 134 
ILE CB  CG1  sing N N 135 
ILE CB  CG2  sing N N 136 
ILE CB  HB   sing N N 137 
ILE CG1 CD1  sing N N 138 
ILE CG1 HG12 sing N N 139 
ILE CG1 HG13 sing N N 140 
ILE CG2 HG21 sing N N 141 
ILE CG2 HG22 sing N N 142 
ILE CG2 HG23 sing N N 143 
ILE CD1 HD11 sing N N 144 
ILE CD1 HD12 sing N N 145 
ILE CD1 HD13 sing N N 146 
ILE OXT HXT  sing N N 147 
LEU N   CA   sing N N 148 
LEU N   H    sing N N 149 
LEU N   H2   sing N N 150 
LEU CA  C    sing N N 151 
LEU CA  CB   sing N N 152 
LEU CA  HA   sing N N 153 
LEU C   O    doub N N 154 
LEU C   OXT  sing N N 155 
LEU CB  CG   sing N N 156 
LEU CB  HB2  sing N N 157 
LEU CB  HB3  sing N N 158 
LEU CG  CD1  sing N N 159 
LEU CG  CD2  sing N N 160 
LEU CG  HG   sing N N 161 
LEU CD1 HD11 sing N N 162 
LEU CD1 HD12 sing N N 163 
LEU CD1 HD13 sing N N 164 
LEU CD2 HD21 sing N N 165 
LEU CD2 HD22 sing N N 166 
LEU CD2 HD23 sing N N 167 
LEU OXT HXT  sing N N 168 
LYS N   CA   sing N N 169 
LYS N   H    sing N N 170 
LYS N   H2   sing N N 171 
LYS CA  C    sing N N 172 
LYS CA  CB   sing N N 173 
LYS CA  HA   sing N N 174 
LYS C   O    doub N N 175 
LYS C   OXT  sing N N 176 
LYS CB  CG   sing N N 177 
LYS CB  HB2  sing N N 178 
LYS CB  HB3  sing N N 179 
LYS CG  CD   sing N N 180 
LYS CG  HG2  sing N N 181 
LYS CG  HG3  sing N N 182 
LYS CD  CE   sing N N 183 
LYS CD  HD2  sing N N 184 
LYS CD  HD3  sing N N 185 
LYS CE  NZ   sing N N 186 
LYS CE  HE2  sing N N 187 
LYS CE  HE3  sing N N 188 
LYS NZ  HZ1  sing N N 189 
LYS NZ  HZ2  sing N N 190 
LYS NZ  HZ3  sing N N 191 
LYS OXT HXT  sing N N 192 
MET N   CA   sing N N 193 
MET N   H    sing N N 194 
MET N   H2   sing N N 195 
MET CA  C    sing N N 196 
MET CA  CB   sing N N 197 
MET CA  HA   sing N N 198 
MET C   O    doub N N 199 
MET C   OXT  sing N N 200 
MET CB  CG   sing N N 201 
MET CB  HB2  sing N N 202 
MET CB  HB3  sing N N 203 
MET CG  SD   sing N N 204 
MET CG  HG2  sing N N 205 
MET CG  HG3  sing N N 206 
MET SD  CE   sing N N 207 
MET CE  HE1  sing N N 208 
MET CE  HE2  sing N N 209 
MET CE  HE3  sing N N 210 
MET OXT HXT  sing N N 211 
PHE N   CA   sing N N 212 
PHE N   H    sing N N 213 
PHE N   H2   sing N N 214 
PHE CA  C    sing N N 215 
PHE CA  CB   sing N N 216 
PHE CA  HA   sing N N 217 
PHE C   O    doub N N 218 
PHE C   OXT  sing N N 219 
PHE CB  CG   sing N N 220 
PHE CB  HB2  sing N N 221 
PHE CB  HB3  sing N N 222 
PHE CG  CD1  doub Y N 223 
PHE CG  CD2  sing Y N 224 
PHE CD1 CE1  sing Y N 225 
PHE CD1 HD1  sing N N 226 
PHE CD2 CE2  doub Y N 227 
PHE CD2 HD2  sing N N 228 
PHE CE1 CZ   doub Y N 229 
PHE CE1 HE1  sing N N 230 
PHE CE2 CZ   sing Y N 231 
PHE CE2 HE2  sing N N 232 
PHE CZ  HZ   sing N N 233 
PHE OXT HXT  sing N N 234 
SER N   CA   sing N N 235 
SER N   H    sing N N 236 
SER N   H2   sing N N 237 
SER CA  C    sing N N 238 
SER CA  CB   sing N N 239 
SER CA  HA   sing N N 240 
SER C   O    doub N N 241 
SER C   OXT  sing N N 242 
SER CB  OG   sing N N 243 
SER CB  HB2  sing N N 244 
SER CB  HB3  sing N N 245 
SER OG  HG   sing N N 246 
SER OXT HXT  sing N N 247 
TRP N   CA   sing N N 248 
TRP N   H    sing N N 249 
TRP N   H2   sing N N 250 
TRP CA  C    sing N N 251 
TRP CA  CB   sing N N 252 
TRP CA  HA   sing N N 253 
TRP C   O    doub N N 254 
TRP C   OXT  sing N N 255 
TRP CB  CG   sing N N 256 
TRP CB  HB2  sing N N 257 
TRP CB  HB3  sing N N 258 
TRP CG  CD1  doub Y N 259 
TRP CG  CD2  sing Y N 260 
TRP CD1 NE1  sing Y N 261 
TRP CD1 HD1  sing N N 262 
TRP CD2 CE2  doub Y N 263 
TRP CD2 CE3  sing Y N 264 
TRP NE1 CE2  sing Y N 265 
TRP NE1 HE1  sing N N 266 
TRP CE2 CZ2  sing Y N 267 
TRP CE3 CZ3  doub Y N 268 
TRP CE3 HE3  sing N N 269 
TRP CZ2 CH2  doub Y N 270 
TRP CZ2 HZ2  sing N N 271 
TRP CZ3 CH2  sing Y N 272 
TRP CZ3 HZ3  sing N N 273 
TRP CH2 HH2  sing N N 274 
TRP OXT HXT  sing N N 275 
VAL N   CA   sing N N 276 
VAL N   H    sing N N 277 
VAL N   H2   sing N N 278 
VAL CA  C    sing N N 279 
VAL CA  CB   sing N N 280 
VAL CA  HA   sing N N 281 
VAL C   O    doub N N 282 
VAL C   OXT  sing N N 283 
VAL CB  CG1  sing N N 284 
VAL CB  CG2  sing N N 285 
VAL CB  HB   sing N N 286 
VAL CG1 HG11 sing N N 287 
VAL CG1 HG12 sing N N 288 
VAL CG1 HG13 sing N N 289 
VAL CG2 HG21 sing N N 290 
VAL CG2 HG22 sing N N 291 
VAL CG2 HG23 sing N N 292 
VAL OXT HXT  sing N N 293 
# 
_atom_sites.entry_id                    1ET1 
_atom_sites.fract_transf_matrix[1][1]   0.02863729 
_atom_sites.fract_transf_matrix[1][2]   -0.00295780 
_atom_sites.fract_transf_matrix[1][3]   0.02520550 
_atom_sites.fract_transf_matrix[2][1]   0.02311138 
_atom_sites.fract_transf_matrix[2][2]   -0.03048559 
_atom_sites.fract_transf_matrix[2][3]   -0.00079152 
_atom_sites.fract_transf_matrix[3][1]   0.00550406 
_atom_sites.fract_transf_matrix[3][2]   0.00432187 
_atom_sites.fract_transf_matrix[3][3]   -0.00574629 
_atom_sites.fract_transf_vector[1]      0.250216 
_atom_sites.fract_transf_vector[2]      0.749655 
_atom_sites.fract_transf_vector[3]      0.083923 
# 
loop_
_atom_type.symbol 
C  
N  
NA 
O  
S  
# 
loop_
_atom_site.group_PDB 
_atom_site.id 
_atom_site.type_symbol 
_atom_site.label_atom_id 
_atom_site.label_alt_id 
_atom_site.label_comp_id 
_atom_site.label_asym_id 
_atom_site.label_entity_id 
_atom_site.label_seq_id 
_atom_site.pdbx_PDB_ins_code 
_atom_site.Cartn_x 
_atom_site.Cartn_y 
_atom_site.Cartn_z 
_atom_site.occupancy 
_atom_site.B_iso_or_equiv 
_atom_site.pdbx_formal_charge 
_atom_site.auth_seq_id 
_atom_site.auth_comp_id 
_atom_site.auth_asym_id 
_atom_site.auth_atom_id 
_atom_site.pdbx_PDB_model_num 
ATOM   1   N  N   . SER A 1 1  ? -21.712 2.732   -11.161 1.00 48.92 ? 1   SER A N   1 
ATOM   2   C  CA  . SER A 1 1  ? -21.221 1.369   -11.434 1.00 19.66 ? 1   SER A CA  1 
ATOM   3   C  C   . SER A 1 1  ? -20.326 0.778   -10.442 1.00 14.62 ? 1   SER A C   1 
ATOM   4   O  O   . SER A 1 1  ? -20.517 0.938   -9.223  1.00 33.19 ? 1   SER A O   1 
ATOM   5   C  CB  . SER A 1 1  ? -20.516 1.685   -12.751 1.00 18.83 ? 1   SER A CB  1 
ATOM   6   O  OG  . SER A 1 1  ? -19.634 0.713   -13.205 1.00 52.13 ? 1   SER A OG  1 
ATOM   7   N  N   . VAL A 1 2  ? -19.302 0.042   -10.833 1.00 12.86 ? 2   VAL A N   1 
ATOM   8   C  CA  . VAL A 1 2  ? -18.649 -0.645  -9.728  1.00 16.74 ? 2   VAL A CA  1 
ATOM   9   C  C   . VAL A 1 2  ? -17.210 -0.188  -9.610  1.00 13.63 ? 2   VAL A C   1 
ATOM   10  O  O   . VAL A 1 2  ? -16.443 -0.782  -8.850  1.00 15.02 ? 2   VAL A O   1 
ATOM   11  C  CB  . VAL A 1 2  ? -18.772 -2.177  -9.871  1.00 26.28 ? 2   VAL A CB  1 
ATOM   12  C  CG1 . VAL A 1 2  ? -20.222 -2.582  -9.636  1.00 38.19 ? 2   VAL A CG1 1 
ATOM   13  C  CG2 . VAL A 1 2  ? -18.211 -2.594  -11.208 1.00 26.96 ? 2   VAL A CG2 1 
ATOM   14  N  N   . SER A 1 3  ? -16.790 0.847   -10.366 1.00 14.02 ? 3   SER A N   1 
ATOM   15  C  CA  . SER A 1 3  ? -15.414 1.283   -10.277 1.00 12.61 ? 3   SER A CA  1 
ATOM   16  C  C   . SER A 1 3  ? -14.978 1.586   -8.866  1.00 11.03 ? 3   SER A C   1 
ATOM   17  O  O   . SER A 1 3  ? -13.867 1.265   -8.460  1.00 12.75 ? 3   SER A O   1 
ATOM   18  C  CB  A SER A 1 3  ? -15.214 2.614   -11.017 0.47 12.46 ? 3   SER A CB  1 
ATOM   19  C  CB  B SER A 1 3  ? -15.207 2.493   -11.197 0.53 15.04 ? 3   SER A CB  1 
ATOM   20  O  OG  A SER A 1 3  ? -15.423 2.475   -12.397 0.47 12.11 ? 3   SER A OG  1 
ATOM   21  O  OG  B SER A 1 3  ? -16.056 3.554   -10.826 0.53 20.63 ? 3   SER A OG  1 
ATOM   22  N  N   . GLU A 1 4  ? -15.859 2.230   -8.091  1.00 9.38  ? 4   GLU A N   1 
ATOM   23  C  CA  . GLU A 1 4  ? -15.441 2.574   -6.732  1.00 9.07  ? 4   GLU A CA  1 
ATOM   24  C  C   . GLU A 1 4  ? -15.374 1.387   -5.785  1.00 8.10  ? 4   GLU A C   1 
ATOM   25  O  O   . GLU A 1 4  ? -14.595 1.415   -4.832  1.00 7.82  ? 4   GLU A O   1 
ATOM   26  C  CB  . GLU A 1 4  ? -16.352 3.622   -6.106  1.00 11.75 ? 4   GLU A CB  1 
ATOM   27  C  CG  . GLU A 1 4  ? -17.776 3.268   -5.899  1.00 9.96  ? 4   GLU A CG  1 
ATOM   28  C  CD  . GLU A 1 4  ? -18.731 3.467   -7.061  1.00 10.68 ? 4   GLU A CD  1 
ATOM   29  O  OE1 . GLU A 1 4  ? -18.334 3.588   -8.200  1.00 13.94 ? 4   GLU A OE1 1 
ATOM   30  O  OE2 . GLU A 1 4  ? -19.929 3.553   -6.772  1.00 10.92 ? 4   GLU A OE2 1 
ATOM   31  N  N   . ILE A 1 5  ? -16.169 0.326   -6.108  1.00 10.71 ? 5   ILE A N   1 
ATOM   32  C  CA  . ILE A 1 5  ? -16.092 -0.915  -5.358  1.00 10.39 ? 5   ILE A CA  1 
ATOM   33  C  C   . ILE A 1 5  ? -14.771 -1.629  -5.654  1.00 9.14  ? 5   ILE A C   1 
ATOM   34  O  O   . ILE A 1 5  ? -14.095 -2.093  -4.709  1.00 9.60  ? 5   ILE A O   1 
ATOM   35  C  CB  . ILE A 1 5  ? -17.260 -1.854  -5.675  1.00 9.37  ? 5   ILE A CB  1 
ATOM   36  C  CG1 . ILE A 1 5  ? -18.578 -1.196  -5.377  1.00 11.81 ? 5   ILE A CG1 1 
ATOM   37  C  CG2 . ILE A 1 5  ? -17.093 -3.144  -4.880  1.00 15.31 ? 5   ILE A CG2 1 
ATOM   38  C  CD1 . ILE A 1 5  ? -19.792 -1.988  -5.802  1.00 19.35 ? 5   ILE A CD1 1 
ATOM   39  N  N   . GLN A 1 6  ? -14.412 -1.703  -6.937  1.00 9.96  ? 6   GLN A N   1 
ATOM   40  C  CA  . GLN A 1 6  ? -13.163 -2.311  -7.381  1.00 10.45 ? 6   GLN A CA  1 
ATOM   41  C  C   . GLN A 1 6  ? -11.996 -1.563  -6.702  1.00 8.52  ? 6   GLN A C   1 
ATOM   42  O  O   . GLN A 1 6  ? -11.056 -2.185  -6.221  1.00 8.74  ? 6   GLN A O   1 
ATOM   43  C  CB  . GLN A 1 6  ? -12.989 -2.359  -8.894  1.00 14.26 ? 6   GLN A CB  1 
ATOM   44  C  CG  . GLN A 1 6  ? -11.816 -3.155  -9.448  1.00 18.40 ? 6   GLN A CG  1 
ATOM   45  C  CD  . GLN A 1 6  ? -11.848 -4.645  -9.604  1.00 23.40 ? 6   GLN A CD  1 
ATOM   46  O  OE1 . GLN A 1 6  ? -12.612 -5.258  -10.363 1.00 31.91 ? 6   GLN A OE1 1 
ATOM   47  N  NE2 . GLN A 1 6  ? -10.962 -5.437  -8.966  1.00 29.53 ? 6   GLN A NE2 1 
ATOM   48  N  N   . LEU A 1 7  ? -12.101 -0.214  -6.711  1.00 8.40  ? 7   LEU A N   1 
ATOM   49  C  CA  . LEU A 1 7  ? -10.987 0.558   -6.151  1.00 7.78  ? 7   LEU A CA  1 
ATOM   50  C  C   . LEU A 1 7  ? -10.854 0.255   -4.673  1.00 6.56  ? 7   LEU A C   1 
ATOM   51  O  O   . LEU A 1 7  ? -9.732  0.051   -4.156  1.00 7.33  ? 7   LEU A O   1 
ATOM   52  C  CB  A LEU A 1 7  ? -11.218 2.064   -6.307  0.47 8.38  ? 7   LEU A CB  1 
ATOM   53  C  CB  B LEU A 1 7  ? -11.190 2.029   -6.494  0.53 8.06  ? 7   LEU A CB  1 
ATOM   54  C  CG  A LEU A 1 7  ? -10.909 2.689   -7.645  0.47 7.72  ? 7   LEU A CG  1 
ATOM   55  C  CG  B LEU A 1 7  ? -9.952  2.819   -6.096  0.53 5.63  ? 7   LEU A CG  1 
ATOM   56  C  CD1 A LEU A 1 7  ? -11.652 4.025   -7.879  0.47 9.07  ? 7   LEU A CD1 1 
ATOM   57  C  CD1 B LEU A 1 7  ? -9.729  3.943   -7.110  0.53 10.74 ? 7   LEU A CD1 1 
ATOM   58  C  CD2 A LEU A 1 7  ? -9.398  2.852   -7.786  0.47 13.85 ? 7   LEU A CD2 1 
ATOM   59  C  CD2 B LEU A 1 7  ? -10.048 3.410   -4.700  0.53 8.02  ? 7   LEU A CD2 1 
ATOM   60  N  N   . MET A 1 8  ? -11.966 0.241   -3.921  1.00 7.17  ? 8   MET A N   1 
ATOM   61  C  CA  . MET A 1 8  ? -11.901 -0.053  -2.495  1.00 6.83  ? 8   MET A CA  1 
ATOM   62  C  C   . MET A 1 8  ? -11.411 -1.467  -2.236  1.00 6.05  ? 8   MET A C   1 
ATOM   63  O  O   . MET A 1 8  ? -10.670 -1.683  -1.261  1.00 5.74  ? 8   MET A O   1 
ATOM   64  C  CB  . MET A 1 8  ? -13.215 0.244   -1.785  1.00 8.84  ? 8   MET A CB  1 
ATOM   65  C  CG  . MET A 1 8  ? -13.528 1.744   -1.665  1.00 10.07 ? 8   MET A CG  1 
ATOM   66  S  SD  . MET A 1 8  ? -12.303 2.718   -0.786  1.00 13.74 ? 8   MET A SD  1 
ATOM   67  C  CE  . MET A 1 8  ? -12.237 1.827   0.731   1.00 19.20 ? 8   MET A CE  1 
ATOM   68  N  N   . HIS A 1 9  ? -11.786 -2.454  -3.053  1.00 6.20  ? 9   HIS A N   1 
ATOM   69  C  CA  . HIS A 1 9  ? -11.290 -3.803  -2.897  1.00 6.88  ? 9   HIS A CA  1 
ATOM   70  C  C   . HIS A 1 9  ? -9.757  -3.834  -3.080  1.00 6.17  ? 9   HIS A C   1 
ATOM   71  O  O   . HIS A 1 9  ? -9.029  -4.393  -2.271  1.00 7.09  ? 9   HIS A O   1 
ATOM   72  C  CB  . HIS A 1 9  ? -11.955 -4.747  -3.858  1.00 8.25  ? 9   HIS A CB  1 
ATOM   73  C  CG  . HIS A 1 9  ? -13.387 -5.036  -3.452  1.00 8.38  ? 9   HIS A CG  1 
ATOM   74  N  ND1 . HIS A 1 9  ? -14.171 -5.906  -4.162  1.00 12.59 ? 9   HIS A ND1 1 
ATOM   75  C  CD2 . HIS A 1 9  ? -14.197 -4.655  -2.408  1.00 9.61  ? 9   HIS A CD2 1 
ATOM   76  C  CE1 . HIS A 1 9  ? -15.362 -6.049  -3.617  1.00 11.79 ? 9   HIS A CE1 1 
ATOM   77  N  NE2 . HIS A 1 9  ? -15.403 -5.296  -2.553  1.00 10.74 ? 9   HIS A NE2 1 
ATOM   78  N  N   . ASN A 1 10 ? -9.281  -3.197  -4.156  1.00 6.08  ? 10  ASN A N   1 
ATOM   79  C  CA  . ASN A 1 10 ? -7.844  -3.174  -4.403  1.00 6.54  ? 10  ASN A CA  1 
ATOM   80  C  C   . ASN A 1 10 ? -7.108  -2.468  -3.291  1.00 5.29  ? 10  ASN A C   1 
ATOM   81  O  O   . ASN A 1 10 ? -6.029  -2.902  -2.854  1.00 6.13  ? 10  ASN A O   1 
ATOM   82  C  CB  . ASN A 1 10 ? -7.571  -2.525  -5.756  1.00 8.46  ? 10  ASN A CB  1 
ATOM   83  C  CG  . ASN A 1 10 ? -8.041  -3.322  -6.943  1.00 13.28 ? 10  ASN A CG  1 
ATOM   84  O  OD1 . ASN A 1 10 ? -8.162  -2.783  -8.072  1.00 24.65 ? 10  ASN A OD1 1 
ATOM   85  N  ND2 . ASN A 1 10 ? -8.278  -4.588  -6.859  1.00 14.49 ? 10  ASN A ND2 1 
ATOM   86  N  N   . LEU A 1 11 ? -7.676  -1.342  -2.831  1.00 5.57  ? 11  LEU A N   1 
ATOM   87  C  CA  . LEU A 1 11 ? -7.059  -0.598  -1.740  1.00 4.92  ? 11  LEU A CA  1 
ATOM   88  C  C   . LEU A 1 11 ? -6.953  -1.448  -0.484  1.00 4.61  ? 11  LEU A C   1 
ATOM   89  O  O   . LEU A 1 11 ? -5.911  -1.446  0.205   1.00 5.24  ? 11  LEU A O   1 
ATOM   90  C  CB  . LEU A 1 11 ? -7.809  0.700   -1.527  1.00 5.62  ? 11  LEU A CB  1 
ATOM   91  C  CG  . LEU A 1 11 ? -7.318  1.574   -0.367  1.00 6.18  ? 11  LEU A CG  1 
ATOM   92  C  CD1 . LEU A 1 11 ? -5.873  1.937   -0.477  1.00 7.27  ? 11  LEU A CD1 1 
ATOM   93  C  CD2 . LEU A 1 11 ? -8.187  2.826   -0.293  1.00 8.26  ? 11  LEU A CD2 1 
ATOM   94  N  N   . GLY A 1 12 ? -8.009  -2.175  -0.166  1.00 5.40  ? 12  GLY A N   1 
ATOM   95  C  CA  . GLY A 1 12 ? -7.950  -3.001  1.047   1.00 5.45  ? 12  GLY A CA  1 
ATOM   96  C  C   . GLY A 1 12 ? -6.891  -4.096  0.913   1.00 5.19  ? 12  GLY A C   1 
ATOM   97  O  O   . GLY A 1 12 ? -6.211  -4.413  1.888   1.00 5.70  ? 12  GLY A O   1 
ATOM   98  N  N   . LYS A 1 13 ? -6.776  -4.667  -0.277  1.00 5.31  ? 13  LYS A N   1 
ATOM   99  C  CA  . LYS A 1 13 ? -5.743  -5.668  -0.505  1.00 6.45  ? 13  LYS A CA  1 
ATOM   100 C  C   . LYS A 1 13 ? -4.363  -5.056  -0.317  1.00 6.43  ? 13  LYS A C   1 
ATOM   101 O  O   . LYS A 1 13 ? -3.463  -5.661  0.307   1.00 7.65  ? 13  LYS A O   1 
ATOM   102 C  CB  . LYS A 1 13 ? -5.938  -6.305  -1.890  1.00 7.77  ? 13  LYS A CB  1 
ATOM   103 C  CG  . LYS A 1 13 ? -7.189  -7.201  -1.912  1.00 9.57  ? 13  LYS A CG  1 
ATOM   104 C  CD  . LYS A 1 13 ? -7.518  -7.656  -3.337  1.00 10.68 ? 13  LYS A CD  1 
ATOM   105 C  CE  . LYS A 1 13 ? -8.755  -8.557  -3.384  1.00 10.57 ? 13  LYS A CE  1 
ATOM   106 N  NZ  . LYS A 1 13 ? -9.174  -8.854  -4.752  1.00 13.19 ? 13  LYS A NZ  1 
ATOM   107 N  N   . HIS A 1 14 ? -4.128  -3.852  -0.868  1.00 5.99  ? 14  HIS A N   1 
ATOM   108 C  CA  . HIS A 1 14 ? -2.833  -3.208  -0.692  1.00 6.62  ? 14  HIS A CA  1 
ATOM   109 C  C   . HIS A 1 14 ? -2.560  -2.846  0.762   1.00 5.55  ? 14  HIS A C   1 
ATOM   110 O  O   . HIS A 1 14 ? -1.404  -2.978  1.222   1.00 6.38  ? 14  HIS A O   1 
ATOM   111 C  CB  A HIS A 1 14 ? -2.731  -1.917  -1.490  0.47 7.34  ? 14  HIS A CB  1 
ATOM   112 C  CB  B HIS A 1 14 ? -2.691  -2.041  -1.672  0.53 9.93  ? 14  HIS A CB  1 
ATOM   113 C  CG  A HIS A 1 14 ? -2.752  -2.042  -2.974  0.47 8.64  ? 14  HIS A CG  1 
ATOM   114 C  CG  B HIS A 1 14 ? -2.830  -2.539  -3.087  0.53 12.33 ? 14  HIS A CG  1 
ATOM   115 N  ND1 A HIS A 1 14 ? -1.778  -2.703  -3.653  0.47 6.93  ? 14  HIS A ND1 1 
ATOM   116 N  ND1 B HIS A 1 14 ? -3.263  -1.785  -4.134  0.53 12.44 ? 14  HIS A ND1 1 
ATOM   117 C  CD2 A HIS A 1 14 ? -3.688  -1.635  -3.865  0.47 11.56 ? 14  HIS A CD2 1 
ATOM   118 C  CD2 B HIS A 1 14 ? -2.683  -3.783  -3.596  0.53 17.23 ? 14  HIS A CD2 1 
ATOM   119 C  CE1 A HIS A 1 14 ? -2.067  -2.676  -4.966  0.47 9.42  ? 14  HIS A CE1 1 
ATOM   120 C  CE1 B HIS A 1 14 ? -3.308  -2.481  -5.250  0.53 15.03 ? 14  HIS A CE1 1 
ATOM   121 N  NE2 A HIS A 1 14 ? -3.202  -2.015  -5.086  0.47 10.11 ? 14  HIS A NE2 1 
ATOM   122 N  NE2 B HIS A 1 14 ? -2.951  -3.712  -4.939  0.53 18.84 ? 14  HIS A NE2 1 
ATOM   123 N  N   . LEU A 1 15 ? -3.565  -2.356  1.493   1.00 5.15  ? 15  LEU A N   1 
ATOM   124 C  CA  . LEU A 1 15 ? -3.354  -2.039  2.898   1.00 5.30  ? 15  LEU A CA  1 
ATOM   125 C  C   . LEU A 1 15 ? -3.009  -3.315  3.671   1.00 4.80  ? 15  LEU A C   1 
ATOM   126 O  O   . LEU A 1 15 ? -2.116  -3.302  4.513   1.00 5.48  ? 15  LEU A O   1 
ATOM   127 C  CB  . LEU A 1 15 ? -4.588  -1.365  3.485   1.00 5.54  ? 15  LEU A CB  1 
ATOM   128 C  CG  . LEU A 1 15 ? -4.855  0.051   2.966   1.00 6.91  ? 15  LEU A CG  1 
ATOM   129 C  CD1 . LEU A 1 15 ? -6.254  0.511   3.438   1.00 8.62  ? 15  LEU A CD1 1 
ATOM   130 C  CD2 . LEU A 1 15 ? -3.799  1.026   3.390   1.00 10.96 ? 15  LEU A CD2 1 
ATOM   131 N  N   . ASN A 1 16 ? -3.696  -4.410  3.386   1.00 5.30  ? 16  ASN A N   1 
ATOM   132 C  CA  . ASN A 1 16 ? -3.345  -5.688  4.005   1.00 4.74  ? 16  ASN A CA  1 
ATOM   133 C  C   . ASN A 1 16 ? -1.904  -6.091  3.743   1.00 5.24  ? 16  ASN A C   1 
ATOM   134 O  O   . ASN A 1 16 ? -1.194  -6.547  4.643   1.00 5.28  ? 16  ASN A O   1 
ATOM   135 C  CB  . ASN A 1 16 ? -4.312  -6.784  3.580   1.00 5.42  ? 16  ASN A CB  1 
ATOM   136 C  CG  . ASN A 1 16 ? -5.670  -6.820  4.271   1.00 6.01  ? 16  ASN A CG  1 
ATOM   137 O  OD1 . ASN A 1 16 ? -6.482  -7.732  3.907   1.00 9.20  ? 16  ASN A OD1 1 
ATOM   138 N  ND2 . ASN A 1 16 ? -5.951  -5.980  5.199   1.00 7.65  ? 16  ASN A ND2 1 
ATOM   139 N  N   . SER A 1 17 ? -1.451  -5.900  2.509   1.00 5.79  ? 17  SER A N   1 
ATOM   140 C  CA  . SER A 1 17 ? -0.058  -6.212  2.217   1.00 6.15  ? 17  SER A CA  1 
ATOM   141 C  C   . SER A 1 17 ? 0.903   -5.326  3.018   1.00 5.89  ? 17  SER A C   1 
ATOM   142 O  O   . SER A 1 17 ? 1.947   -5.776  3.526   1.00 6.94  ? 17  SER A O   1 
ATOM   143 C  CB  A SER A 1 17 ? 0.185   -6.062  0.705   0.47 7.29  ? 17  SER A CB  1 
ATOM   144 C  CB  B SER A 1 17 ? 0.208   -6.055  0.713   0.30 8.36  ? 17  SER A CB  1 
ATOM   145 C  CB  C SER A 1 17 ? 0.243   -5.968  0.728   0.27 9.64  ? 17  SER A CB  1 
ATOM   146 O  OG  A SER A 1 17 ? -0.575  -6.982  -0.056  0.47 9.22  ? 17  SER A OG  1 
ATOM   147 O  OG  B SER A 1 17 ? 1.608   -6.176  0.529   0.30 7.82  ? 17  SER A OG  1 
ATOM   148 O  OG  C SER A 1 17 ? 0.387   -4.579  0.439   0.27 13.86 ? 17  SER A OG  1 
ATOM   149 N  N   . MET A 1 18 ? 0.571   -4.042  3.158   1.00 6.08  ? 18  MET A N   1 
ATOM   150 C  CA  . MET A 1 18 ? 1.416   -3.135  3.944   1.00 6.53  ? 18  MET A CA  1 
ATOM   151 C  C   . MET A 1 18 ? 1.418   -3.525  5.419   1.00 5.29  ? 18  MET A C   1 
ATOM   152 O  O   . MET A 1 18 ? 2.472   -3.381  6.054   1.00 5.71  ? 18  MET A O   1 
ATOM   153 C  CB  A MET A 1 18 ? 1.019   -1.705  3.591   0.47 8.17  ? 18  MET A CB  1 
ATOM   154 C  CB  B MET A 1 18 ? 0.895   -1.699  3.801   0.53 8.27  ? 18  MET A CB  1 
ATOM   155 C  CG  A MET A 1 18 ? 1.351   -1.472  2.103   0.47 9.38  ? 18  MET A CG  1 
ATOM   156 C  CG  B MET A 1 18 ? 0.969   -1.038  2.444   0.53 8.18  ? 18  MET A CG  1 
ATOM   157 S  SD  A MET A 1 18 ? 1.030   0.227   1.685   0.47 19.78 ? 18  MET A SD  1 
ATOM   158 S  SD  B MET A 1 18 ? 2.650   -1.026  1.821   0.53 9.28  ? 18  MET A SD  1 
ATOM   159 C  CE  A MET A 1 18 ? -0.198  0.654   2.911   0.47 34.95 ? 18  MET A CE  1 
ATOM   160 C  CE  B MET A 1 18 ? 3.377   0.282   2.799   0.53 31.32 ? 18  MET A CE  1 
ATOM   161 N  N   . GLU A 1 19 ? 0.288   -4.024  5.938   1.00 4.55  ? 19  GLU A N   1 
ATOM   162 C  CA  . GLU A 1 19 ? 0.285   -4.521  7.311   1.00 4.26  ? 19  GLU A CA  1 
ATOM   163 C  C   . GLU A 1 19 ? 1.296   -5.643  7.475   1.00 3.96  ? 19  GLU A C   1 
ATOM   164 O  O   . GLU A 1 19 ? 2.015   -5.721  8.490   1.00 4.65  ? 19  GLU A O   1 
ATOM   165 C  CB  . GLU A 1 19 ? -1.104  -5.036  7.686   1.00 4.53  ? 19  GLU A CB  1 
ATOM   166 C  CG  . GLU A 1 19 ? -2.190  -3.959  7.761   1.00 4.47  ? 19  GLU A CG  1 
ATOM   167 C  CD  . GLU A 1 19 ? -3.578  -4.605  7.809   1.00 6.35  ? 19  GLU A CD  1 
ATOM   168 O  OE1 . GLU A 1 19 ? -3.700  -5.700  8.376   1.00 6.24  ? 19  GLU A OE1 1 
ATOM   169 O  OE2 . GLU A 1 19 ? -4.525  -3.990  7.330   1.00 14.79 ? 19  GLU A OE2 1 
ATOM   170 N  N   . ARG A 1 20 ? 1.356   -6.533  6.480   1.00 4.21  ? 20  ARG A N   1 
ATOM   171 C  CA  . ARG A 1 20 ? 2.318   -7.657  6.543   1.00 4.26  ? 20  ARG A CA  1 
ATOM   172 C  C   . ARG A 1 20 ? 3.749   -7.174  6.463   1.00 4.16  ? 20  ARG A C   1 
ATOM   173 O  O   . ARG A 1 20 ? 4.642   -7.721  7.127   1.00 4.61  ? 20  ARG A O   1 
ATOM   174 C  CB  . ARG A 1 20 ? 1.977   -8.703  5.475   1.00 5.19  ? 20  ARG A CB  1 
ATOM   175 C  CG  . ARG A 1 20 ? 0.629   -9.374  5.770   1.00 6.14  ? 20  ARG A CG  1 
ATOM   176 C  CD  . ARG A 1 20 ? 0.274   -10.576 4.975   1.00 7.72  ? 20  ARG A CD  1 
ATOM   177 N  NE  . ARG A 1 20 ? -0.176  -10.229 3.669   1.00 10.13 ? 20  ARG A NE  1 
ATOM   178 C  CZ  . ARG A 1 20 ? 0.513   -10.165 2.563   1.00 10.88 ? 20  ARG A CZ  1 
ATOM   179 N  NH1 . ARG A 1 20 ? 1.786   -10.430 2.543   1.00 15.99 ? 20  ARG A NH1 1 
ATOM   180 N  NH2 . ARG A 1 20 ? -0.047  -9.809  1.417   1.00 17.65 ? 20  ARG A NH2 1 
ATOM   181 N  N   . VAL A 1 21 ? 4.012   -6.170  5.627   1.00 4.61  ? 21  VAL A N   1 
ATOM   182 C  CA  . VAL A 1 21 ? 5.368   -5.630  5.555   1.00 4.87  ? 21  VAL A CA  1 
ATOM   183 C  C   . VAL A 1 21 ? 5.742   -4.985  6.882   1.00 4.37  ? 21  VAL A C   1 
ATOM   184 O  O   . VAL A 1 21 ? 6.897   -5.094  7.328   1.00 4.82  ? 21  VAL A O   1 
ATOM   185 C  CB  . VAL A 1 21 ? 5.472   -4.672  4.373   1.00 6.47  ? 21  VAL A CB  1 
ATOM   186 C  CG1 . VAL A 1 21 ? 6.832   -3.986  4.395   1.00 9.18  ? 21  VAL A CG1 1 
ATOM   187 C  CG2 . VAL A 1 21 ? 5.252   -5.395  3.068   1.00 9.31  ? 21  VAL A CG2 1 
ATOM   188 N  N   . GLU A 1 22 ? 4.795   -4.288  7.545   1.00 4.20  ? 22  GLU A N   1 
ATOM   189 C  CA  . GLU A 1 22 ? 5.061   -3.684  8.856   1.00 4.46  ? 22  GLU A CA  1 
ATOM   190 C  C   . GLU A 1 22 ? 5.224   -4.741  9.936   1.00 3.97  ? 22  GLU A C   1 
ATOM   191 O  O   . GLU A 1 22 ? 6.077   -4.572  10.854  1.00 5.12  ? 22  GLU A O   1 
ATOM   192 C  CB  A GLU A 1 22 ? 3.912   -2.705  9.161   0.47 5.04  ? 22  GLU A CB  1 
ATOM   193 C  CB  B GLU A 1 22 ? 4.016   -2.602  9.164   0.30 5.64  ? 22  GLU A CB  1 
ATOM   194 C  CB  C GLU A 1 22 ? 3.971   -2.663  9.235   0.27 4.30  ? 22  GLU A CB  1 
ATOM   195 C  CG  A GLU A 1 22 ? 3.981   -2.091  10.546  0.47 5.52  ? 22  GLU A CG  1 
ATOM   196 C  CG  B GLU A 1 22 ? 4.145   -1.376  8.279   0.30 11.97 ? 22  GLU A CG  1 
ATOM   197 C  CG  C GLU A 1 22 ? 4.399   -1.922  10.498  0.27 3.38  ? 22  GLU A CG  1 
ATOM   198 C  CD  A GLU A 1 22 ? 5.156   -1.157  10.728  0.47 7.35  ? 22  GLU A CD  1 
ATOM   199 C  CD  B GLU A 1 22 ? 5.423   -0.577  8.352   0.30 18.97 ? 22  GLU A CD  1 
ATOM   200 C  CD  C GLU A 1 22 ? 3.705   -0.592  10.682  0.27 3.37  ? 22  GLU A CD  1 
ATOM   201 O  OE1 A GLU A 1 22 ? 5.234   -0.655  11.844  0.47 11.12 ? 22  GLU A OE1 1 
ATOM   202 O  OE1 B GLU A 1 22 ? 6.270   -0.659  9.248   0.30 15.85 ? 22  GLU A OE1 1 
ATOM   203 O  OE1 C GLU A 1 22 ? 4.343   0.345   11.227  0.27 5.76  ? 22  GLU A OE1 1 
ATOM   204 O  OE2 A GLU A 1 22 ? 5.906   -0.955  9.784   0.47 8.38  ? 22  GLU A OE2 1 
ATOM   205 O  OE2 B GLU A 1 22 ? 5.685   0.223   7.446   0.30 15.54 ? 22  GLU A OE2 1 
ATOM   206 O  OE2 C GLU A 1 22 ? 2.523   -0.488  10.279  0.27 3.89  ? 22  GLU A OE2 1 
ATOM   207 N  N   . TRP A 1 23 ? 4.480   -5.829  9.860   1.00 4.14  ? 23  TRP A N   1 
ATOM   208 C  CA  . TRP A 1 23 ? 4.715   -6.980  10.717  1.00 3.98  ? 23  TRP A CA  1 
ATOM   209 C  C   . TRP A 1 23 ? 6.192   -7.435  10.609  1.00 3.83  ? 23  TRP A C   1 
ATOM   210 O  O   . TRP A 1 23 ? 6.885   -7.620  11.607  1.00 4.45  ? 23  TRP A O   1 
ATOM   211 C  CB  . TRP A 1 23 ? 3.772   -8.149  10.333  1.00 4.67  ? 23  TRP A CB  1 
ATOM   212 C  CG  . TRP A 1 23 ? 4.107   -9.420  11.017  1.00 5.08  ? 23  TRP A CG  1 
ATOM   213 C  CD1 . TRP A 1 23 ? 3.741   -9.760  12.280  1.00 6.62  ? 23  TRP A CD1 1 
ATOM   214 C  CD2 . TRP A 1 23 ? 4.876   -10.524 10.512  1.00 5.56  ? 23  TRP A CD2 1 
ATOM   215 N  NE1 . TRP A 1 23 ? 4.232   -11.011 12.616  1.00 8.10  ? 23  TRP A NE1 1 
ATOM   216 C  CE2 . TRP A 1 23 ? 4.935   -11.503 11.528  1.00 6.53  ? 23  TRP A CE2 1 
ATOM   217 C  CE3 . TRP A 1 23 ? 5.519   -10.789 9.282   1.00 5.91  ? 23  TRP A CE3 1 
ATOM   218 C  CZ2 . TRP A 1 23 ? 5.605   -12.707 11.341  1.00 8.66  ? 23  TRP A CZ2 1 
ATOM   219 C  CZ3 . TRP A 1 23 ? 6.195   -12.000 9.130   1.00 7.98  ? 23  TRP A CZ3 1 
ATOM   220 C  CH2 . TRP A 1 23 ? 6.238   -12.941 10.169  1.00 8.81  ? 23  TRP A CH2 1 
ATOM   221 N  N   . LEU A 1 24 ? 6.643   -7.600  9.364   1.00 3.87  ? 24  LEU A N   1 
ATOM   222 C  CA  . LEU A 1 24 ? 8.033   -8.029  9.136   1.00 3.98  ? 24  LEU A CA  1 
ATOM   223 C  C   . LEU A 1 24 ? 8.989   -6.982  9.697   1.00 3.51  ? 24  LEU A C   1 
ATOM   224 O  O   . LEU A 1 24 ? 9.995   -7.342  10.328  1.00 3.95  ? 24  LEU A O   1 
ATOM   225 C  CB  . LEU A 1 24 ? 8.272   -8.272  7.647   1.00 4.16  ? 24  LEU A CB  1 
ATOM   226 C  CG  . LEU A 1 24 ? 9.704   -8.669  7.322   1.00 6.04  ? 24  LEU A CG  1 
ATOM   227 C  CD1 . LEU A 1 24 ? 10.101  -9.987  7.953   1.00 7.29  ? 24  LEU A CD1 1 
ATOM   228 C  CD2 . LEU A 1 24 ? 9.884   -8.754  5.818   1.00 7.09  ? 24  LEU A CD2 1 
ATOM   229 N  N   . ARG A 1 25 ? 8.740   -5.713  9.403   1.00 3.71  ? 25  ARG A N   1 
ATOM   230 C  CA  . ARG A 1 25 ? 9.642   -4.659  9.895   1.00 4.10  ? 25  ARG A CA  1 
ATOM   231 C  C   . ARG A 1 25 ? 9.857   -4.787  11.388  1.00 3.80  ? 25  ARG A C   1 
ATOM   232 O  O   . ARG A 1 25 ? 11.000  -4.704  11.894  1.00 4.54  ? 25  ARG A O   1 
ATOM   233 C  CB  . ARG A 1 25 ? 9.117   -3.271  9.535   1.00 4.42  ? 25  ARG A CB  1 
ATOM   234 C  CG  . ARG A 1 25 ? 10.067  -2.150  9.953   1.00 5.53  ? 25  ARG A CG  1 
ATOM   235 C  CD  . ARG A 1 25 ? 9.511   -0.744  9.746   1.00 6.77  ? 25  ARG A CD  1 
ATOM   236 N  NE  . ARG A 1 25 ? 8.389   -0.415  10.571  1.00 9.69  ? 25  ARG A NE  1 
ATOM   237 C  CZ  . ARG A 1 25 ? 8.447   -0.021  11.862  1.00 11.60 ? 25  ARG A CZ  1 
ATOM   238 N  NH1 . ARG A 1 25 ? 9.632   0.060   12.455  1.00 14.26 ? 25  ARG A NH1 1 
ATOM   239 N  NH2 . ARG A 1 25 ? 7.372   0.265   12.527  1.00 16.81 ? 25  ARG A NH2 1 
ATOM   240 N  N   . LYS A 1 26 ? 8.753   -4.945  12.150  1.00 4.39  ? 26  LYS A N   1 
ATOM   241 C  CA  . LYS A 1 26 ? 8.878   -5.043  13.613  1.00 5.12  ? 26  LYS A CA  1 
ATOM   242 C  C   . LYS A 1 26 ? 9.590   -6.299  14.045  1.00 4.74  ? 26  LYS A C   1 
ATOM   243 O  O   . LYS A 1 26 ? 10.346  -6.278  15.039  1.00 6.04  ? 26  LYS A O   1 
ATOM   244 C  CB  . LYS A 1 26 ? 7.526   -4.836  14.257  1.00 7.94  ? 26  LYS A CB  1 
ATOM   245 C  CG  . LYS A 1 26 ? 7.027   -3.382  14.136  1.00 11.93 ? 26  LYS A CG  1 
ATOM   246 C  CD  . LYS A 1 26 ? 5.788   -3.069  14.954  1.00 25.78 ? 26  LYS A CD  1 
ATOM   247 C  CE  . LYS A 1 26 ? 5.032   -1.832  14.468  1.00 34.06 ? 26  LYS A CE  1 
ATOM   248 N  NZ  . LYS A 1 26 ? 3.927   -1.450  15.377  1.00 35.29 ? 26  LYS A NZ  1 
ATOM   249 N  N   . LYS A 1 27 ? 9.385   -7.435  13.368  1.00 4.55  ? 27  LYS A N   1 
ATOM   250 C  CA  . LYS A 1 27 ? 10.150  -8.622  13.658  1.00 4.96  ? 27  LYS A CA  1 
ATOM   251 C  C   . LYS A 1 27 ? 11.652  -8.368  13.476  1.00 4.50  ? 27  LYS A C   1 
ATOM   252 O  O   . LYS A 1 27 ? 12.465  -8.822  14.293  1.00 5.39  ? 27  LYS A O   1 
ATOM   253 C  CB  . LYS A 1 27 ? 9.700   -9.801  12.808  1.00 6.82  ? 27  LYS A CB  1 
ATOM   254 C  CG  . LYS A 1 27 ? 8.286   -10.269 13.074  1.00 9.54  ? 27  LYS A CG  1 
ATOM   255 C  CD  . LYS A 1 27 ? 8.133   -10.912 14.429  1.00 15.18 ? 27  LYS A CD  1 
ATOM   256 C  CE  . LYS A 1 27 ? 8.483   -12.376 14.285  1.00 25.21 ? 27  LYS A CE  1 
ATOM   257 N  NZ  . LYS A 1 27 ? 7.902   -13.172 15.428  1.00 27.87 ? 27  LYS A NZ  1 
ATOM   258 N  N   . LEU A 1 28 ? 12.011  -7.700  12.373  1.00 4.00  ? 28  LEU A N   1 
ATOM   259 C  CA  . LEU A 1 28 ? 13.401  -7.412  12.131  1.00 4.44  ? 28  LEU A CA  1 
ATOM   260 C  C   . LEU A 1 28 ? 13.950  -6.394  13.136  1.00 4.39  ? 28  LEU A C   1 
ATOM   261 O  O   . LEU A 1 28 ? 15.129  -6.514  13.544  1.00 5.32  ? 28  LEU A O   1 
ATOM   262 C  CB  . LEU A 1 28 ? 13.606  -6.916  10.691  1.00 4.03  ? 28  LEU A CB  1 
ATOM   263 C  CG  . LEU A 1 28 ? 13.190  -7.914  9.606   1.00 4.23  ? 28  LEU A CG  1 
ATOM   264 C  CD1 . LEU A 1 28 ? 13.511  -7.346  8.226   1.00 5.45  ? 28  LEU A CD1 1 
ATOM   265 C  CD2 . LEU A 1 28 ? 13.831  -9.286  9.805   1.00 5.40  ? 28  LEU A CD2 1 
ATOM   266 N  N   . GLN A 1 29 ? 13.165  -5.401  13.547  1.00 4.70  ? 29  GLN A N   1 
ATOM   267 C  CA  . GLN A 1 29 ? 13.587  -4.480  14.607  1.00 4.90  ? 29  GLN A CA  1 
ATOM   268 C  C   . GLN A 1 29 ? 13.930  -5.286  15.854  1.00 4.87  ? 29  GLN A C   1 
ATOM   269 O  O   . GLN A 1 29 ? 14.958  -5.016  16.498  1.00 5.91  ? 29  GLN A O   1 
ATOM   270 C  CB  . GLN A 1 29 ? 12.493  -3.467  14.885  1.00 5.67  ? 29  GLN A CB  1 
ATOM   271 C  CG  . GLN A 1 29 ? 12.323  -2.356  13.848  1.00 7.46  ? 29  GLN A CG  1 
ATOM   272 C  CD  . GLN A 1 29 ? 13.586  -1.494  13.717  1.00 10.91 ? 29  GLN A CD  1 
ATOM   273 O  OE1 . GLN A 1 29 ? 14.356  -1.645  12.754  1.00 14.23 ? 29  GLN A OE1 1 
ATOM   274 N  NE2 . GLN A 1 29 ? 13.772  -0.595  14.649  1.00 17.00 ? 29  GLN A NE2 1 
ATOM   275 N  N   . ASP A 1 30 ? 13.101  -6.267  16.208  1.00 4.86  ? 30  ASP A N   1 
ATOM   276 C  CA  . ASP A 1 30 ? 13.381  -7.050  17.428  1.00 5.72  ? 30  ASP A CA  1 
ATOM   277 C  C   . ASP A 1 30 ? 14.642  -7.859  17.278  1.00 5.61  ? 30  ASP A C   1 
ATOM   278 O  O   . ASP A 1 30 ? 15.407  -8.000  18.240  1.00 6.54  ? 30  ASP A O   1 
ATOM   279 C  CB  . ASP A 1 30 ? 12.174  -7.873  17.791  1.00 7.59  ? 30  ASP A CB  1 
ATOM   280 C  CG  . ASP A 1 30 ? 11.011  -7.102  18.387  1.00 11.55 ? 30  ASP A CG  1 
ATOM   281 O  OD1 . ASP A 1 30 ? 11.170  -5.909  18.739  1.00 13.82 ? 30  ASP A OD1 1 
ATOM   282 O  OD2 . ASP A 1 30 ? 9.989   -7.777  18.570  1.00 15.90 ? 30  ASP A OD2 1 
ATOM   283 N  N   . VAL A 1 31 ? 14.911  -8.428  16.119  1.00 5.50  ? 31  VAL A N   1 
ATOM   284 C  CA  . VAL A 1 31 ? 16.168  -9.181  15.899  1.00 6.02  ? 31  VAL A CA  1 
ATOM   285 C  C   . VAL A 1 31 ? 17.368  -8.226  16.024  1.00 6.15  ? 31  VAL A C   1 
ATOM   286 O  O   . VAL A 1 31 ? 18.406  -8.535  16.620  1.00 8.31  ? 31  VAL A O   1 
ATOM   287 C  CB  . VAL A 1 31 ? 16.142  -9.913  14.583  1.00 6.74  ? 31  VAL A CB  1 
ATOM   288 C  CG1 . VAL A 1 31 ? 17.539  -10.541 14.277  1.00 8.23  ? 31  VAL A CG1 1 
ATOM   289 C  CG2 . VAL A 1 31 ? 15.122  -11.031 14.612  1.00 7.83  ? 31  VAL A CG2 1 
ATOM   290 N  N   . HIS A 1 32 ? 17.233  -7.008  15.451  1.00 6.45  ? 32  HIS A N   1 
ATOM   291 C  CA  . HIS A 1 32 ? 18.291  -6.021  15.567  1.00 6.96  ? 32  HIS A CA  1 
ATOM   292 C  C   . HIS A 1 32 ? 18.531  -5.547  17.001  1.00 7.13  ? 32  HIS A C   1 
ATOM   293 O  O   . HIS A 1 32 ? 19.699  -5.318  17.396  1.00 9.17  ? 32  HIS A O   1 
ATOM   294 C  CB  A HIS A 1 32 ? 17.939  -4.806  14.694  0.47 6.56  ? 32  HIS A CB  1 
ATOM   295 C  CB  B HIS A 1 32 ? 17.930  -4.821  14.680  0.53 9.70  ? 32  HIS A CB  1 
ATOM   296 C  CG  A HIS A 1 32 ? 18.929  -3.691  14.717  0.47 7.97  ? 32  HIS A CG  1 
ATOM   297 C  CG  B HIS A 1 32 ? 18.857  -3.653  14.790  0.53 9.41  ? 32  HIS A CG  1 
ATOM   298 N  ND1 A HIS A 1 32 ? 20.152  -3.728  14.101  0.47 11.52 ? 32  HIS A ND1 1 
ATOM   299 N  ND1 B HIS A 1 32 ? 18.473  -2.385  15.181  0.53 9.36  ? 32  HIS A ND1 1 
ATOM   300 C  CD2 A HIS A 1 32 ? 18.862  -2.491  15.346  0.47 10.44 ? 32  HIS A CD2 1 
ATOM   301 C  CD2 B HIS A 1 32 ? 20.186  -3.585  14.578  0.53 9.12  ? 32  HIS A CD2 1 
ATOM   302 C  CE1 A HIS A 1 32 ? 20.804  -2.605  14.319  0.47 12.25 ? 32  HIS A CE1 1 
ATOM   303 C  CE1 B HIS A 1 32 ? 19.556  -1.607  15.174  0.53 9.19  ? 32  HIS A CE1 1 
ATOM   304 N  NE2 A HIS A 1 32 ? 20.033  -1.824  15.073  0.47 11.89 ? 32  HIS A NE2 1 
ATOM   305 N  NE2 B HIS A 1 32 ? 20.617  -2.316  14.814  0.53 11.73 ? 32  HIS A NE2 1 
ATOM   306 N  N   . ASN A 1 33 ? 17.476  -5.377  17.779  1.00 7.58  ? 33  ASN A N   1 
ATOM   307 C  CA  . ASN A 1 33 ? 17.537  -4.724  19.092  1.00 8.50  ? 33  ASN A CA  1 
ATOM   308 C  C   . ASN A 1 33 ? 17.705  -5.601  20.312  1.00 10.15 ? 33  ASN A C   1 
ATOM   309 O  O   . ASN A 1 33 ? 18.094  -5.144  21.364  1.00 14.23 ? 33  ASN A O   1 
ATOM   310 C  CB  . ASN A 1 33 ? 16.263  -3.853  19.335  1.00 11.64 ? 33  ASN A CB  1 
ATOM   311 C  CG  . ASN A 1 33 ? 16.302  -2.573  18.557  1.00 14.06 ? 33  ASN A CG  1 
ATOM   312 O  OD1 . ASN A 1 33 ? 17.373  -2.023  18.411  1.00 17.66 ? 33  ASN A OD1 1 
ATOM   313 N  ND2 . ASN A 1 33 ? 15.152  -2.097  18.069  1.00 18.55 ? 33  ASN A ND2 1 
ATOM   314 N  N   . PHE A 1 34 ? 17.395  -6.859  20.161  1.00 8.74  ? 34  PHE A N   1 
ATOM   315 C  CA  . PHE A 1 34 ? 17.337  -7.762  21.312  1.00 8.95  ? 34  PHE A CA  1 
ATOM   316 C  C   . PHE A 1 34 ? 18.194  -9.006  21.040  1.00 10.04 ? 34  PHE A C   1 
ATOM   317 O  O   . PHE A 1 34 ? 19.110  -8.920  20.182  1.00 16.30 ? 34  PHE A O   1 
ATOM   318 C  CB  . PHE A 1 34 ? 15.902  -8.118  21.720  1.00 8.82  ? 34  PHE A CB  1 
ATOM   319 C  CG  . PHE A 1 34 ? 15.168  -6.875  22.163  1.00 8.71  ? 34  PHE A CG  1 
ATOM   320 C  CD1 . PHE A 1 34 ? 15.421  -6.311  23.404  1.00 10.80 ? 34  PHE A CD1 1 
ATOM   321 C  CD2 . PHE A 1 34 ? 14.247  -6.241  21.378  1.00 9.83  ? 34  PHE A CD2 1 
ATOM   322 C  CE1 . PHE A 1 34 ? 14.830  -5.185  23.832  1.00 12.11 ? 34  PHE A CE1 1 
ATOM   323 C  CE2 . PHE A 1 34 ? 13.603  -5.086  21.770  1.00 11.74 ? 34  PHE A CE2 1 
ATOM   324 C  CZ  . PHE A 1 34 ? 13.878  -4.585  23.011  1.00 12.76 ? 34  PHE A CZ  1 
ATOM   325 O  OXT . PHE A 1 34 ? 17.979  -10.008 21.734  1.00 15.81 ? 34  PHE A OXT 1 
ATOM   326 N  N   . SER B 1 1  ? 19.516  -15.252 -1.422  1.00 35.98 ? 1   SER B N   1 
ATOM   327 C  CA  . SER B 1 1  ? 18.247  -15.690 -1.924  1.00 15.59 ? 1   SER B CA  1 
ATOM   328 C  C   . SER B 1 1  ? 17.566  -14.417 -2.297  1.00 14.20 ? 1   SER B C   1 
ATOM   329 O  O   . SER B 1 1  ? 17.988  -13.280 -2.071  1.00 22.16 ? 1   SER B O   1 
ATOM   330 C  CB  . SER B 1 1  ? 17.300  -16.557 -1.111  1.00 16.20 ? 1   SER B CB  1 
ATOM   331 O  OG  . SER B 1 1  ? 16.276  -15.757 -0.428  1.00 19.60 ? 1   SER B OG  1 
ATOM   332 N  N   . VAL B 1 2  ? 16.443  -14.586 -2.924  1.00 11.30 ? 2   VAL B N   1 
ATOM   333 C  CA  . VAL B 1 2  ? 15.978  -13.318 -3.429  1.00 15.05 ? 2   VAL B CA  1 
ATOM   334 C  C   . VAL B 1 2  ? 14.653  -12.914 -2.806  1.00 12.81 ? 2   VAL B C   1 
ATOM   335 O  O   . VAL B 1 2  ? 13.933  -12.050 -3.312  1.00 13.84 ? 2   VAL B O   1 
ATOM   336 C  CB  . VAL B 1 2  ? 15.968  -13.376 -4.969  1.00 20.18 ? 2   VAL B CB  1 
ATOM   337 C  CG1 . VAL B 1 2  ? 17.378  -13.605 -5.487  1.00 20.91 ? 2   VAL B CG1 1 
ATOM   338 C  CG2 . VAL B 1 2  ? 14.954  -14.440 -5.365  1.00 24.34 ? 2   VAL B CG2 1 
ATOM   339 N  N   . SER B 1 3  ? 14.267  -13.553 -1.681  1.00 14.93 ? 3   SER B N   1 
ATOM   340 C  CA  . SER B 1 3  ? 13.038  -13.195 -1.009  1.00 13.01 ? 3   SER B CA  1 
ATOM   341 C  C   . SER B 1 3  ? 12.929  -11.699 -0.725  1.00 10.61 ? 3   SER B C   1 
ATOM   342 O  O   . SER B 1 3  ? 11.880  -11.108 -0.820  1.00 12.24 ? 3   SER B O   1 
ATOM   343 C  CB  A SER B 1 3  ? 12.906  -13.881 0.335   0.47 15.06 ? 3   SER B CB  1 
ATOM   344 C  CB  B SER B 1 3  ? 12.933  -13.937 0.319   0.53 14.99 ? 3   SER B CB  1 
ATOM   345 O  OG  A SER B 1 3  ? 12.912  -15.287 0.319   0.47 12.66 ? 3   SER B OG  1 
ATOM   346 O  OG  B SER B 1 3  ? 13.873  -13.486 1.278   0.53 20.14 ? 3   SER B OG  1 
ATOM   347 N  N   . GLU B 1 4  ? 14.065  -11.116 -0.320  1.00 9.28  ? 4   GLU B N   1 
ATOM   348 C  CA  . GLU B 1 4  ? 14.012  -9.705  0.006   1.00 9.25  ? 4   GLU B CA  1 
ATOM   349 C  C   . GLU B 1 4  ? 13.886  -8.798  -1.219  1.00 8.37  ? 4   GLU B C   1 
ATOM   350 O  O   . GLU B 1 4  ? 13.347  -7.695  -1.098  1.00 8.01  ? 4   GLU B O   1 
ATOM   351 C  CB  . GLU B 1 4  ? 15.219  -9.231  0.764   1.00 10.57 ? 4   GLU B CB  1 
ATOM   352 C  CG  . GLU B 1 4  ? 16.564  -9.352  0.156   1.00 9.37  ? 4   GLU B CG  1 
ATOM   353 C  CD  . GLU B 1 4  ? 17.271  -10.684 0.253   1.00 11.05 ? 4   GLU B CD  1 
ATOM   354 O  OE1 . GLU B 1 4  ? 16.678  -11.729 0.488   1.00 12.67 ? 4   GLU B OE1 1 
ATOM   355 O  OE2 . GLU B 1 4  ? 18.509  -10.626 0.104   1.00 10.31 ? 4   GLU B OE2 1 
ATOM   356 N  N   . ILE B 1 5  ? 14.379  -9.288  -2.390  1.00 10.24 ? 5   ILE B N   1 
ATOM   357 C  CA  . ILE B 1 5  ? 14.182  -8.574  -3.639  1.00 9.37  ? 5   ILE B CA  1 
ATOM   358 C  C   . ILE B 1 5  ? 12.719  -8.637  -4.051  1.00 8.55  ? 5   ILE B C   1 
ATOM   359 O  O   . ILE B 1 5  ? 12.168  -7.606  -4.441  1.00 9.06  ? 5   ILE B O   1 
ATOM   360 C  CB  A ILE B 1 5  ? 15.039  -9.159  -4.777  0.47 14.18 ? 5   ILE B CB  1 
ATOM   361 C  CB  B ILE B 1 5  ? 15.083  -9.152  -4.747  0.53 9.24  ? 5   ILE B CB  1 
ATOM   362 C  CG1 A ILE B 1 5  ? 16.533  -8.944  -4.581  0.47 15.46 ? 5   ILE B CG1 1 
ATOM   363 C  CG1 B ILE B 1 5  ? 16.536  -9.148  -4.294  0.53 10.25 ? 5   ILE B CG1 1 
ATOM   364 C  CG2 A ILE B 1 5  ? 14.586  -8.615  -6.130  0.47 15.45 ? 5   ILE B CG2 1 
ATOM   365 C  CG2 B ILE B 1 5  ? 14.842  -8.416  -6.054  0.53 9.98  ? 5   ILE B CG2 1 
ATOM   366 C  CD1 A ILE B 1 5  ? 16.918  -7.515  -4.246  0.47 26.31 ? 5   ILE B CD1 1 
ATOM   367 C  CD1 B ILE B 1 5  ? 17.507  -9.919  -5.127  0.53 7.17  ? 5   ILE B CD1 1 
ATOM   368 N  N   . GLN B 1 6  ? 12.111  -9.834  -3.976  1.00 9.19  ? 6   GLN B N   1 
ATOM   369 C  CA  . GLN B 1 6  ? 10.691  -10.019 -4.268  1.00 9.67  ? 6   GLN B CA  1 
ATOM   370 C  C   . GLN B 1 6  ? 9.867   -9.111  -3.361  1.00 8.01  ? 6   GLN B C   1 
ATOM   371 O  O   . GLN B 1 6  ? 8.924   -8.446  -3.814  1.00 8.49  ? 6   GLN B O   1 
ATOM   372 C  CB  . GLN B 1 6  ? 10.257  -11.496 -4.150  1.00 13.50 ? 6   GLN B CB  1 
ATOM   373 C  CG  . GLN B 1 6  ? 11.014  -12.333 -5.158  1.00 24.07 ? 6   GLN B CG  1 
ATOM   374 C  CD  . GLN B 1 6  ? 10.851  -13.827 -5.130  1.00 34.17 ? 6   GLN B CD  1 
ATOM   375 O  OE1 . GLN B 1 6  ? 11.099  -14.548 -6.106  1.00 48.47 ? 6   GLN B OE1 1 
ATOM   376 N  NE2 . GLN B 1 6  ? 10.443  -14.415 -4.004  1.00 43.69 ? 6   GLN B NE2 1 
ATOM   377 N  N   . LEU B 1 7  ? 10.227  -9.097  -2.060  1.00 8.75  ? 7   LEU B N   1 
ATOM   378 C  CA  . LEU B 1 7  ? 9.429   -8.286  -1.144  1.00 7.97  ? 7   LEU B CA  1 
ATOM   379 C  C   . LEU B 1 7  ? 9.515   -6.818  -1.546  1.00 6.81  ? 7   LEU B C   1 
ATOM   380 O  O   . LEU B 1 7  ? 8.523   -6.081  -1.539  1.00 7.08  ? 7   LEU B O   1 
ATOM   381 C  CB  A LEU B 1 7  ? 9.878   -8.570  0.292   0.47 8.23  ? 7   LEU B CB  1 
ATOM   382 C  CB  B LEU B 1 7  ? 9.998   -8.459  0.271   0.53 9.16  ? 7   LEU B CB  1 
ATOM   383 C  CG  A LEU B 1 7  ? 8.920   -7.942  1.287   0.47 5.30  ? 7   LEU B CG  1 
ATOM   384 C  CG  B LEU B 1 7  ? 9.525   -9.645  1.078   0.53 8.86  ? 7   LEU B CG  1 
ATOM   385 C  CD1 A LEU B 1 7  ? 8.812   -8.793  2.542   0.47 8.27  ? 7   LEU B CD1 1 
ATOM   386 C  CD1 B LEU B 1 7  ? 10.486  -9.989  2.210   0.53 9.27  ? 7   LEU B CD1 1 
ATOM   387 C  CD2 A LEU B 1 7  ? 9.354   -6.537  1.692   0.47 7.19  ? 7   LEU B CD2 1 
ATOM   388 C  CD2 B LEU B 1 7  ? 8.130   -9.304  1.618   0.53 16.67 ? 7   LEU B CD2 1 
ATOM   389 N  N   . MET B 1 8  ? 10.745  -6.328  -1.823  1.00 7.31  ? 8   MET B N   1 
ATOM   390 C  CA  . MET B 1 8  ? 10.900  -4.925  -2.212  1.00 6.75  ? 8   MET B CA  1 
ATOM   391 C  C   . MET B 1 8  ? 10.199  -4.605  -3.508  1.00 6.17  ? 8   MET B C   1 
ATOM   392 O  O   . MET B 1 8  ? 9.624   -3.508  -3.627  1.00 5.97  ? 8   MET B O   1 
ATOM   393 C  CB  A MET B 1 8  ? 12.392  -4.611  -2.391  0.47 9.83  ? 8   MET B CB  1 
ATOM   394 C  CB  B MET B 1 8  ? 12.356  -4.460  -2.176  0.53 7.80  ? 8   MET B CB  1 
ATOM   395 C  CG  A MET B 1 8  ? 13.079  -4.569  -1.028  0.47 13.25 ? 8   MET B CG  1 
ATOM   396 C  CG  B MET B 1 8  ? 12.941  -4.386  -0.773  0.53 9.06  ? 8   MET B CG  1 
ATOM   397 S  SD  A MET B 1 8  ? 12.648  -3.046  -0.187  0.47 16.10 ? 8   MET B SD  1 
ATOM   398 S  SD  B MET B 1 8  ? 12.115  -3.271  0.387   0.53 7.79  ? 8   MET B SD  1 
ATOM   399 C  CE  A MET B 1 8  ? 11.371  -3.480  0.959   0.47 27.28 ? 8   MET B CE  1 
ATOM   400 C  CE  B MET B 1 8  ? 12.189  -1.748  -0.551  0.53 10.30 ? 8   MET B CE  1 
ATOM   401 N  N   . HIS B 1 9  ? 10.215  -5.503  -4.485  1.00 6.10  ? 9   HIS B N   1 
ATOM   402 C  CA  . HIS B 1 9  ? 9.471   -5.277  -5.719  1.00 6.81  ? 9   HIS B CA  1 
ATOM   403 C  C   . HIS B 1 9  ? 7.971   -5.160  -5.428  1.00 6.04  ? 9   HIS B C   1 
ATOM   404 O  O   . HIS B 1 9  ? 7.291   -4.263  -5.896  1.00 6.83  ? 9   HIS B O   1 
ATOM   405 C  CB  . HIS B 1 9  ? 9.752   -6.416  -6.672  1.00 8.26  ? 9   HIS B CB  1 
ATOM   406 C  CG  . HIS B 1 9  ? 11.133  -6.312  -7.266  1.00 8.95  ? 9   HIS B CG  1 
ATOM   407 N  ND1 . HIS B 1 9  ? 11.531  -7.253  -8.220  1.00 12.46 ? 9   HIS B ND1 1 
ATOM   408 C  CD2 . HIS B 1 9  ? 12.195  -5.475  -7.161  1.00 9.37  ? 9   HIS B CD2 1 
ATOM   409 C  CE1 . HIS B 1 9  ? 12.760  -6.972  -8.641  1.00 12.00 ? 9   HIS B CE1 1 
ATOM   410 N  NE2 . HIS B 1 9  ? 13.188  -5.900  -7.990  1.00 10.66 ? 9   HIS B NE2 1 
ATOM   411 N  N   . ASN B 1 10 ? 7.436   -6.103  -4.648  1.00 6.24  ? 10  ASN B N   1 
ATOM   412 C  CA  . ASN B 1 10 ? 6.001   -6.041  -4.342  1.00 6.61  ? 10  ASN B CA  1 
ATOM   413 C  C   . ASN B 1 10 ? 5.658   -4.780  -3.574  1.00 5.07  ? 10  ASN B C   1 
ATOM   414 O  O   . ASN B 1 10 ? 4.632   -4.153  -3.816  1.00 5.97  ? 10  ASN B O   1 
ATOM   415 C  CB  . ASN B 1 10 ? 5.573   -7.285  -3.580  1.00 8.73  ? 10  ASN B CB  1 
ATOM   416 C  CG  . ASN B 1 10 ? 5.563   -8.584  -4.349  1.00 13.66 ? 10  ASN B CG  1 
ATOM   417 O  OD1 . ASN B 1 10 ? 5.441   -9.676  -3.769  1.00 22.50 ? 10  ASN B OD1 1 
ATOM   418 N  ND2 . ASN B 1 10 ? 5.630   -8.596  -5.644  1.00 14.34 ? 10  ASN B ND2 1 
ATOM   419 N  N   . LEU B 1 11 ? 6.515   -4.400  -2.617  1.00 5.33  ? 11  LEU B N   1 
ATOM   420 C  CA  . LEU B 1 11 ? 6.300   -3.185  -1.835  1.00 5.10  ? 11  LEU B CA  1 
ATOM   421 C  C   . LEU B 1 11 ? 6.259   -1.963  -2.734  1.00 4.47  ? 11  LEU B C   1 
ATOM   422 O  O   . LEU B 1 11 ? 5.415   -1.082  -2.582  1.00 5.16  ? 11  LEU B O   1 
ATOM   423 C  CB  . LEU B 1 11 ? 7.345   -3.077  -0.733  1.00 5.54  ? 11  LEU B CB  1 
ATOM   424 C  CG  . LEU B 1 11 ? 7.281   -1.842  0.139   1.00 6.48  ? 11  LEU B CG  1 
ATOM   425 C  CD1 . LEU B 1 11 ? 5.930   -1.671  0.783   1.00 7.14  ? 11  LEU B CD1 1 
ATOM   426 C  CD2 . LEU B 1 11 ? 8.398   -1.909  1.163   1.00 8.17  ? 11  LEU B CD2 1 
ATOM   427 N  N   . GLY B 1 12 ? 7.205   -1.891  -3.678  1.00 5.22  ? 12  GLY B N   1 
ATOM   428 C  CA  . GLY B 1 12 ? 7.206   -0.752  -4.585  1.00 5.35  ? 12  GLY B CA  1 
ATOM   429 C  C   . GLY B 1 12 ? 5.950   -0.671  -5.439  1.00 5.18  ? 12  GLY B C   1 
ATOM   430 O  O   . GLY B 1 12 ? 5.393   0.401   -5.676  1.00 5.47  ? 12  GLY B O   1 
ATOM   431 N  N   . LYS B 1 13 ? 5.481   -1.835  -5.873  1.00 5.54  ? 13  LYS B N   1 
ATOM   432 C  CA  . LYS B 1 13 ? 4.229   -1.879  -6.627  1.00 6.63  ? 13  LYS B CA  1 
ATOM   433 C  C   . LYS B 1 13 ? 3.070   -1.386  -5.764  1.00 5.96  ? 13  LYS B C   1 
ATOM   434 O  O   . LYS B 1 13 ? 2.201   -0.624  -6.227  1.00 7.48  ? 13  LYS B O   1 
ATOM   435 C  CB  . LYS B 1 13 ? 4.015   -3.292  -7.182  1.00 7.12  ? 13  LYS B CB  1 
ATOM   436 C  CG  . LYS B 1 13 ? 5.012   -3.648  -8.291  1.00 9.25  ? 13  LYS B CG  1 
ATOM   437 C  CD  . LYS B 1 13 ? 4.939   -5.113  -8.684  1.00 10.37 ? 13  LYS B CD  1 
ATOM   438 C  CE  . LYS B 1 13 ? 5.863   -5.425  -9.847  1.00 12.34 ? 13  LYS B CE  1 
ATOM   439 N  NZ  . LYS B 1 13 ? 6.070   -6.897  -9.925  1.00 18.11 ? 13  LYS B NZ  1 
ATOM   440 N  N   . HIS B 1 14 ? 3.003   -1.844  -4.504  1.00 5.92  ? 14  HIS B N   1 
ATOM   441 C  CA  . HIS B 1 14 ? 1.924   -1.390  -3.630  1.00 6.50  ? 14  HIS B CA  1 
ATOM   442 C  C   . HIS B 1 14 ? 2.020   0.103   -3.356  1.00 5.72  ? 14  HIS B C   1 
ATOM   443 O  O   . HIS B 1 14 ? 0.976   0.812   -3.298  1.00 6.21  ? 14  HIS B O   1 
ATOM   444 C  CB  A HIS B 1 14 ? 1.826   -2.263  -2.381  0.47 8.81  ? 14  HIS B CB  1 
ATOM   445 C  CB  B HIS B 1 14 ? 2.025   -2.104  -2.279  0.53 7.48  ? 14  HIS B CB  1 
ATOM   446 C  CG  A HIS B 1 14 ? 1.570   -3.717  -2.707  0.47 13.39 ? 14  HIS B CG  1 
ATOM   447 C  CG  B HIS B 1 14 ? 1.634   -3.549  -2.355  0.53 9.14  ? 14  HIS B CG  1 
ATOM   448 N  ND1 A HIS B 1 14 ? 0.862   -4.078  -3.839  0.47 18.27 ? 14  HIS B ND1 1 
ATOM   449 N  ND1 B HIS B 1 14 ? 2.424   -4.639  -2.171  0.53 14.99 ? 14  HIS B ND1 1 
ATOM   450 C  CD2 A HIS B 1 14 ? 1.906   -4.876  -2.117  0.47 11.96 ? 14  HIS B CD2 1 
ATOM   451 C  CD2 B HIS B 1 14 ? 0.438   -4.033  -2.672  0.53 6.59  ? 14  HIS B CD2 1 
ATOM   452 C  CE1 A HIS B 1 14 ? 0.787   -5.409  -3.903  0.47 17.16 ? 14  HIS B CE1 1 
ATOM   453 C  CE1 B HIS B 1 14 ? 1.712   -5.756  -2.342  0.53 10.70 ? 14  HIS B CE1 1 
ATOM   454 N  NE2 A HIS B 1 14 ? 1.417   -5.923  -2.854  0.47 15.89 ? 14  HIS B NE2 1 
ATOM   455 N  NE2 B HIS B 1 14 ? 0.480   -5.425  -2.660  0.53 11.49 ? 14  HIS B NE2 1 
ATOM   456 N  N   . LEU B 1 15 ? 3.215   0.619   -3.117  1.00 5.37  ? 15  LEU B N   1 
ATOM   457 C  CA  . LEU B 1 15 ? 3.368   2.057   -2.887  1.00 5.31  ? 15  LEU B CA  1 
ATOM   458 C  C   . LEU B 1 15 ? 2.906   2.826   -4.115  1.00 5.04  ? 15  LEU B C   1 
ATOM   459 O  O   . LEU B 1 15 ? 2.224   3.859   -3.986  1.00 5.55  ? 15  LEU B O   1 
ATOM   460 C  CB  . LEU B 1 15 ? 4.815   2.408   -2.510  1.00 5.51  ? 15  LEU B CB  1 
ATOM   461 C  CG  . LEU B 1 15 ? 5.252   1.895   -1.128  1.00 6.99  ? 15  LEU B CG  1 
ATOM   462 C  CD1 . LEU B 1 15 ? 6.749   2.032   -0.959  1.00 8.22  ? 15  LEU B CD1 1 
ATOM   463 C  CD2 . LEU B 1 15 ? 4.508   2.599   -0.010  1.00 9.74  ? 15  LEU B CD2 1 
ATOM   464 N  N   . ASN B 1 16 ? 3.284   2.373   -5.302  1.00 5.25  ? 16  ASN B N   1 
ATOM   465 C  CA  . ASN B 1 16 ? 2.822   3.026   -6.537  1.00 4.71  ? 16  ASN B CA  1 
ATOM   466 C  C   . ASN B 1 16 ? 1.295   3.044   -6.628  1.00 5.13  ? 16  ASN B C   1 
ATOM   467 O  O   . ASN B 1 16 ? 0.700   4.058   -7.011  1.00 5.32  ? 16  ASN B O   1 
ATOM   468 C  CB  . ASN B 1 16 ? 3.437   2.367   -7.762  1.00 5.56  ? 16  ASN B CB  1 
ATOM   469 C  CG  . ASN B 1 16 ? 4.867   2.787   -8.074  1.00 6.28  ? 16  ASN B CG  1 
ATOM   470 O  OD1 . ASN B 1 16 ? 5.477   3.632   -7.392  1.00 8.99  ? 16  ASN B OD1 1 
ATOM   471 N  ND2 . ASN B 1 16 ? 5.357   2.196   -9.136  1.00 7.86  ? 16  ASN B ND2 1 
ATOM   472 N  N   . SER B 1 17 ? 0.627   1.940   -6.244  1.00 5.83  ? 17  SER B N   1 
ATOM   473 C  CA  . SER B 1 17 ? -0.820  1.924   -6.254  1.00 6.34  ? 17  SER B CA  1 
ATOM   474 C  C   . SER B 1 17 ? -1.378  2.954   -5.279  1.00 5.88  ? 17  SER B C   1 
ATOM   475 O  O   . SER B 1 17 ? -2.355  3.654   -5.563  1.00 7.07  ? 17  SER B O   1 
ATOM   476 C  CB  A SER B 1 17 ? -1.327  0.530   -5.806  0.47 9.06  ? 17  SER B CB  1 
ATOM   477 C  CB  B SER B 1 17 ? -1.363  0.536   -5.864  0.30 7.17  ? 17  SER B CB  1 
ATOM   478 C  CB  C SER B 1 17 ? -1.269  0.483   -5.933  0.27 6.57  ? 17  SER B CB  1 
ATOM   479 O  OG  A SER B 1 17 ? -1.219  0.282   -4.417  0.47 16.74 ? 17  SER B OG  1 
ATOM   480 O  OG  B SER B 1 17 ? -2.782  0.585   -5.872  0.30 7.24  ? 17  SER B OG  1 
ATOM   481 O  OG  C SER B 1 17 ? -0.862  -0.446  -6.944  0.27 5.04  ? 17  SER B OG  1 
ATOM   482 N  N   . MET B 1 18 ? -0.769  3.050   -4.085  1.00 6.17  ? 18  MET B N   1 
ATOM   483 C  CA  . MET B 1 18 ? -1.225  4.016   -3.099  1.00 6.56  ? 18  MET B CA  1 
ATOM   484 C  C   . MET B 1 18 ? -1.017  5.463   -3.579  1.00 5.03  ? 18  MET B C   1 
ATOM   485 O  O   . MET B 1 18 ? -1.881  6.321   -3.275  1.00 5.89  ? 18  MET B O   1 
ATOM   486 C  CB  A MET B 1 18 ? -0.461  3.856   -1.766  0.47 8.13  ? 18  MET B CB  1 
ATOM   487 C  CB  B MET B 1 18 ? -0.603  3.670   -1.745  0.53 8.19  ? 18  MET B CB  1 
ATOM   488 C  CG  A MET B 1 18 ? -0.656  2.572   -1.011  0.47 6.64  ? 18  MET B CG  1 
ATOM   489 C  CG  B MET B 1 18 ? -1.205  2.307   -1.371  0.53 9.97  ? 18  MET B CG  1 
ATOM   490 S  SD  A MET B 1 18 ? -2.384  2.288   -0.611  0.47 8.45  ? 18  MET B SD  1 
ATOM   491 S  SD  B MET B 1 18 ? -0.580  1.828   0.234   0.53 19.64 ? 18  MET B SD  1 
ATOM   492 C  CE  A MET B 1 18 ? -2.783  3.630   0.444   0.47 20.06 ? 18  MET B CE  1 
ATOM   493 C  CE  B MET B 1 18 ? 0.901   2.814   0.329   0.53 30.00 ? 18  MET B CE  1 
ATOM   494 N  N   . GLU B 1 19 ? 0.061   5.722   -4.327  1.00 4.81  ? 19  GLU B N   1 
ATOM   495 C  CA  . GLU B 1 19 ? 0.216   7.039   -4.926  1.00 4.19  ? 19  GLU B CA  1 
ATOM   496 C  C   . GLU B 1 19 ? -0.960  7.367   -5.837  1.00 4.09  ? 19  GLU B C   1 
ATOM   497 O  O   . GLU B 1 19 ? -1.454  8.524   -5.861  1.00 4.44  ? 19  GLU B O   1 
ATOM   498 C  CB  . GLU B 1 19 ? 1.525   7.112   -5.735  1.00 4.56  ? 19  GLU B CB  1 
ATOM   499 C  CG  . GLU B 1 19 ? 2.798   6.996   -4.918  1.00 4.46  ? 19  GLU B CG  1 
ATOM   500 C  CD  . GLU B 1 19 ? 3.995   6.724   -5.799  1.00 5.54  ? 19  GLU B CD  1 
ATOM   501 O  OE1 . GLU B 1 19 ? 4.004   7.206   -6.956  1.00 6.33  ? 19  GLU B OE1 1 
ATOM   502 O  OE2 . GLU B 1 19 ? 4.944   6.046   -5.364  1.00 14.27 ? 19  GLU B OE2 1 
ATOM   503 N  N   . ARG B 1 20 ? -1.397  6.386   -6.619  1.00 4.01  ? 20  ARG B N   1 
ATOM   504 C  CA  . ARG B 1 20 ? -2.520  6.628   -7.541  1.00 4.30  ? 20  ARG B CA  1 
ATOM   505 C  C   . ARG B 1 20 ? -3.816  6.847   -6.780  1.00 3.88  ? 20  ARG B C   1 
ATOM   506 O  O   . ARG B 1 20 ? -4.646  7.662   -7.207  1.00 4.61  ? 20  ARG B O   1 
ATOM   507 C  CB  . ARG B 1 20 ? -2.630  5.467   -8.530  1.00 4.88  ? 20  ARG B CB  1 
ATOM   508 C  CG  . ARG B 1 20 ? -1.418  5.468   -9.490  1.00 6.11  ? 20  ARG B CG  1 
ATOM   509 C  CD  . ARG B 1 20 ? -1.518  4.574   -10.678 1.00 7.50  ? 20  ARG B CD  1 
ATOM   510 N  NE  . ARG B 1 20 ? -1.274  3.215   -10.337 1.00 9.92  ? 20  ARG B NE  1 
ATOM   511 C  CZ  . ARG B 1 20 ? -2.109  2.266   -10.041 1.00 10.35 ? 20  ARG B CZ  1 
ATOM   512 N  NH1 . ARG B 1 20 ? -3.396  2.531   -9.984  1.00 14.99 ? 20  ARG B NH1 1 
ATOM   513 N  NH2 . ARG B 1 20 ? -1.583  1.080   -9.778  1.00 17.48 ? 20  ARG B NH2 1 
ATOM   514 N  N   . VAL B 1 21 ? -4.030  6.110   -5.691  1.00 4.19  ? 21  VAL B N   1 
ATOM   515 C  CA  . VAL B 1 21 ? -5.223  6.346   -4.894  1.00 4.77  ? 21  VAL B CA  1 
ATOM   516 C  C   . VAL B 1 21 ? -5.193  7.749   -4.286  1.00 4.31  ? 21  VAL B C   1 
ATOM   517 O  O   . VAL B 1 21 ? -6.225  8.428   -4.204  1.00 4.92  ? 21  VAL B O   1 
ATOM   518 C  CB  . VAL B 1 21 ? -5.381  5.260   -3.823  1.00 6.54  ? 21  VAL B CB  1 
ATOM   519 C  CG1 . VAL B 1 21 ? -6.519  5.586   -2.879  1.00 9.12  ? 21  VAL B CG1 1 
ATOM   520 C  CG2 . VAL B 1 21 ? -5.541  3.907   -4.471  1.00 10.26 ? 21  VAL B CG2 1 
ATOM   521 N  N   . GLU B 1 22 ? -4.014  8.215   -3.835  1.00 4.15  ? 22  GLU B N   1 
ATOM   522 C  CA  . GLU B 1 22 ? -3.877  9.582   -3.293  1.00 4.36  ? 22  GLU B CA  1 
ATOM   523 C  C   . GLU B 1 22 ? -4.036  10.633  -4.388  1.00 3.93  ? 22  GLU B C   1 
ATOM   524 O  O   . GLU B 1 22 ? -4.637  11.702  -4.129  1.00 4.86  ? 22  GLU B O   1 
ATOM   525 C  CB  A GLU B 1 22 ? -2.509  9.703   -2.605  0.47 4.98  ? 22  GLU B CB  1 
ATOM   526 C  CB  B GLU B 1 22 ? -2.550  9.747   -2.544  0.30 4.29  ? 22  GLU B CB  1 
ATOM   527 C  CB  C GLU B 1 22 ? -2.593  9.698   -2.466  0.27 5.34  ? 22  GLU B CB  1 
ATOM   528 C  CG  A GLU B 1 22 ? -2.187  11.097  -2.083  0.47 5.90  ? 22  GLU B CG  1 
ATOM   529 C  CG  B GLU B 1 22 ? -2.517  11.108  -1.855  0.30 3.44  ? 22  GLU B CG  1 
ATOM   530 C  CG  C GLU B 1 22 ? -2.550  9.029   -1.115  0.27 12.44 ? 22  GLU B CG  1 
ATOM   531 C  CD  A GLU B 1 22 ? -3.026  11.480  -0.898  0.47 7.96  ? 22  GLU B CD  1 
ATOM   532 C  CD  B GLU B 1 22 ? -1.577  11.162  -0.683  0.30 3.73  ? 22  GLU B CD  1 
ATOM   533 C  CD  C GLU B 1 22 ? -3.622  9.205   -0.082  0.27 17.05 ? 22  GLU B CD  1 
ATOM   534 O  OE1 A GLU B 1 22 ? -3.970  10.771  -0.518  0.47 7.21  ? 22  GLU B OE1 1 
ATOM   535 O  OE1 B GLU B 1 22 ? -0.456  10.591  -0.788  0.30 4.54  ? 22  GLU B OE1 1 
ATOM   536 O  OE1 C GLU B 1 22 ? -4.401  10.170  -0.057  0.27 12.95 ? 22  GLU B OE1 1 
ATOM   537 O  OE2 A GLU B 1 22 ? -2.657  12.531  -0.358  0.47 12.39 ? 22  GLU B OE2 1 
ATOM   538 O  OE2 B GLU B 1 22 ? -1.905  11.795  0.337   0.30 6.76  ? 22  GLU B OE2 1 
ATOM   539 O  OE2 C GLU B 1 22 ? -3.826  8.363   0.804   0.27 16.03 ? 22  GLU B OE2 1 
ATOM   540 N  N   . TRP B 1 23 ? -3.563  10.354  -5.578  1.00 4.19  ? 23  TRP B N   1 
ATOM   541 C  CA  . TRP B 1 23 ? -3.862  11.213  -6.741  1.00 4.11  ? 23  TRP B CA  1 
ATOM   542 C  C   . TRP B 1 23 ? -5.387  11.399  -6.864  1.00 3.61  ? 23  TRP B C   1 
ATOM   543 O  O   . TRP B 1 23 ? -5.899  12.522  -6.997  1.00 4.33  ? 23  TRP B O   1 
ATOM   544 C  CB  . TRP B 1 23 ? -3.267  10.604  -8.011  1.00 4.87  ? 23  TRP B CB  1 
ATOM   545 C  CG  . TRP B 1 23 ? -3.733  11.293  -9.250  1.00 5.08  ? 23  TRP B CG  1 
ATOM   546 C  CD1 . TRP B 1 23 ? -3.192  12.447  -9.761  1.00 6.84  ? 23  TRP B CD1 1 
ATOM   547 C  CD2 . TRP B 1 23 ? -4.787  10.921  -10.145 1.00 5.61  ? 23  TRP B CD2 1 
ATOM   548 N  NE1 . TRP B 1 23 ? -3.848  12.810  -10.915 1.00 8.15  ? 23  TRP B NE1 1 
ATOM   549 C  CE2 . TRP B 1 23 ? -4.841  11.895  -11.176 1.00 6.59  ? 23  TRP B CE2 1 
ATOM   550 C  CE3 . TRP B 1 23 ? -5.713  9.846   -10.186 1.00 6.14  ? 23  TRP B CE3 1 
ATOM   551 C  CZ2 . TRP B 1 23 ? -5.773  11.792  -12.192 1.00 8.66  ? 23  TRP B CZ2 1 
ATOM   552 C  CZ3 . TRP B 1 23 ? -6.630  9.788   -11.215 1.00 7.74  ? 23  TRP B CZ3 1 
ATOM   553 C  CH2 . TRP B 1 23 ? -6.653  10.773  -12.206 1.00 8.87  ? 23  TRP B CH2 1 
ATOM   554 N  N   . LEU B 1 24 ? -6.104  10.274  -6.845  1.00 3.77  ? 24  LEU B N   1 
ATOM   555 C  CA  . LEU B 1 24 ? -7.564  10.321  -6.972  1.00 3.74  ? 24  LEU B CA  1 
ATOM   556 C  C   . LEU B 1 24 ? -8.169  11.091  -5.810  1.00 3.78  ? 24  LEU B C   1 
ATOM   557 O  O   . LEU B 1 24 ? -9.080  11.913  -6.008  1.00 4.03  ? 24  LEU B O   1 
ATOM   558 C  CB  . LEU B 1 24 ? -8.131  8.903   -7.066  1.00 4.29  ? 24  LEU B CB  1 
ATOM   559 C  CG  . LEU B 1 24 ? -9.674  8.859   -7.131  1.00 5.69  ? 24  LEU B CG  1 
ATOM   560 C  CD1 . LEU B 1 24 ? -10.202 9.516   -8.385  1.00 7.20  ? 24  LEU B CD1 1 
ATOM   561 C  CD2 . LEU B 1 24 ? -10.150 7.418   -7.025  1.00 7.49  ? 24  LEU B CD2 1 
ATOM   562 N  N   . ARG B 1 25 ? -7.722  10.811  -4.594  1.00 3.88  ? 25  ARG B N   1 
ATOM   563 C  CA  . ARG B 1 25 ? -8.278  11.504  -3.430  1.00 4.11  ? 25  ARG B CA  1 
ATOM   564 C  C   . ARG B 1 25 ? -8.211  13.011  -3.613  1.00 3.84  ? 25  ARG B C   1 
ATOM   565 O  O   . ARG B 1 25 ? -9.175  13.748  -3.357  1.00 4.33  ? 25  ARG B O   1 
ATOM   566 C  CB  . ARG B 1 25 ? -7.536  11.105  -2.160  1.00 4.25  ? 25  ARG B CB  1 
ATOM   567 C  CG  . ARG B 1 25 ? -8.142  11.759  -0.915  1.00 5.85  ? 25  ARG B CG  1 
ATOM   568 C  CD  . ARG B 1 25 ? -7.354  11.479  0.383   1.00 6.57  ? 25  ARG B CD  1 
ATOM   569 N  NE  . ARG B 1 25 ? -6.046  12.084  0.423   1.00 9.38  ? 25  ARG B NE  1 
ATOM   570 C  CZ  . ARG B 1 25 ? -5.748  13.342  0.708   1.00 11.83 ? 25  ARG B CZ  1 
ATOM   571 N  NH1 . ARG B 1 25 ? -6.713  14.185  0.996   1.00 13.56 ? 25  ARG B NH1 1 
ATOM   572 N  NH2 . ARG B 1 25 ? -4.501  13.773  0.693   1.00 15.42 ? 25  ARG B NH2 1 
ATOM   573 N  N   . LYS B 1 26 ? -7.031  13.524  -4.058  1.00 4.13  ? 26  LYS B N   1 
ATOM   574 C  CA  . LYS B 1 26 ? -6.899  14.975  -4.225  1.00 4.90  ? 26  LYS B CA  1 
ATOM   575 C  C   . LYS B 1 26 ? -7.736  15.513  -5.376  1.00 4.57  ? 26  LYS B C   1 
ATOM   576 O  O   . LYS B 1 26 ? -8.262  16.635  -5.271  1.00 5.68  ? 26  LYS B O   1 
ATOM   577 C  CB  . LYS B 1 26 ? -5.421  15.355  -4.336  1.00 7.89  ? 26  LYS B CB  1 
ATOM   578 C  CG  . LYS B 1 26 ? -4.679  15.135  -2.986  1.00 12.17 ? 26  LYS B CG  1 
ATOM   579 C  CD  . LYS B 1 26 ? -3.320  15.784  -2.946  1.00 21.90 ? 26  LYS B CD  1 
ATOM   580 C  CE  . LYS B 1 26 ? -3.464  17.301  -2.885  1.00 30.89 ? 26  LYS B CE  1 
ATOM   581 N  NZ  . LYS B 1 26 ? -3.354  17.820  -1.487  1.00 46.28 ? 26  LYS B NZ  1 
ATOM   582 N  N   . LYS B 1 27 ? -7.914  14.755  -6.458  1.00 4.43  ? 27  LYS B N   1 
ATOM   583 C  CA  . LYS B 1 27 ? -8.843  15.147  -7.503  1.00 5.06  ? 27  LYS B CA  1 
ATOM   584 C  C   . LYS B 1 27 ? -10.254 15.305  -6.936  1.00 4.26  ? 27  LYS B C   1 
ATOM   585 O  O   . LYS B 1 27 ? -10.987 16.250  -7.263  1.00 5.41  ? 27  LYS B O   1 
ATOM   586 C  CB  . LYS B 1 27 ? -8.831  14.184  -8.655  1.00 6.49  ? 27  LYS B CB  1 
ATOM   587 C  CG  . LYS B 1 27 ? -7.579  14.110  -9.463  1.00 10.10 ? 27  LYS B CG  1 
ATOM   588 C  CD  . LYS B 1 27 ? -7.333  15.366  -10.243 1.00 15.32 ? 27  LYS B CD  1 
ATOM   589 C  CE  . LYS B 1 27 ? -8.319  15.403  -11.429 1.00 24.07 ? 27  LYS B CE  1 
ATOM   590 N  NZ  . LYS B 1 27 ? -7.658  16.219  -12.513 1.00 38.00 ? 27  LYS B NZ  1 
ATOM   591 N  N   . LEU B 1 28 ? -10.665 14.323  -6.120  1.00 4.11  ? 28  LEU B N   1 
ATOM   592 C  CA  . LEU B 1 28 ? -12.003 14.378  -5.535  1.00 4.44  ? 28  LEU B CA  1 
ATOM   593 C  C   . LEU B 1 28 ? -12.127 15.522  -4.528  1.00 4.39  ? 28  LEU B C   1 
ATOM   594 O  O   . LEU B 1 28 ? -13.185 16.171  -4.445  1.00 5.47  ? 28  LEU B O   1 
ATOM   595 C  CB  . LEU B 1 28 ? -12.362 13.033  -4.915  1.00 4.12  ? 28  LEU B CB  1 
ATOM   596 C  CG  . LEU B 1 28 ? -12.395 11.834  -5.889  1.00 4.26  ? 28  LEU B CG  1 
ATOM   597 C  CD1 . LEU B 1 28 ? -12.857 10.595  -5.166  1.00 5.37  ? 28  LEU B CD1 1 
ATOM   598 C  CD2 . LEU B 1 28 ? -13.257 12.123  -7.100  1.00 5.28  ? 28  LEU B CD2 1 
ATOM   599 N  N   . GLN B 1 29 ? -11.075 15.786  -3.748  1.00 4.46  ? 29  GLN B N   1 
ATOM   600 C  CA  . GLN B 1 29 ? -11.080 16.941  -2.850  1.00 4.70  ? 29  GLN B CA  1 
ATOM   601 C  C   . GLN B 1 29 ? -11.337 18.214  -3.657  1.00 4.90  ? 29  GLN B C   1 
ATOM   602 O  O   . GLN B 1 29 ? -12.129 19.057  -3.231  1.00 5.87  ? 29  GLN B O   1 
ATOM   603 C  CB  . GLN B 1 29 ? -9.744  17.037  -2.110  1.00 5.84  ? 29  GLN B CB  1 
ATOM   604 C  CG  . GLN B 1 29 ? -9.553  16.051  -0.968  1.00 7.70  ? 29  GLN B CG  1 
ATOM   605 C  CD  . GLN B 1 29 ? -10.597 16.195  0.136   1.00 11.27 ? 29  GLN B CD  1 
ATOM   606 O  OE1 . GLN B 1 29 ? -11.521 15.362  0.226   1.00 12.95 ? 29  GLN B OE1 1 
ATOM   607 N  NE2 . GLN B 1 29 ? -10.460 17.201  0.918   1.00 18.27 ? 29  GLN B NE2 1 
ATOM   608 N  N   . ASP B 1 30 ? -10.674 18.369  -4.801  1.00 4.76  ? 30  ASP B N   1 
ATOM   609 C  CA  . ASP B 1 30 ? -10.852 19.569  -5.602  1.00 5.58  ? 30  ASP B CA  1 
ATOM   610 C  C   . ASP B 1 30 ? -12.271 19.666  -6.151  1.00 5.56  ? 30  ASP B C   1 
ATOM   611 O  O   . ASP B 1 30 ? -12.824 20.763  -6.193  1.00 6.21  ? 30  ASP B O   1 
ATOM   612 C  CB  . ASP B 1 30 ? -9.824  19.629  -6.707  1.00 7.62  ? 30  ASP B CB  1 
ATOM   613 C  CG  . ASP B 1 30 ? -8.439  20.035  -6.187  1.00 12.44 ? 30  ASP B CG  1 
ATOM   614 O  OD1 . ASP B 1 30 ? -8.258  20.406  -5.019  1.00 13.82 ? 30  ASP B OD1 1 
ATOM   615 O  OD2 . ASP B 1 30 ? -7.499  20.033  -7.016  1.00 15.89 ? 30  ASP B OD2 1 
ATOM   616 N  N   . VAL B 1 31 ? -12.870 18.566  -6.571  1.00 5.74  ? 31  VAL B N   1 
ATOM   617 C  CA  . VAL B 1 31 ? -14.275 18.591  -7.018  1.00 5.81  ? 31  VAL B CA  1 
ATOM   618 C  C   . VAL B 1 31 ? -15.195 18.999  -5.857  1.00 6.50  ? 31  VAL B C   1 
ATOM   619 O  O   . VAL B 1 31 ? -16.136 19.801  -6.007  1.00 8.10  ? 31  VAL B O   1 
ATOM   620 C  CB  . VAL B 1 31 ? -14.687 17.274  -7.648  1.00 6.94  ? 31  VAL B CB  1 
ATOM   621 C  CG1 . VAL B 1 31 ? -16.201 17.240  -7.956  1.00 8.73  ? 31  VAL B CG1 1 
ATOM   622 C  CG2 . VAL B 1 31 ? -13.922 17.030  -8.933  1.00 7.54  ? 31  VAL B CG2 1 
ATOM   623 N  N   . HIS B 1 32 ? -14.933 18.459  -4.663  1.00 5.91  ? 32  HIS B N   1 
ATOM   624 C  CA  . HIS B 1 32 ? -15.730 18.803  -3.487  1.00 6.63  ? 32  HIS B CA  1 
ATOM   625 C  C   . HIS B 1 32 ? -15.603 20.265  -3.094  1.00 6.67  ? 32  HIS B C   1 
ATOM   626 O  O   . HIS B 1 32 ? -16.548 20.908  -2.643  1.00 9.07  ? 32  HIS B O   1 
ATOM   627 C  CB  A HIS B 1 32 ? -15.312 17.907  -2.312  0.47 7.06  ? 32  HIS B CB  1 
ATOM   628 C  CB  B HIS B 1 32 ? -15.295 17.939  -2.292  0.53 6.48  ? 32  HIS B CB  1 
ATOM   629 C  CG  A HIS B 1 32 ? -15.912 18.248  -0.982  0.47 8.76  ? 32  HIS B CG  1 
ATOM   630 C  CG  B HIS B 1 32 ? -16.023 18.235  -1.016  0.53 8.98  ? 32  HIS B CG  1 
ATOM   631 N  ND1 A HIS B 1 32 ? -17.272 18.270  -0.754  0.47 10.92 ? 32  HIS B ND1 1 
ATOM   632 N  ND1 B HIS B 1 32 ? -15.487 18.965  0.018   0.53 12.45 ? 32  HIS B ND1 1 
ATOM   633 C  CD2 A HIS B 1 32 ? -15.306 18.560  0.194   0.47 8.88  ? 32  HIS B CD2 1 
ATOM   634 C  CD2 B HIS B 1 32 ? -17.256 17.865  -0.603  0.53 11.90 ? 32  HIS B CD2 1 
ATOM   635 C  CE1 A HIS B 1 32 ? -17.478 18.597  0.508   0.47 13.83 ? 32  HIS B CE1 1 
ATOM   636 C  CE1 B HIS B 1 32 ? -16.367 19.051  1.004   0.53 14.31 ? 32  HIS B CE1 1 
ATOM   637 N  NE2 A HIS B 1 32 ? -16.306 18.782  1.113   0.47 11.17 ? 32  HIS B NE2 1 
ATOM   638 N  NE2 B HIS B 1 32 ? -17.464 18.381  0.647   0.53 14.99 ? 32  HIS B NE2 1 
ATOM   639 N  N   . ASN B 1 33 ? -14.397 20.830  -3.217  1.00 7.30  ? 33  ASN B N   1 
ATOM   640 C  CA  . ASN B 1 33 ? -14.105 22.134  -2.660  1.00 9.01  ? 33  ASN B CA  1 
ATOM   641 C  C   . ASN B 1 33 ? -14.185 23.313  -3.578  1.00 11.68 ? 33  ASN B C   1 
ATOM   642 O  O   . ASN B 1 33 ? -14.214 24.452  -3.139  1.00 13.49 ? 33  ASN B O   1 
ATOM   643 C  CB  . ASN B 1 33 ? -12.654 22.118  -2.084  1.00 11.64 ? 33  ASN B CB  1 
ATOM   644 C  CG  . ASN B 1 33 ? -12.569 21.448  -0.747  1.00 13.84 ? 33  ASN B CG  1 
ATOM   645 O  OD1 . ASN B 1 33 ? -13.470 21.507  0.083   1.00 16.98 ? 33  ASN B OD1 1 
ATOM   646 N  ND2 . ASN B 1 33 ? -11.419 20.800  -0.536  1.00 21.61 ? 33  ASN B ND2 1 
ATOM   647 N  N   . PHE B 1 34 ? -14.128 23.082  -4.849  1.00 8.93  ? 34  PHE B N   1 
ATOM   648 C  CA  . PHE B 1 34 ? -14.078 24.160  -5.830  1.00 9.30  ? 34  PHE B CA  1 
ATOM   649 C  C   . PHE B 1 34 ? -15.194 24.024  -6.854  1.00 10.94 ? 34  PHE B C   1 
ATOM   650 O  O   . PHE B 1 34 ? -16.233 23.384  -6.586  1.00 16.46 ? 34  PHE B O   1 
ATOM   651 C  CB  . PHE B 1 34 ? -12.656 24.247  -6.491  1.00 8.79  ? 34  PHE B CB  1 
ATOM   652 C  CG  . PHE B 1 34 ? -11.606 24.582  -5.470  1.00 8.79  ? 34  PHE B CG  1 
ATOM   653 C  CD1 . PHE B 1 34 ? -11.429 25.860  -4.981  1.00 10.80 ? 34  PHE B CD1 1 
ATOM   654 C  CD2 . PHE B 1 34 ? -10.747 23.626  -4.951  1.00 9.65  ? 34  PHE B CD2 1 
ATOM   655 C  CE1 . PHE B 1 34 ? -10.512 26.163  -4.025  1.00 11.70 ? 34  PHE B CE1 1 
ATOM   656 C  CE2 . PHE B 1 34 ? -9.833  23.906  -3.988  1.00 11.63 ? 34  PHE B CE2 1 
ATOM   657 C  CZ  . PHE B 1 34 ? -9.634  25.189  -3.529  1.00 13.48 ? 34  PHE B CZ  1 
ATOM   658 O  OXT . PHE B 1 34 ? -15.049 24.664  -7.918  1.00 14.99 ? 34  PHE B OXT 1 
HETATM 659 NA NA  . NA  C 2 .  ? 17.773  -10.445 -1.804  1.00 24.87 ? 101 NA  A NA  1 
HETATM 660 NA NA  . NA  D 2 .  ? -19.541 1.843   -6.628  1.00 28.09 ? 102 NA  B NA  1 
HETATM 661 O  O   . HOH E 3 .  ? -9.966  -6.591  -5.592  1.00 17.79 ? 102 HOH A O   1 
HETATM 662 O  O   . HOH E 3 .  ? 12.412  -3.495  18.681  1.00 18.86 ? 103 HOH A O   1 
HETATM 663 O  O   . HOH E 3 .  ? 11.831  -11.062 16.001  1.00 14.47 ? 104 HOH A O   1 
HETATM 664 O  O   . HOH E 3 .  ? 4.289   2.248   8.639   1.00 27.64 ? 105 HOH A O   1 
HETATM 665 O  O   . HOH E 3 .  ? -18.504 6.119   -7.901  1.00 45.59 ? 106 HOH A O   1 
HETATM 666 O  O   . HOH E 3 .  ? 21.379  -7.805  15.687  1.00 59.70 ? 107 HOH A O   1 
HETATM 667 O  O   . HOH E 3 .  ? 20.713  -6.841  19.643  1.00 21.27 ? 108 HOH A O   1 
HETATM 668 O  O   . HOH E 3 .  ? -15.922 -0.192  1.245   1.00 35.28 ? 109 HOH A O   1 
HETATM 669 O  O   . HOH E 3 .  ? 4.770   -0.474  5.102   1.00 29.91 ? 110 HOH A O   1 
HETATM 670 O  O   . HOH E 3 .  ? 21.070  -3.492  18.643  1.00 35.23 ? 111 HOH A O   1 
HETATM 671 O  O   . HOH E 3 .  ? -4.913  1.210   8.845   1.00 45.01 ? 112 HOH A O   1 
HETATM 672 O  O   . HOH E 3 .  ? 20.726  -0.924  17.955  1.00 40.72 ? 113 HOH A O   1 
HETATM 673 O  O   . HOH E 3 .  ? 8.623   1.182   16.016  1.00 20.84 ? 114 HOH A O   1 
HETATM 674 O  O   . HOH E 3 .  ? 17.631  -7.683  11.553  1.00 15.32 ? 115 HOH A O   1 
HETATM 675 O  O   . HOH E 3 .  ? 0.204   -0.553  7.425   1.00 29.43 ? 116 HOH A O   1 
HETATM 676 O  O   . HOH E 3 .  ? 19.798  -9.023  11.134  1.00 32.83 ? 117 HOH A O   1 
HETATM 677 O  O   . HOH E 3 .  ? -2.885  -8.329  0.339   1.00 19.66 ? 118 HOH A O   1 
HETATM 678 O  O   . HOH E 3 .  ? 9.730   -10.248 17.609  1.00 25.33 ? 119 HOH A O   1 
HETATM 679 O  O   . HOH E 3 .  ? 14.741  0.978   17.922  1.00 27.56 ? 120 HOH A O   1 
HETATM 680 O  O   . HOH E 3 .  ? 24.086  -9.898  18.074  1.00 44.99 ? 121 HOH A O   1 
HETATM 681 O  O   . HOH E 3 .  ? 6.591   1.579   15.036  1.00 28.21 ? 122 HOH A O   1 
HETATM 682 O  O   . HOH E 3 .  ? 23.807  -1.625  11.583  1.00 28.02 ? 123 HOH A O   1 
HETATM 683 O  O   . HOH E 3 .  ? 15.730  2.018   15.025  1.00 50.23 ? 124 HOH A O   1 
HETATM 684 O  O   . HOH E 3 .  ? -18.193 3.000   -11.987 1.00 42.08 ? 125 HOH A O   1 
HETATM 685 O  O   . HOH E 3 .  ? -1.160  1.151   6.734   1.00 62.56 ? 126 HOH A O   1 
HETATM 686 O  O   . HOH E 3 .  ? 23.341  -7.368  19.768  1.00 30.26 ? 127 HOH A O   1 
HETATM 687 O  O   . HOH E 3 .  ? -14.726 -5.602  -14.097 1.00 33.47 ? 128 HOH A O   1 
HETATM 688 O  O   . HOH E 3 .  ? 7.658   -10.725 19.750  1.00 33.82 ? 129 HOH A O   1 
HETATM 689 O  O   . HOH E 3 .  ? -17.738 -0.557  -13.280 1.00 24.34 ? 130 HOH A O   1 
HETATM 690 O  O   . HOH E 3 .  ? -13.752 -5.917  -6.827  1.00 24.33 ? 131 HOH A O   1 
HETATM 691 O  O   . HOH E 3 .  ? 3.785   -5.005  -0.053  1.00 40.12 ? 132 HOH A O   1 
HETATM 692 O  O   . HOH E 3 .  ? 3.128   1.092   13.550  1.00 44.43 ? 133 HOH A O   1 
HETATM 693 O  O   . HOH E 3 .  ? 12.386  -15.787 14.655  1.00 52.63 ? 134 HOH A O   1 
HETATM 694 O  O   . HOH E 3 .  ? 17.324  0.839   17.813  1.00 38.56 ? 135 HOH A O   1 
HETATM 695 O  O   . HOH E 3 .  ? 21.553  -5.812  13.657  1.00 20.66 ? 136 HOH A O   1 
HETATM 696 O  O   . HOH E 3 .  ? 7.321   -0.539  6.064   1.00 17.81 ? 137 HOH A O   1 
HETATM 697 O  O   . HOH E 3 .  ? -20.114 3.346   -14.966 1.00 45.96 ? 138 HOH A O   1 
HETATM 698 O  O   . HOH E 3 .  ? 10.493  -11.941 18.963  1.00 54.26 ? 139 HOH A O   1 
HETATM 699 O  O   . HOH E 3 .  ? -14.931 -4.835  -11.044 1.00 45.76 ? 140 HOH A O   1 
HETATM 700 O  O   . HOH F 3 .  ? 13.084  2.498   1.476   1.00 12.28 ? 103 HOH B O   1 
HETATM 701 O  O   . HOH F 3 .  ? -0.167  14.233  -3.823  1.00 14.84 ? 104 HOH B O   1 
HETATM 702 O  O   . HOH F 3 .  ? -4.190  14.773  -7.568  1.00 14.59 ? 105 HOH B O   1 
HETATM 703 O  O   . HOH F 3 .  ? 17.269  -14.444 -9.217  1.00 15.45 ? 106 HOH B O   1 
HETATM 704 O  O   . HOH F 3 .  ? -1.797  14.735  -6.806  1.00 17.00 ? 107 HOH B O   1 
HETATM 705 O  O   . HOH F 3 .  ? 1.279   -0.523  -8.869  1.00 17.67 ? 108 HOH B O   1 
HETATM 706 O  O   . HOH F 3 .  ? 14.655  1.230   -3.734  1.00 31.75 ? 109 HOH B O   1 
HETATM 707 O  O   . HOH F 3 .  ? 7.621   1.475   -13.043 1.00 19.17 ? 110 HOH B O   1 
HETATM 708 O  O   . HOH F 3 .  ? 7.235   -7.843  -7.922  1.00 19.15 ? 111 HOH B O   1 
HETATM 709 O  O   . HOH F 3 .  ? 3.425   0.766   -10.729 1.00 18.75 ? 112 HOH B O   1 
HETATM 710 O  O   . HOH F 3 .  ? -2.432  13.640  -4.917  1.00 16.03 ? 113 HOH B O   1 
HETATM 711 O  O   . HOH F 3 .  ? 20.652  -17.377 -0.911  1.00 16.40 ? 114 HOH B O   1 
HETATM 712 O  O   . HOH F 3 .  ? -9.079  20.578  -2.328  1.00 18.34 ? 115 HOH B O   1 
HETATM 713 O  O   . HOH F 3 .  ? 15.456  -4.253  -8.356  1.00 28.38 ? 116 HOH B O   1 
HETATM 714 O  O   . HOH F 3 .  ? 14.051  -18.479 -5.321  1.00 23.26 ? 117 HOH B O   1 
HETATM 715 O  O   . HOH F 3 .  ? 7.270   5.595   2.480   1.00 23.02 ? 118 HOH B O   1 
HETATM 716 O  O   . HOH F 3 .  ? 0.300   0.944   -13.257 1.00 23.76 ? 119 HOH B O   1 
HETATM 717 O  O   . HOH F 3 .  ? -5.806  20.054  -11.583 1.00 41.60 ? 120 HOH B O   1 
HETATM 718 O  O   . HOH F 3 .  ? -3.818  16.307  4.814   1.00 20.93 ? 121 HOH B O   1 
HETATM 719 O  O   . HOH F 3 .  ? 5.552   -6.451  -0.183  1.00 24.35 ? 122 HOH B O   1 
HETATM 720 O  O   . HOH F 3 .  ? -10.429 20.388  2.197   1.00 32.39 ? 123 HOH B O   1 
HETATM 721 O  O   . HOH F 3 .  ? 12.357  0.718   -3.371  1.00 42.66 ? 124 HOH B O   1 
HETATM 722 O  O   . HOH F 3 .  ? 17.492  -11.143 2.990   1.00 33.33 ? 125 HOH B O   1 
HETATM 723 O  O   . HOH F 3 .  ? 14.345  -16.650 -3.040  1.00 33.89 ? 126 HOH B O   1 
HETATM 724 O  O   . HOH F 3 .  ? 3.955   -8.858  -0.006  1.00 35.46 ? 127 HOH B O   1 
HETATM 725 O  O   . HOH F 3 .  ? 4.769   -0.162  -12.964 1.00 56.92 ? 128 HOH B O   1 
HETATM 726 O  O   . HOH F 3 .  ? 16.793  -14.431 5.984   1.00 20.48 ? 129 HOH B O   1 
HETATM 727 O  O   . HOH F 3 .  ? -12.580 18.284  2.715   1.00 51.35 ? 130 HOH B O   1 
HETATM 728 O  O   . HOH F 3 .  ? 8.481   -6.025  -9.113  1.00 32.61 ? 131 HOH B O   1 
HETATM 729 O  O   . HOH F 3 .  ? 10.474  -16.226 -0.891  1.00 33.95 ? 132 HOH B O   1 
HETATM 730 O  O   . HOH F 3 .  ? 1.435   2.415   -11.221 1.00 16.78 ? 133 HOH B O   1 
HETATM 731 O  O   . HOH F 3 .  ? 24.256  -18.721 -2.771  1.00 38.03 ? 134 HOH B O   1 
HETATM 732 O  O   . HOH F 3 .  ? 19.710  -17.149 2.528   1.00 13.05 ? 135 HOH B O   1 
HETATM 733 O  O   . HOH F 3 .  ? 1.654   -9.272  -1.988  1.00 15.41 ? 136 HOH B O   1 
HETATM 734 O  O   . HOH F 3 .  ? 3.761   -9.154  -10.649 1.00 17.81 ? 137 HOH B O   1 
HETATM 735 O  O   . HOH F 3 .  ? 12.241  2.930   -2.147  1.00 48.02 ? 138 HOH B O   1 
HETATM 736 O  O   . HOH F 3 .  ? -18.482 24.884  -7.404  1.00 53.44 ? 139 HOH B O   1 
HETATM 737 O  O   . HOH F 3 .  ? -5.629  0.516   -7.810  1.00 45.84 ? 140 HOH B O   1 
HETATM 738 O  O   . HOH F 3 .  ? -5.114  11.196  -14.918 1.00 49.35 ? 141 HOH B O   1 
HETATM 739 O  O   . HOH F 3 .  ? -15.481 19.742  3.692   1.00 22.91 ? 142 HOH B O   1 
HETATM 740 O  O   . HOH F 3 .  ? -18.651 21.282  -0.334  1.00 43.53 ? 143 HOH B O   1 
HETATM 741 O  O   . HOH F 3 .  ? 16.962  -14.134 1.022   1.00 32.94 ? 144 HOH B O   1 
HETATM 742 O  O   . HOH F 3 .  ? -3.527  23.960  -14.552 1.00 42.94 ? 145 HOH B O   1 
HETATM 743 O  O   . HOH F 3 .  ? -7.287  17.890  0.926   1.00 53.10 ? 146 HOH B O   1 
HETATM 744 O  O   . HOH F 3 .  ? 24.832  -16.569 -2.247  1.00 32.59 ? 147 HOH B O   1 
HETATM 745 O  O   . HOH F 3 .  ? 18.244  -20.501 1.498   1.00 42.50 ? 148 HOH B O   1 
HETATM 746 O  O   . HOH F 3 .  ? -21.477 17.148  -1.429  1.00 34.67 ? 149 HOH B O   1 
HETATM 747 O  O   . HOH F 3 .  ? 1.090   7.267   -1.088  1.00 26.08 ? 150 HOH B O   1 
HETATM 748 O  O   . HOH F 3 .  ? 2.510   -7.038  -5.460  1.00 39.32 ? 151 HOH B O   1 
HETATM 749 O  O   . HOH F 3 .  ? -5.369  19.057  -5.523  1.00 52.05 ? 152 HOH B O   1 
HETATM 750 O  O   . HOH F 3 .  ? -7.995  18.782  -9.384  1.00 47.14 ? 153 HOH B O   1 
HETATM 751 O  O   . HOH F 3 .  ? 3.879   -3.802  -12.078 1.00 56.78 ? 154 HOH B O   1 
HETATM 752 O  O   . HOH F 3 .  ? 13.179  -14.464 -8.431  1.00 60.07 ? 155 HOH B O   1 
HETATM 753 O  O   . HOH F 3 .  ? 13.271  -0.249  -5.244  1.00 56.44 ? 156 HOH B O   1 
HETATM 754 O  O   . HOH F 3 .  ? 3.199   6.429   -0.728  1.00 38.83 ? 157 HOH B O   1 
HETATM 755 O  O   . HOH F 3 .  ? 7.285   7.690   -0.615  1.00 49.82 ? 158 HOH B O   1 
HETATM 756 O  O   . HOH F 3 .  ? -20.739 19.522  -0.591  1.00 34.74 ? 159 HOH B O   1 
HETATM 757 O  O   . HOH F 3 .  ? 10.729  -1.244  -4.822  1.00 17.41 ? 160 HOH B O   1 
HETATM 758 O  O   . HOH F 3 .  ? 10.567  1.215   -2.035  1.00 35.61 ? 161 HOH B O   1 
HETATM 759 O  O   . HOH F 3 .  ? 0.020   -2.677  -9.301  1.00 43.42 ? 162 HOH B O   1 
HETATM 760 O  O   . HOH F 3 .  ? 5.350   -2.255  -13.729 1.00 60.00 ? 163 HOH B O   1 
HETATM 761 O  O   . HOH F 3 .  ? -1.815  -6.959  -2.626  1.00 62.16 ? 164 HOH B O   1 
HETATM 762 O  O   . HOH F 3 .  ? 22.963  -17.238 -1.124  1.00 26.87 ? 165 HOH B O   1 
HETATM 763 O  O   . HOH F 3 .  ? 5.463   -6.072  -13.641 1.00 56.15 ? 166 HOH B O   1 
HETATM 764 O  O   . HOH F 3 .  ? -6.145  18.129  -1.676  1.00 38.93 ? 167 HOH B O   1 
# 
loop_
_atom_site_anisotrop.id 
_atom_site_anisotrop.type_symbol 
_atom_site_anisotrop.pdbx_label_atom_id 
_atom_site_anisotrop.pdbx_label_alt_id 
_atom_site_anisotrop.pdbx_label_comp_id 
_atom_site_anisotrop.pdbx_label_asym_id 
_atom_site_anisotrop.pdbx_label_seq_id 
_atom_site_anisotrop.pdbx_PDB_ins_code 
_atom_site_anisotrop.U[1][1] 
_atom_site_anisotrop.U[2][2] 
_atom_site_anisotrop.U[3][3] 
_atom_site_anisotrop.U[1][2] 
_atom_site_anisotrop.U[1][3] 
_atom_site_anisotrop.U[2][3] 
_atom_site_anisotrop.pdbx_auth_seq_id 
_atom_site_anisotrop.pdbx_auth_comp_id 
_atom_site_anisotrop.pdbx_auth_asym_id 
_atom_site_anisotrop.pdbx_auth_atom_id 
1   N  N   . SER A 1  ? 0.6584 0.3278 0.8725 0.2843  0.2837  -0.0005 1   SER A N   
2   C  CA  . SER A 1  ? 0.2605 0.1178 0.3688 -0.0010 0.0217  0.0771  1   SER A CA  
3   C  C   . SER A 1  ? 0.1384 0.2429 0.1744 -0.0741 0.0085  -0.0893 1   SER A C   
4   O  O   . SER A 1  ? 0.3082 0.7528 0.2000 0.0007  0.1702  -0.0390 1   SER A O   
5   C  CB  . SER A 1  ? 0.2902 0.1279 0.2974 -0.0855 -0.0311 0.0315  1   SER A CB  
6   O  OG  . SER A 1  ? 0.9434 0.6320 0.4054 0.2995  0.1677  -0.1724 1   SER A OG  
7   N  N   . VAL A 2  ? 0.1539 0.2704 0.0644 -0.0269 -0.0401 -0.0179 2   VAL A N   
8   C  CA  . VAL A 2  ? 0.2298 0.3102 0.0963 -0.0987 -0.0923 0.0376  2   VAL A CA  
9   C  C   . VAL A 2  ? 0.2286 0.1665 0.1229 -0.0614 -0.1312 0.0464  2   VAL A C   
10  O  O   . VAL A 2  ? 0.2582 0.1528 0.1597 -0.0847 -0.1501 0.0723  2   VAL A O   
11  C  CB  . VAL A 2  ? 0.2944 0.3038 0.4003 -0.1629 -0.2806 0.1216  2   VAL A CB  
12  C  CG1 . VAL A 2  ? 0.3242 0.4539 0.6728 -0.2375 -0.2035 -0.0945 2   VAL A CG1 
13  C  CG2 . VAL A 2  ? 0.2818 0.1580 0.5845 0.0415  -0.2700 -0.0469 2   VAL A CG2 
14  N  N   . SER A 3  ? 0.1951 0.1696 0.1679 -0.0287 -0.1286 0.0765  3   SER A N   
15  C  CA  . SER A 3  ? 0.1574 0.2011 0.1206 0.0091  -0.0642 0.0802  3   SER A CA  
16  C  C   . SER A 3  ? 0.1294 0.1505 0.1394 -0.0148 -0.0644 0.0511  3   SER A C   
17  O  O   . SER A 3  ? 0.1292 0.1866 0.1685 -0.0191 -0.0790 0.0914  3   SER A O   
18  C  CB  A SER A 3  ? 0.1502 0.1762 0.1468 0.0161  -0.0529 0.0689  3   SER A CB  
19  C  CB  B SER A 3  ? 0.1766 0.2066 0.1884 0.0155  -0.0599 0.1170  3   SER A CB  
20  O  OG  A SER A 3  ? 0.1185 0.2077 0.1342 -0.0055 -0.0430 0.1013  3   SER A OG  
21  O  OG  B SER A 3  ? 0.1960 0.2296 0.3583 0.0403  -0.0071 0.1403  3   SER A OG  
22  N  N   . GLU A 4  ? 0.1150 0.1028 0.1385 -0.0396 -0.0719 0.0649  4   GLU A N   
23  C  CA  . GLU A 4  ? 0.0900 0.1196 0.1348 -0.0348 -0.0604 0.0584  4   GLU A CA  
24  C  C   . GLU A 4  ? 0.0934 0.1038 0.1106 -0.0279 -0.0519 0.0325  4   GLU A C   
25  O  O   . GLU A 4  ? 0.0759 0.1222 0.0992 -0.0092 -0.0348 0.0362  4   GLU A O   
26  C  CB  . GLU A 4  ? 0.1464 0.1122 0.1879 -0.0209 -0.1027 0.0139  4   GLU A CB  
27  C  CG  . GLU A 4  ? 0.1463 0.1274 0.1046 0.0304  -0.0149 0.0343  4   GLU A CG  
28  C  CD  . GLU A 4  ? 0.0933 0.2267 0.0857 -0.0338 -0.0006 -0.0616 4   GLU A CD  
29  O  OE1 . GLU A 4  ? 0.1453 0.2895 0.0949 -0.0932 -0.0352 0.0659  4   GLU A OE1 
30  O  OE2 . GLU A 4  ? 0.1161 0.1772 0.1216 0.0291  -0.0170 -0.0058 4   GLU A OE2 
31  N  N   . ILE A 5  ? 0.1114 0.1053 0.1900 -0.0308 -0.0884 0.0611  5   ILE A N   
32  C  CA  . ILE A 5  ? 0.1037 0.0954 0.1957 -0.0221 -0.0648 0.0550  5   ILE A CA  
33  C  C   . ILE A 5  ? 0.0939 0.1162 0.1373 -0.0301 -0.0722 0.0531  5   ILE A C   
34  O  O   . ILE A 5  ? 0.1010 0.1187 0.1450 -0.0382 -0.0676 0.0770  5   ILE A O   
35  C  CB  . ILE A 5  ? 0.0946 0.0815 0.1798 -0.0069 -0.0151 0.0178  5   ILE A CB  
36  C  CG1 . ILE A 5  ? 0.0927 0.1675 0.1888 0.0137  -0.0143 0.0744  5   ILE A CG1 
37  C  CG2 . ILE A 5  ? 0.0822 0.1171 0.3826 -0.0133 0.0124  0.1018  5   ILE A CG2 
38  C  CD1 . ILE A 5  ? 0.1030 0.4309 0.2012 -0.0529 -0.0050 -0.0104 5   ILE A CD1 
39  N  N   . GLN A 6  ? 0.1269 0.1250 0.1267 -0.0427 -0.0765 0.0535  6   GLN A N   
40  C  CA  . GLN A 6  ? 0.1437 0.1304 0.1227 -0.0242 -0.0796 0.0268  6   GLN A CA  
41  C  C   . GLN A 6  ? 0.1211 0.1124 0.0900 -0.0295 -0.0453 0.0327  6   GLN A C   
42  O  O   . GLN A 6  ? 0.1311 0.1133 0.0877 -0.0226 -0.0544 0.0356  6   GLN A O   
43  C  CB  . GLN A 6  ? 0.1919 0.2300 0.1198 0.0086  -0.0956 -0.0045 6   GLN A CB  
44  C  CG  . GLN A 6  ? 0.2393 0.2991 0.1608 0.0627  -0.0822 -0.0385 6   GLN A CG  
45  C  CD  . GLN A 6  ? 0.2744 0.2935 0.3211 0.0583  -0.0328 -0.0444 6   GLN A CD  
46  O  OE1 . GLN A 6  ? 0.4771 0.3525 0.3827 -0.1076 -0.0563 -0.0370 6   GLN A OE1 
47  N  NE2 . GLN A 6  ? 0.2687 0.3392 0.5142 0.1107  0.0479  0.0729  6   GLN A NE2 
48  N  N   . LEU A 7  ? 0.1107 0.1154 0.0931 -0.0364 -0.0482 0.0500  7   LEU A N   
49  C  CA  . LEU A 7  ? 0.0949 0.0996 0.1009 -0.0266 -0.0435 0.0536  7   LEU A CA  
50  C  C   . LEU A 7  ? 0.0741 0.0779 0.0975 -0.0281 -0.0352 0.0444  7   LEU A C   
51  O  O   . LEU A 7  ? 0.0702 0.1143 0.0941 -0.0191 -0.0363 0.0459  7   LEU A O   
52  C  CB  A LEU A 7  ? 0.0963 0.1022 0.1200 -0.0327 -0.0204 0.0724  7   LEU A CB  
53  C  CB  B LEU A 7  ? 0.0943 0.1062 0.1059 -0.0287 -0.0582 0.0591  7   LEU A CB  
54  C  CG  A LEU A 7  ? 0.1492 0.0725 0.0715 -0.0061 -0.0318 0.0235  7   LEU A CG  
55  C  CG  B LEU A 7  ? 0.0727 0.0647 0.0766 0.0043  -0.0326 0.0087  7   LEU A CG  
56  C  CD1 A LEU A 7  ? 0.1613 0.0726 0.1106 -0.0015 0.0017  0.0497  7   LEU A CD1 
57  C  CD1 B LEU A 7  ? 0.1684 0.1334 0.1063 -0.0596 -0.0130 0.0468  7   LEU A CD1 
58  C  CD2 A LEU A 7  ? 0.1720 0.0753 0.2791 0.0215  0.1498  -0.0049 7   LEU A CD2 
59  C  CD2 B LEU A 7  ? 0.0702 0.1507 0.0840 -0.0225 0.0104  0.0005  7   LEU A CD2 
60  N  N   . MET A 8  ? 0.0668 0.1016 0.1039 -0.0202 -0.0355 0.0558  8   MET A N   
61  C  CA  . MET A 8  ? 0.0610 0.0961 0.1025 -0.0081 -0.0258 0.0334  8   MET A CA  
62  C  C   . MET A 8  ? 0.0576 0.0868 0.0851 -0.0250 -0.0255 0.0400  8   MET A C   
63  O  O   . MET A 8  ? 0.0652 0.0912 0.0616 -0.0120 -0.0176 0.0299  8   MET A O   
64  C  CB  . MET A 8  ? 0.0782 0.1409 0.1170 0.0023  -0.0126 0.0393  8   MET A CB  
65  C  CG  . MET A 8  ? 0.0910 0.1640 0.1274 0.0430  -0.0064 0.0374  8   MET A CG  
66  S  SD  . MET A 8  ? 0.1826 0.1528 0.1868 0.0700  -0.0699 -0.0435 8   MET A SD  
67  C  CE  . MET A 8  ? 0.3412 0.1730 0.2153 0.0634  -0.1478 -0.0232 8   MET A CE  
68  N  N   . HIS A 9  ? 0.0725 0.0883 0.0747 -0.0221 -0.0290 0.0458  9   HIS A N   
69  C  CA  . HIS A 9  ? 0.0790 0.0871 0.0952 -0.0282 -0.0375 0.0300  9   HIS A CA  
70  C  C   . HIS A 9  ? 0.0835 0.0698 0.0812 -0.0208 -0.0323 0.0195  9   HIS A C   
71  O  O   . HIS A 9  ? 0.0870 0.0838 0.0987 -0.0140 -0.0443 0.0308  9   HIS A O   
72  C  CB  . HIS A 9  ? 0.1068 0.0936 0.1131 -0.0376 -0.0577 0.0409  9   HIS A CB  
73  C  CG  . HIS A 9  ? 0.1077 0.0880 0.1229 -0.0330 -0.0487 0.0376  9   HIS A CG  
74  N  ND1 . HIS A 9  ? 0.1419 0.1696 0.1670 -0.0802 -0.0302 -0.0033 9   HIS A ND1 
75  C  CD2 . HIS A 9  ? 0.1054 0.1009 0.1590 -0.0142 -0.0400 0.0211  9   HIS A CD2 
76  C  CE1 . HIS A 9  ? 0.1176 0.1283 0.2019 -0.0456 -0.0352 0.0034  9   HIS A CE1 
77  N  NE2 . HIS A 9  ? 0.1218 0.1072 0.1790 -0.0368 -0.0358 0.0269  9   HIS A NE2 
78  N  N   . ASN A 10 ? 0.0907 0.0721 0.0681 -0.0199 -0.0332 0.0131  10  ASN A N   
79  C  CA  . ASN A 10 ? 0.0922 0.0841 0.0724 -0.0185 -0.0189 0.0111  10  ASN A CA  
80  C  C   . ASN A 10 ? 0.0665 0.0667 0.0675 -0.0114 -0.0077 0.0152  10  ASN A C   
81  O  O   . ASN A 10 ? 0.0662 0.0808 0.0859 0.0003  -0.0174 0.0067  10  ASN A O   
82  C  CB  . ASN A 10 ? 0.1080 0.1428 0.0705 -0.0149 -0.0055 0.0011  10  ASN A CB  
83  C  CG  . ASN A 10 ? 0.1937 0.2337 0.0772 -0.0350 -0.0081 -0.0297 10  ASN A CG  
84  O  OD1 . ASN A 10 ? 0.4722 0.3609 0.1036 -0.0210 -0.0794 0.0081  10  ASN A OD1 
85  N  ND2 . ASN A 10 ? 0.1982 0.2310 0.1213 -0.0611 0.0097  -0.0840 10  ASN A ND2 
86  N  N   . LEU A 11 ? 0.0712 0.0669 0.0736 -0.0018 -0.0220 0.0161  11  LEU A N   
87  C  CA  . LEU A 11 ? 0.0571 0.0719 0.0581 0.0009  -0.0152 0.0165  11  LEU A CA  
88  C  C   . LEU A 11 ? 0.0478 0.0646 0.0628 0.0046  -0.0061 0.0129  11  LEU A C   
89  O  O   . LEU A 11 ? 0.0620 0.0686 0.0688 -0.0045 -0.0236 0.0183  11  LEU A O   
90  C  CB  . LEU A 11 ? 0.0735 0.0694 0.0706 0.0042  -0.0253 0.0190  11  LEU A CB  
91  C  CG  . LEU A 11 ? 0.0962 0.0657 0.0727 0.0006  -0.0232 0.0128  11  LEU A CG  
92  C  CD1 . LEU A 11 ? 0.1052 0.0759 0.0951 -0.0144 -0.0316 0.0010  11  LEU A CD1 
93  C  CD2 . LEU A 11 ? 0.1374 0.1018 0.0747 0.0306  -0.0051 0.0080  11  LEU A CD2 
94  N  N   . GLY A 12 ? 0.0633 0.0730 0.0687 -0.0061 -0.0234 0.0261  12  GLY A N   
95  C  CA  . GLY A 12 ? 0.0560 0.0869 0.0643 0.0035  -0.0082 0.0300  12  GLY A CA  
96  C  C   . GLY A 12 ? 0.0567 0.0689 0.0715 -0.0124 -0.0162 0.0149  12  GLY A C   
97  O  O   . GLY A 12 ? 0.0675 0.0741 0.0750 0.0013  -0.0238 0.0240  12  GLY A O   
98  N  N   . LYS A 13 ? 0.0669 0.0634 0.0716 -0.0024 -0.0205 0.0208  13  LYS A N   
99  C  CA  . LYS A 13 ? 0.0994 0.0679 0.0777 0.0109  -0.0314 0.0090  13  LYS A CA  
100 C  C   . LYS A 13 ? 0.0799 0.0982 0.0661 0.0226  -0.0155 0.0015  13  LYS A C   
101 O  O   . LYS A 13 ? 0.1009 0.1073 0.0826 0.0352  -0.0293 0.0104  13  LYS A O   
102 C  CB  . LYS A 13 ? 0.1103 0.0846 0.1003 0.0165  -0.0277 -0.0091 13  LYS A CB  
103 C  CG  . LYS A 13 ? 0.1438 0.0830 0.1369 -0.0138 -0.0381 -0.0087 13  LYS A CG  
104 C  CD  . LYS A 13 ? 0.1555 0.1266 0.1239 -0.0361 -0.0113 -0.0153 13  LYS A CD  
105 C  CE  . LYS A 13 ? 0.1105 0.1403 0.1510 -0.0085 -0.0113 -0.0538 13  LYS A CE  
106 N  NZ  . LYS A 13 ? 0.1515 0.2076 0.1421 -0.0703 0.0100  -0.0429 13  LYS A NZ  
107 N  N   . HIS A 14 ? 0.0648 0.1115 0.0511 0.0068  -0.0079 0.0141  14  HIS A N   
108 C  CA  . HIS A 14 ? 0.0616 0.1410 0.0491 0.0084  -0.0018 0.0198  14  HIS A CA  
109 C  C   . HIS A 14 ? 0.0637 0.0940 0.0534 0.0039  -0.0150 0.0248  14  HIS A C   
110 O  O   . HIS A 14 ? 0.0507 0.1291 0.0626 0.0085  -0.0086 0.0212  14  HIS A O   
111 C  CB  A HIS A 14 ? 0.0589 0.1786 0.0414 -0.0278 0.0018  0.0397  14  HIS A CB  
112 C  CB  B HIS A 14 ? 0.0866 0.2121 0.0787 -0.0435 -0.0195 0.0746  14  HIS A CB  
113 C  CG  A HIS A 14 ? 0.0566 0.2271 0.0444 -0.0818 0.0008  0.0415  14  HIS A CG  
114 C  CG  B HIS A 14 ? 0.1627 0.2245 0.0811 -0.0518 -0.0066 0.0613  14  HIS A CG  
115 N  ND1 A HIS A 14 ? 0.1145 0.1174 0.0312 -0.0921 -0.0029 0.0192  14  HIS A ND1 
116 N  ND1 B HIS A 14 ? 0.1521 0.2401 0.0803 -0.0563 -0.0158 0.0592  14  HIS A ND1 
117 C  CD2 A HIS A 14 ? 0.0815 0.3058 0.0519 -0.0795 -0.0117 0.0703  14  HIS A CD2 
118 C  CD2 B HIS A 14 ? 0.2886 0.2343 0.1318 -0.0285 -0.0443 0.0368  14  HIS A CD2 
119 C  CE1 A HIS A 14 ? 0.1491 0.1692 0.0396 -0.1149 -0.0057 0.0181  14  HIS A CE1 
120 C  CE1 B HIS A 14 ? 0.2059 0.2747 0.0903 -0.0620 -0.0276 0.0453  14  HIS A CE1 
121 N  NE2 A HIS A 14 ? 0.1244 0.2128 0.0469 -0.1320 -0.0402 0.0293  14  HIS A NE2 
122 N  NE2 B HIS A 14 ? 0.3174 0.2792 0.1193 -0.0063 -0.0208 0.0157  14  HIS A NE2 
123 N  N   . LEU A 15 ? 0.0545 0.0908 0.0505 0.0006  -0.0109 0.0245  15  LEU A N   
124 C  CA  . LEU A 15 ? 0.0684 0.0735 0.0595 -0.0050 -0.0088 0.0176  15  LEU A CA  
125 C  C   . LEU A 15 ? 0.0501 0.0804 0.0518 0.0050  -0.0076 0.0123  15  LEU A C   
126 O  O   . LEU A 15 ? 0.0528 0.0959 0.0595 0.0059  -0.0139 0.0148  15  LEU A O   
127 C  CB  . LEU A 15 ? 0.0698 0.0808 0.0601 0.0129  -0.0155 0.0075  15  LEU A CB  
128 C  CG  . LEU A 15 ? 0.0900 0.0823 0.0900 0.0121  -0.0223 0.0075  15  LEU A CG  
129 C  CD1 . LEU A 15 ? 0.1173 0.0942 0.1161 0.0462  -0.0173 0.0028  15  LEU A CD1 
130 C  CD2 . LEU A 15 ? 0.1458 0.0924 0.1780 -0.0234 -0.0530 0.0004  15  LEU A CD2 
131 N  N   . ASN A 16 ? 0.0625 0.0751 0.0637 0.0078  -0.0138 0.0173  16  ASN A N   
132 C  CA  . ASN A 16 ? 0.0525 0.0717 0.0560 0.0058  -0.0181 0.0170  16  ASN A CA  
133 C  C   . ASN A 16 ? 0.0577 0.0817 0.0600 0.0098  -0.0097 0.0145  16  ASN A C   
134 O  O   . ASN A 16 ? 0.0547 0.0896 0.0561 0.0147  -0.0121 0.0194  16  ASN A O   
135 C  CB  . ASN A 16 ? 0.0636 0.0804 0.0620 0.0000  -0.0142 0.0127  16  ASN A CB  
136 C  CG  . ASN A 16 ? 0.0579 0.0926 0.0780 0.0000  -0.0089 0.0264  16  ASN A CG  
137 O  OD1 . ASN A 16 ? 0.0853 0.1331 0.1312 -0.0285 -0.0215 0.0121  16  ASN A OD1 
138 N  ND2 . ASN A 16 ? 0.0724 0.1250 0.0933 0.0177  0.0031  0.0080  16  ASN A ND2 
139 N  N   . SER A 17 ? 0.0650 0.0960 0.0589 0.0144  -0.0111 0.0067  17  SER A N   
140 C  CA  . SER A 17 ? 0.0567 0.1224 0.0548 0.0212  -0.0057 0.0096  17  SER A CA  
141 C  C   . SER A 17 ? 0.0537 0.1206 0.0494 0.0152  -0.0030 0.0217  17  SER A C   
142 O  O   . SER A 17 ? 0.0576 0.1358 0.0703 0.0278  -0.0073 0.0056  17  SER A O   
143 C  CB  A SER A 17 ? 0.0855 0.1300 0.0615 0.0172  0.0001  -0.0031 17  SER A CB  
144 C  CB  B SER A 17 ? 0.1012 0.1629 0.0535 0.0478  -0.0010 -0.0021 17  SER A CB  
145 C  CB  C SER A 17 ? 0.1023 0.2179 0.0460 0.0663  -0.0025 -0.0002 17  SER A CB  
146 O  OG  A SER A 17 ? 0.0605 0.2163 0.0737 0.0023  -0.0140 -0.0289 17  SER A OG  
147 O  OG  B SER A 17 ? 0.1038 0.1470 0.0464 0.0390  0.0148  0.0262  17  SER A OG  
148 O  OG  C SER A 17 ? 0.0940 0.2807 0.1518 -0.0202 0.0527  0.1087  17  SER A OG  
149 N  N   . MET A 18 ? 0.0545 0.1103 0.0662 0.0039  -0.0091 0.0347  18  MET A N   
150 C  CA  . MET A 18 ? 0.0469 0.1071 0.0939 -0.0147 -0.0118 0.0474  18  MET A CA  
151 C  C   . MET A 18 ? 0.0502 0.0679 0.0828 0.0040  -0.0069 0.0181  18  MET A C   
152 O  O   . MET A 18 ? 0.0491 0.0883 0.0797 -0.0138 -0.0104 0.0189  18  MET A O   
153 C  CB  A MET A 18 ? 0.1007 0.1128 0.0970 -0.0166 -0.0487 0.0495  18  MET A CB  
154 C  CB  B MET A 18 ? 0.0741 0.0962 0.1440 -0.0261 -0.0037 0.0726  18  MET A CB  
155 C  CG  A MET A 18 ? 0.0842 0.1655 0.1067 -0.0453 -0.0430 0.0751  18  MET A CG  
156 C  CG  B MET A 18 ? 0.0912 0.0822 0.1374 0.0063  0.0162  0.0565  18  MET A CG  
157 S  SD  A MET A 18 ? 0.3494 0.2002 0.2018 -0.0176 -0.0476 0.1416  18  MET A SD  
158 S  SD  B MET A 18 ? 0.0787 0.1526 0.1213 -0.0275 -0.0052 0.0718  18  MET A SD  
159 C  CE  A MET A 18 ? 0.3351 0.6190 0.3737 0.2150  -0.2048 -0.3647 18  MET A CE  
160 C  CE  B MET A 18 ? 0.2342 0.6233 0.3326 -0.2250 0.0013  -0.2092 18  MET A CE  
161 N  N   . GLU A 19 ? 0.0485 0.0634 0.0610 -0.0026 -0.0113 0.0136  19  GLU A N   
162 C  CA  . GLU A 19 ? 0.0365 0.0638 0.0616 0.0046  -0.0039 0.0024  19  GLU A CA  
163 C  C   . GLU A 19 ? 0.0364 0.0617 0.0524 0.0026  -0.0035 0.0112  19  GLU A C   
164 O  O   . GLU A 19 ? 0.0410 0.0764 0.0595 0.0086  -0.0089 0.0008  19  GLU A O   
165 C  CB  . GLU A 19 ? 0.0335 0.0647 0.0740 0.0028  -0.0047 0.0017  19  GLU A CB  
166 C  CG  . GLU A 19 ? 0.0482 0.0702 0.0515 0.0124  0.0067  0.0085  19  GLU A CG  
167 C  CD  . GLU A 19 ? 0.0485 0.0688 0.1238 0.0165  0.0030  -0.0011 19  GLU A CD  
168 O  OE1 . GLU A 19 ? 0.0519 0.0754 0.1098 0.0025  0.0179  0.0036  19  GLU A OE1 
169 O  OE2 . GLU A 19 ? 0.0531 0.1545 0.3544 0.0059  -0.0279 0.1217  19  GLU A OE2 
170 N  N   . ARG A 20 ? 0.0403 0.0589 0.0608 0.0059  -0.0089 0.0046  20  ARG A N   
171 C  CA  . ARG A 20 ? 0.0372 0.0654 0.0590 0.0060  -0.0066 0.0060  20  ARG A CA  
172 C  C   . ARG A 20 ? 0.0373 0.0685 0.0523 0.0048  -0.0039 -0.0082 20  ARG A C   
173 O  O   . ARG A 20 ? 0.0469 0.0685 0.0598 0.0088  -0.0130 0.0000  20  ARG A O   
174 C  CB  . ARG A 20 ? 0.0485 0.0680 0.0809 -0.0014 -0.0076 -0.0038 20  ARG A CB  
175 C  CG  . ARG A 20 ? 0.0547 0.0673 0.1111 -0.0070 -0.0171 0.0115  20  ARG A CG  
176 C  CD  . ARG A 20 ? 0.0792 0.0683 0.1458 -0.0144 -0.0237 0.0002  20  ARG A CD  
177 N  NE  . ARG A 20 ? 0.1534 0.1194 0.1122 -0.0320 -0.0047 -0.0311 20  ARG A NE  
178 C  CZ  . ARG A 20 ? 0.1309 0.1553 0.1272 -0.0412 0.0024  -0.0559 20  ARG A CZ  
179 N  NH1 . ARG A 20 ? 0.1428 0.2420 0.2228 0.0088  0.0001  -0.0909 20  ARG A NH1 
180 N  NH2 . ARG A 20 ? 0.2153 0.3336 0.1217 -0.0332 -0.0295 -0.0236 20  ARG A NH2 
181 N  N   . VAL A 21 ? 0.0355 0.0909 0.0489 -0.0016 -0.0086 0.0086  21  VAL A N   
182 C  CA  . VAL A 21 ? 0.0388 0.0952 0.0509 -0.0082 0.0018  -0.0008 21  VAL A CA  
183 C  C   . VAL A 21 ? 0.0434 0.0816 0.0408 -0.0048 0.0013  0.0146  21  VAL A C   
184 O  O   . VAL A 21 ? 0.0356 0.0978 0.0499 -0.0023 -0.0061 0.0026  21  VAL A O   
185 C  CB  . VAL A 21 ? 0.0644 0.1335 0.0479 -0.0251 -0.0082 0.0216  21  VAL A CB  
186 C  CG1 . VAL A 21 ? 0.0686 0.1955 0.0848 -0.0397 -0.0085 0.0528  21  VAL A CG1 
187 C  CG2 . VAL A 21 ? 0.0941 0.2001 0.0593 -0.0092 -0.0164 0.0096  21  VAL A CG2 
188 N  N   . GLU A 22 ? 0.0441 0.0674 0.0480 -0.0020 -0.0035 0.0041  22  GLU A N   
189 C  CA  . GLU A 22 ? 0.0471 0.0676 0.0548 -0.0003 0.0001  -0.0033 22  GLU A CA  
190 C  C   . GLU A 22 ? 0.0381 0.0668 0.0459 0.0003  -0.0021 -0.0082 22  GLU A C   
191 O  O   . GLU A 22 ? 0.0517 0.0815 0.0615 0.0074  -0.0132 -0.0035 22  GLU A O   
192 C  CB  A GLU A 22 ? 0.0491 0.0795 0.0629 0.0089  0.0117  0.0062  22  GLU A CB  
193 C  CB  B GLU A 22 ? 0.0732 0.0842 0.0570 0.0223  0.0018  -0.0004 22  GLU A CB  
194 C  CB  C GLU A 22 ? 0.0249 0.0451 0.0935 -0.0173 -0.0178 -0.0190 22  GLU A CB  
195 C  CG  A GLU A 22 ? 0.0548 0.0776 0.0774 0.0018  0.0122  -0.0057 22  GLU A CG  
196 C  CG  B GLU A 22 ? 0.0901 0.0801 0.2847 -0.0204 -0.0364 0.0778  22  GLU A CG  
197 C  CG  C GLU A 22 ? 0.0277 0.0397 0.0609 -0.0119 0.0019  0.0013  22  GLU A CG  
198 C  CD  A GLU A 22 ? 0.0902 0.0869 0.1023 -0.0216 -0.0170 0.0160  22  GLU A CD  
199 C  CD  B GLU A 22 ? 0.1217 0.0772 0.5220 -0.0388 -0.0498 0.0337  22  GLU A CD  
200 C  CD  C GLU A 22 ? 0.0257 0.0469 0.0556 -0.0025 0.0232  0.0006  22  GLU A CD  
201 O  OE1 A GLU A 22 ? 0.1853 0.1088 0.1281 -0.0475 -0.0166 -0.0162 22  GLU A OE1 
202 O  OE1 B GLU A 22 ? 0.0526 0.1803 0.3696 -0.0252 0.0482  -0.1534 22  GLU A OE1 
203 O  OE1 C GLU A 22 ? 0.0547 0.0505 0.1135 -0.0076 0.0050  -0.0110 22  GLU A OE1 
204 O  OE2 A GLU A 22 ? 0.0957 0.0824 0.1404 -0.0400 0.0025  0.0192  22  GLU A OE2 
205 O  OE2 B GLU A 22 ? 0.0790 0.0454 0.4660 -0.0408 0.0762  -0.0563 22  GLU A OE2 
206 O  OE2 C GLU A 22 ? 0.0404 0.0384 0.0689 -0.0003 0.0030  0.0198  22  GLU A OE2 
207 N  N   . TRP A 23 ? 0.0445 0.0665 0.0464 0.0044  -0.0016 0.0066  23  TRP A N   
208 C  CA  . TRP A 23 ? 0.0357 0.0655 0.0498 0.0028  0.0094  0.0032  23  TRP A CA  
209 C  C   . TRP A 23 ? 0.0350 0.0582 0.0524 -0.0010 0.0040  -0.0016 23  TRP A C   
210 O  O   . TRP A 23 ? 0.0432 0.0795 0.0464 0.0075  0.0007  0.0024  23  TRP A O   
211 C  CB  . TRP A 23 ? 0.0362 0.0705 0.0709 -0.0045 -0.0005 0.0084  23  TRP A CB  
212 C  CG  . TRP A 23 ? 0.0435 0.0748 0.0748 -0.0040 0.0025  0.0069  23  TRP A CG  
213 C  CD1 . TRP A 23 ? 0.0884 0.0818 0.0812 -0.0099 0.0127  0.0231  23  TRP A CD1 
214 C  CD2 . TRP A 23 ? 0.0389 0.0785 0.0940 0.0031  0.0010  0.0186  23  TRP A CD2 
215 N  NE1 . TRP A 23 ? 0.1063 0.1030 0.0984 -0.0042 0.0092  0.0372  23  TRP A NE1 
216 C  CE2 . TRP A 23 ? 0.0668 0.0813 0.0999 -0.0026 -0.0092 0.0233  23  TRP A CE2 
217 C  CE3 . TRP A 23 ? 0.0630 0.0732 0.0883 0.0020  -0.0021 -0.0094 23  TRP A CE3 
218 C  CZ2 . TRP A 23 ? 0.0879 0.0842 0.1567 0.0063  -0.0243 0.0286  23  TRP A CZ2 
219 C  CZ3 . TRP A 23 ? 0.0807 0.0717 0.1509 0.0004  0.0009  -0.0182 23  TRP A CZ3 
220 C  CH2 . TRP A 23 ? 0.0746 0.0787 0.1815 0.0085  -0.0139 -0.0009 23  TRP A CH2 
221 N  N   . LEU A 24 ? 0.0271 0.0684 0.0515 0.0007  -0.0008 -0.0040 24  LEU A N   
222 C  CA  . LEU A 24 ? 0.0320 0.0708 0.0485 0.0029  0.0005  -0.0097 24  LEU A CA  
223 C  C   . LEU A 24 ? 0.0282 0.0672 0.0379 -0.0064 0.0050  -0.0069 24  LEU A C   
224 O  O   . LEU A 24 ? 0.0385 0.0649 0.0464 0.0045  0.0001  -0.0061 24  LEU A O   
225 C  CB  . LEU A 24 ? 0.0403 0.0677 0.0503 -0.0088 0.0038  -0.0162 24  LEU A CB  
226 C  CG  . LEU A 24 ? 0.0464 0.1092 0.0737 -0.0067 0.0101  -0.0277 24  LEU A CG  
227 C  CD1 . LEU A 24 ? 0.0560 0.1230 0.0979 0.0246  0.0048  -0.0277 24  LEU A CD1 
228 C  CD2 . LEU A 24 ? 0.0817 0.1036 0.0840 -0.0210 0.0370  -0.0406 24  LEU A CD2 
229 N  N   . ARG A 25 ? 0.0330 0.0683 0.0397 -0.0016 -0.0049 -0.0046 25  ARG A N   
230 C  CA  . ARG A 25 ? 0.0404 0.0658 0.0496 -0.0110 -0.0025 0.0014  25  ARG A CA  
231 C  C   . ARG A 25 ? 0.0476 0.0517 0.0451 0.0002  -0.0094 -0.0058 25  ARG A C   
232 O  O   . ARG A 25 ? 0.0492 0.0737 0.0496 -0.0059 -0.0085 -0.0033 25  ARG A O   
233 C  CB  . ARG A 25 ? 0.0508 0.0675 0.0495 -0.0044 0.0005  0.0085  25  ARG A CB  
234 C  CG  . ARG A 25 ? 0.0794 0.0655 0.0653 -0.0231 -0.0120 0.0184  25  ARG A CG  
235 C  CD  . ARG A 25 ? 0.1023 0.0650 0.0899 -0.0150 -0.0151 0.0160  25  ARG A CD  
236 N  NE  . ARG A 25 ? 0.1702 0.0539 0.1443 0.0018  0.0420  0.0095  25  ARG A NE  
237 C  CZ  . ARG A 25 ? 0.2317 0.0790 0.1300 0.0221  0.0627  0.0293  25  ARG A CZ  
238 N  NH1 . ARG A 25 ? 0.2859 0.1201 0.1360 -0.0048 0.0175  0.0025  25  ARG A NH1 
239 N  NH2 . ARG A 25 ? 0.2999 0.1211 0.2176 0.0321  0.1335  -0.0223 25  ARG A NH2 
240 N  N   . LYS A 26 ? 0.0441 0.0780 0.0447 0.0064  -0.0062 -0.0087 26  LYS A N   
241 C  CA  . LYS A 26 ? 0.0637 0.0821 0.0487 -0.0028 0.0038  -0.0011 26  LYS A CA  
242 C  C   . LYS A 26 ? 0.0543 0.0802 0.0456 -0.0072 0.0000  -0.0006 26  LYS A C   
243 O  O   . LYS A 26 ? 0.0732 0.1030 0.0533 0.0035  -0.0138 -0.0050 26  LYS A O   
244 C  CB  . LYS A 26 ? 0.0832 0.1488 0.0696 0.0310  0.0223  -0.0001 26  LYS A CB  
245 C  CG  . LYS A 26 ? 0.1771 0.1377 0.1387 0.0582  0.0035  -0.0475 26  LYS A CG  
246 C  CD  . LYS A 26 ? 0.3014 0.1645 0.5136 0.0720  0.2010  -0.0325 26  LYS A CD  
247 C  CE  . LYS A 26 ? 0.2499 0.1945 0.8498 0.1087  0.1507  -0.0421 26  LYS A CE  
248 N  NZ  . LYS A 26 ? 0.1938 0.2278 0.9193 0.0122  0.1359  -0.1775 26  LYS A NZ  
249 N  N   . LYS A 27 ? 0.0488 0.0829 0.0414 -0.0009 -0.0018 -0.0004 27  LYS A N   
250 C  CA  . LYS A 27 ? 0.0697 0.0667 0.0517 -0.0102 0.0046  0.0152  27  LYS A CA  
251 C  C   . LYS A 27 ? 0.0630 0.0619 0.0461 0.0023  -0.0101 0.0001  27  LYS A C   
252 O  O   . LYS A 27 ? 0.0778 0.0746 0.0523 0.0039  -0.0143 0.0117  27  LYS A O   
253 C  CB  . LYS A 27 ? 0.0925 0.0681 0.0986 -0.0286 -0.0206 0.0074  27  LYS A CB  
254 C  CG  . LYS A 27 ? 0.0886 0.1072 0.1665 -0.0307 -0.0291 0.0397  27  LYS A CG  
255 C  CD  . LYS A 27 ? 0.1051 0.2529 0.2188 -0.0551 -0.0070 0.1284  27  LYS A CD  
256 C  CE  . LYS A 27 ? 0.4769 0.2250 0.2558 -0.0472 -0.1156 0.1545  27  LYS A CE  
257 N  NZ  . LYS A 27 ? 0.4480 0.3103 0.3006 -0.1629 -0.1746 0.1979  27  LYS A NZ  
258 N  N   . LEU A 28 ? 0.0471 0.0680 0.0369 0.0028  -0.0043 0.0021  28  LEU A N   
259 C  CA  . LEU A 28 ? 0.0498 0.0690 0.0499 0.0049  -0.0117 0.0025  28  LEU A CA  
260 C  C   . LEU A 28 ? 0.0471 0.0776 0.0421 -0.0011 -0.0074 0.0029  28  LEU A C   
261 O  O   . LEU A 28 ? 0.0545 0.0909 0.0568 0.0053  -0.0127 -0.0017 28  LEU A O   
262 C  CB  . LEU A 28 ? 0.0433 0.0638 0.0461 0.0058  -0.0037 -0.0046 28  LEU A CB  
263 C  CG  . LEU A 28 ? 0.0374 0.0724 0.0509 0.0046  0.0034  -0.0079 28  LEU A CG  
264 C  CD1 . LEU A 28 ? 0.0645 0.0962 0.0464 0.0159  -0.0033 -0.0014 28  LEU A CD1 
265 C  CD2 . LEU A 28 ? 0.0758 0.0628 0.0666 -0.0003 0.0061  -0.0084 28  LEU A CD2 
266 N  N   . GLN A 29 ? 0.0583 0.0700 0.0501 -0.0026 -0.0188 -0.0053 29  GLN A N   
267 C  CA  . GLN A 29 ? 0.0663 0.0672 0.0526 0.0010  -0.0109 -0.0069 29  GLN A CA  
268 C  C   . GLN A 29 ? 0.0630 0.0714 0.0506 0.0025  -0.0144 0.0016  29  GLN A C   
269 O  O   . GLN A 29 ? 0.0791 0.0838 0.0616 -0.0016 -0.0219 -0.0020 29  GLN A O   
270 C  CB  . GLN A 29 ? 0.0736 0.0655 0.0764 0.0134  -0.0244 -0.0081 29  GLN A CB  
271 C  CG  . GLN A 29 ? 0.1230 0.0716 0.0890 0.0214  -0.0206 0.0005  29  GLN A CG  
272 C  CD  . GLN A 29 ? 0.1879 0.1055 0.1212 -0.0363 -0.0217 0.0148  29  GLN A CD  
273 O  OE1 . GLN A 29 ? 0.1577 0.1595 0.2233 -0.0144 0.0285  0.0117  29  GLN A OE1 
274 N  NE2 . GLN A 29 ? 0.3165 0.1840 0.1453 -0.1119 -0.0449 -0.0114 29  GLN A NE2 
275 N  N   . ASP A 30 ? 0.0760 0.0678 0.0410 0.0013  -0.0113 -0.0002 30  ASP A N   
276 C  CA  . ASP A 30 ? 0.0880 0.0874 0.0420 0.0025  -0.0083 0.0064  30  ASP A CA  
277 C  C   . ASP A 30 ? 0.0919 0.0731 0.0481 -0.0038 -0.0161 0.0020  30  ASP A C   
278 O  O   . ASP A 30 ? 0.0812 0.1027 0.0648 0.0061  -0.0270 -0.0020 30  ASP A O   
279 C  CB  . ASP A 30 ? 0.0934 0.1088 0.0862 -0.0043 -0.0117 0.0437  30  ASP A CB  
280 C  CG  . ASP A 30 ? 0.1033 0.2103 0.1252 0.0326  0.0199  0.0636  30  ASP A CG  
281 O  OD1 . ASP A 30 ? 0.1468 0.2148 0.1636 0.0698  0.0619  0.0309  30  ASP A OD1 
282 O  OD2 . ASP A 30 ? 0.1039 0.2941 0.2064 0.0078  0.0290  0.1010  30  ASP A OD2 
283 N  N   . VAL A 31 ? 0.0730 0.0797 0.0562 -0.0009 -0.0086 -0.0043 31  VAL A N   
284 C  CA  . VAL A 31 ? 0.0873 0.0661 0.0751 0.0102  -0.0188 0.0032  31  VAL A CA  
285 C  C   . VAL A 31 ? 0.0689 0.0952 0.0697 0.0081  -0.0155 -0.0003 31  VAL A C   
286 O  O   . VAL A 31 ? 0.0908 0.1200 0.1048 0.0168  -0.0408 0.0147  31  VAL A O   
287 C  CB  . VAL A 31 ? 0.1005 0.0778 0.0780 0.0166  -0.0147 -0.0099 31  VAL A CB  
288 C  CG1 . VAL A 31 ? 0.1089 0.1218 0.0821 0.0258  -0.0201 -0.0257 31  VAL A CG1 
289 C  CG2 . VAL A 31 ? 0.1142 0.0903 0.0930 0.0105  -0.0206 -0.0329 31  VAL A CG2 
290 N  N   . HIS A 32 ? 0.0737 0.0982 0.0732 -0.0012 -0.0214 0.0175  32  HIS A N   
291 C  CA  . HIS A 32 ? 0.0727 0.1085 0.0833 -0.0056 -0.0178 0.0174  32  HIS A CA  
292 C  C   . HIS A 32 ? 0.0750 0.1171 0.0790 -0.0070 -0.0249 0.0121  32  HIS A C   
293 O  O   . HIS A 32 ? 0.0762 0.1475 0.1249 -0.0389 -0.0345 0.0180  32  HIS A O   
294 C  CB  A HIS A 32 ? 0.0867 0.0929 0.0698 0.0049  -0.0113 0.0024  32  HIS A CB  
295 C  CB  B HIS A 32 ? 0.1065 0.1398 0.1222 -0.0391 -0.0622 0.0596  32  HIS A CB  
296 C  CG  A HIS A 32 ? 0.1023 0.1287 0.0718 -0.0169 -0.0223 0.0385  32  HIS A CG  
297 C  CG  B HIS A 32 ? 0.0978 0.1354 0.1240 -0.0303 -0.0321 0.0557  32  HIS A CG  
298 N  ND1 A HIS A 32 ? 0.1039 0.1507 0.1830 -0.0176 0.0078  0.0482  32  HIS A ND1 
299 N  ND1 B HIS A 32 ? 0.1166 0.1559 0.0830 -0.0427 -0.0095 0.0243  32  HIS A ND1 
300 C  CD2 A HIS A 32 ? 0.1012 0.1403 0.1550 -0.0593 -0.0170 0.0018  32  HIS A CD2 
301 C  CD2 B HIS A 32 ? 0.0997 0.1496 0.0972 -0.0375 -0.0299 0.0261  32  HIS A CD2 
302 C  CE1 A HIS A 32 ? 0.1103 0.1517 0.2033 -0.0191 0.0042  0.0451  32  HIS A CE1 
303 C  CE1 B HIS A 32 ? 0.1146 0.1590 0.0758 -0.0422 -0.0150 0.0095  32  HIS A CE1 
304 N  NE2 A HIS A 32 ? 0.0906 0.1471 0.2139 -0.0355 0.0115  0.0422  32  HIS A NE2 
305 N  NE2 B HIS A 32 ? 0.1103 0.1542 0.1812 -0.0384 -0.0201 0.0080  32  HIS A NE2 
306 N  N   . ASN A 33 ? 0.0863 0.1360 0.0658 -0.0244 -0.0273 0.0160  33  ASN A N   
307 C  CA  . ASN A 33 ? 0.1116 0.1486 0.0629 -0.0596 -0.0090 0.0092  33  ASN A CA  
308 C  C   . ASN A 33 ? 0.1532 0.1577 0.0746 -0.0849 -0.0385 0.0155  33  ASN A C   
309 O  O   . ASN A 33 ? 0.2351 0.2257 0.0798 -0.1227 -0.0591 0.0195  33  ASN A O   
310 C  CB  . ASN A 33 ? 0.1497 0.1863 0.1063 -0.0207 -0.0328 -0.0451 33  ASN A CB  
311 C  CG  . ASN A 33 ? 0.2364 0.1455 0.1523 -0.0026 -0.0642 -0.0581 33  ASN A CG  
312 O  OD1 . ASN A 33 ? 0.2667 0.1537 0.2506 -0.0192 -0.0557 0.0043  33  ASN A OD1 
313 N  ND2 . ASN A 33 ? 0.2926 0.1734 0.2389 0.0098  -0.1393 -0.0696 33  ASN A ND2 
314 N  N   . PHE A 34 ? 0.1391 0.1218 0.0711 -0.0043 -0.0311 0.0026  34  PHE A N   
315 C  CA  . PHE A 34 ? 0.1160 0.1254 0.0987 -0.0103 -0.0334 0.0127  34  PHE A CA  
316 C  C   . PHE A 34 ? 0.1496 0.1272 0.1045 0.0047  -0.0159 0.0214  34  PHE A C   
317 O  O   . PHE A 34 ? 0.1935 0.2867 0.1392 0.0822  0.0369  0.0663  34  PHE A O   
318 C  CB  . PHE A 34 ? 0.1379 0.1001 0.0970 -0.0125 -0.0192 0.0011  34  PHE A CB  
319 C  CG  . PHE A 34 ? 0.1575 0.1079 0.0656 -0.0074 -0.0001 0.0057  34  PHE A CG  
320 C  CD1 . PHE A 34 ? 0.2019 0.1284 0.0798 -0.0103 -0.0030 -0.0090 34  PHE A CD1 
321 C  CD2 . PHE A 34 ? 0.1615 0.1191 0.0930 0.0068  -0.0052 0.0110  34  PHE A CD2 
322 C  CE1 . PHE A 34 ? 0.1623 0.1535 0.1444 -0.0096 0.0203  -0.0519 34  PHE A CE1 
323 C  CE2 . PHE A 34 ? 0.2129 0.1237 0.1092 0.0285  0.0458  0.0260  34  PHE A CE2 
324 C  CZ  . PHE A 34 ? 0.2294 0.1290 0.1266 0.0055  0.0415  0.0042  34  PHE A CZ  
325 O  OXT . PHE A 34 ? 0.2382 0.1856 0.1767 0.0539  -0.0071 0.1024  34  PHE A OXT 
326 N  N   . SER B 1  ? 0.3521 0.2872 0.7276 -0.1643 -0.3251 0.2730  1   SER B N   
327 C  CA  . SER B 1  ? 0.1684 0.2892 0.1347 0.0134  -0.0395 -0.0165 1   SER B CA  
328 C  C   . SER B 1  ? 0.1038 0.1807 0.2552 -0.0308 0.0443  -0.0765 1   SER B C   
329 O  O   . SER B 1  ? 0.2290 0.2436 0.3694 -0.1510 0.0949  -0.0836 1   SER B O   
330 C  CB  . SER B 1  ? 0.2654 0.2148 0.1355 -0.0301 -0.0229 -0.0658 1   SER B CB  
331 O  OG  . SER B 1  ? 0.1732 0.2975 0.2743 0.0270  0.0131  0.0539  1   SER B OG  
332 N  N   . VAL B 2  ? 0.1385 0.0548 0.2359 0.0078  0.0163  -0.0281 2   VAL B N   
333 C  CA  . VAL B 2  ? 0.2619 0.0823 0.2276 0.0357  0.0722  0.0041  2   VAL B CA  
334 C  C   . VAL B 2  ? 0.2823 0.1049 0.0994 0.1112  0.0057  -0.0113 2   VAL B C   
335 O  O   . VAL B 2  ? 0.3271 0.0915 0.1071 0.1170  0.0450  0.0116  2   VAL B O   
336 C  CB  . VAL B 2  ? 0.3756 0.1652 0.2256 0.1476  0.1343  0.0186  2   VAL B CB  
337 C  CG1 . VAL B 2  ? 0.3552 0.2263 0.2132 0.1575  0.0858  -0.0192 2   VAL B CG1 
338 C  CG2 . VAL B 2  ? 0.3078 0.3664 0.2508 0.1813  -0.0965 -0.0455 2   VAL B CG2 
339 N  N   . SER B 3  ? 0.2720 0.1343 0.1611 0.1392  0.0367  0.0507  3   SER B N   
340 C  CA  . SER B 3  ? 0.1907 0.1132 0.1904 0.0716  -0.0017 0.0649  3   SER B CA  
341 C  C   . SER B 3  ? 0.1634 0.1219 0.1177 0.0726  0.0206  0.0425  3   SER B C   
342 O  O   . SER B 3  ? 0.1833 0.1536 0.1283 0.1061  0.0355  0.0639  3   SER B O   
343 C  CB  A SER B 3  ? 0.2416 0.1303 0.2004 0.0665  0.0358  0.0745  3   SER B CB  
344 C  CB  B SER B 3  ? 0.1872 0.1692 0.2134 0.0454  0.0094  0.1073  3   SER B CB  
345 O  OG  A SER B 3  ? 0.1454 0.1233 0.2120 0.0626  0.0284  0.0862  3   SER B OG  
346 O  OG  B SER B 3  ? 0.3450 0.2562 0.1640 -0.0008 0.0026  0.0346  3   SER B OG  
347 N  N   . GLU B 4  ? 0.1663 0.1167 0.0694 0.0864  0.0352  0.0333  4   GLU B N   
348 C  CA  . GLU B 4  ? 0.1348 0.1265 0.0901 0.0810  0.0292  0.0270  4   GLU B CA  
349 C  C   . GLU B 4  ? 0.1299 0.1006 0.0876 0.0653  0.0360  0.0181  4   GLU B C   
350 O  O   . GLU B 4  ? 0.1079 0.0952 0.1011 0.0549  0.0335  0.0276  4   GLU B O   
351 C  CB  . GLU B 4  ? 0.1742 0.1250 0.1024 0.0896  0.0168  -0.0019 4   GLU B CB  
352 C  CG  . GLU B 4  ? 0.1334 0.0985 0.1240 -0.0012 -0.0085 0.0198  4   GLU B CG  
353 C  CD  . GLU B 4  ? 0.1030 0.0991 0.2178 -0.0054 0.0693  -0.0500 4   GLU B CD  
354 O  OE1 . GLU B 4  ? 0.1554 0.0936 0.2326 0.0303  0.0875  0.0447  4   GLU B OE1 
355 O  OE2 . GLU B 4  ? 0.1097 0.1035 0.1786 0.0088  0.0104  0.0203  4   GLU B OE2 
356 N  N   . ILE B 5  ? 0.1597 0.1482 0.0810 0.0991  0.0211  0.0214  5   ILE B N   
357 C  CA  . ILE B 5  ? 0.1205 0.1510 0.0844 0.0668  0.0305  0.0340  5   ILE B CA  
358 C  C   . ILE B 5  ? 0.1143 0.1186 0.0918 0.0641  0.0406  0.0398  5   ILE B C   
359 O  O   . ILE B 5  ? 0.1309 0.1117 0.1015 0.0756  0.0503  0.0442  5   ILE B O   
360 C  CB  A ILE B 5  ? 0.1271 0.3146 0.0971 0.1156  0.0458  0.0455  5   ILE B CB  
361 C  CB  B ILE B 5  ? 0.0922 0.1884 0.0703 0.0306  0.0028  -0.0081 5   ILE B CB  
362 C  CG1 A ILE B 5  ? 0.1258 0.3052 0.1563 0.1359  0.0312  0.0606  5   ILE B CG1 
363 C  CG1 B ILE B 5  ? 0.0977 0.1723 0.1196 0.0620  0.0014  0.0102  5   ILE B CG1 
364 C  CG2 A ILE B 5  ? 0.0990 0.3923 0.0958 0.0778  0.0609  0.0763  5   ILE B CG2 
365 C  CG2 B ILE B 5  ? 0.0918 0.2192 0.0680 0.0131  0.0019  -0.0011 5   ILE B CG2 
366 C  CD1 A ILE B 5  ? 0.1961 0.2633 0.5403 0.0746  -0.0865 0.2084  5   ILE B CD1 
367 C  CD1 B ILE B 5  ? 0.0824 0.1401 0.0501 0.0021  0.0211  0.0296  5   ILE B CD1 
368 N  N   . GLN B 6  ? 0.1544 0.0940 0.1006 0.0604  0.0387  0.0269  6   GLN B N   
369 C  CA  . GLN B 6  ? 0.1587 0.0961 0.1126 0.0549  0.0163  0.0178  6   GLN B CA  
370 C  C   . GLN B 6  ? 0.1304 0.0802 0.0939 0.0250  0.0267  0.0308  6   GLN B C   
371 O  O   . GLN B 6  ? 0.1455 0.0703 0.1069 0.0437  0.0216  0.0317  6   GLN B O   
372 C  CB  . GLN B 6  ? 0.1966 0.0899 0.2265 0.0500  -0.0211 0.0043  6   GLN B CB  
373 C  CG  . GLN B 6  ? 0.3216 0.1956 0.3975 0.1211  -0.0314 -0.1408 6   GLN B CG  
374 C  CD  . GLN B 6  ? 0.5145 0.1941 0.5899 0.0792  -0.0575 -0.1917 6   GLN B CD  
375 O  OE1 . GLN B 6  ? 0.7282 0.3603 0.7532 0.1219  -0.1697 -0.3942 6   GLN B OE1 
376 N  NE2 . GLN B 6  ? 0.6805 0.2992 0.6802 -0.1225 -0.2070 -0.0221 6   GLN B NE2 
377 N  N   . LEU B 7  ? 0.1614 0.0792 0.0917 0.0580  0.0352  0.0354  7   LEU B N   
378 C  CA  . LEU B 7  ? 0.1277 0.0940 0.0813 0.0536  0.0389  0.0440  7   LEU B CA  
379 C  C   . LEU B 7  ? 0.1065 0.0862 0.0660 0.0521  0.0344  0.0298  7   LEU B C   
380 O  O   . LEU B 7  ? 0.0974 0.0784 0.0932 0.0408  0.0241  0.0326  7   LEU B O   
381 C  CB  A LEU B 7  ? 0.1232 0.1065 0.0830 0.0734  0.0384  0.0469  7   LEU B CB  
382 C  CB  B LEU B 7  ? 0.1585 0.1098 0.0796 0.0488  0.0331  0.0496  7   LEU B CB  
383 C  CG  A LEU B 7  ? 0.0815 0.0633 0.0565 0.0359  -0.0053 0.0036  7   LEU B CG  
384 C  CG  B LEU B 7  ? 0.1825 0.0924 0.0618 -0.0036 -0.0028 0.0176  7   LEU B CG  
385 C  CD1 A LEU B 7  ? 0.1611 0.0969 0.0564 0.0059  0.0176  0.0133  7   LEU B CD1 
386 C  CD1 B LEU B 7  ? 0.2044 0.0834 0.0646 -0.0076 -0.0111 0.0272  7   LEU B CD1 
387 C  CD2 A LEU B 7  ? 0.0677 0.0910 0.1146 -0.0066 0.0139  0.0136  7   LEU B CD2 
388 C  CD2 B LEU B 7  ? 0.1145 0.3606 0.1581 -0.0938 0.0034  -0.0048 7   LEU B CD2 
389 N  N   . MET B 8  ? 0.1038 0.0891 0.0848 0.0514  0.0227  0.0335  8   MET B N   
390 C  CA  . MET B 8  ? 0.0895 0.0857 0.0814 0.0384  0.0134  0.0189  8   MET B CA  
391 C  C   . MET B 8  ? 0.0844 0.0744 0.0755 0.0325  0.0193  0.0243  8   MET B C   
392 O  O   . MET B 8  ? 0.0806 0.0643 0.0818 0.0259  0.0202  0.0269  8   MET B O   
393 C  CB  A MET B 8  ? 0.0922 0.1183 0.1629 0.0292  -0.0105 0.0467  8   MET B CB  
394 C  CB  B MET B 8  ? 0.0899 0.0981 0.1084 0.0393  0.0093  -0.0228 8   MET B CB  
395 C  CG  A MET B 8  ? 0.1229 0.1715 0.2091 0.0311  -0.0630 0.0749  8   MET B CG  
396 C  CG  B MET B 8  ? 0.0926 0.1273 0.1244 0.0632  -0.0084 -0.0102 8   MET B CG  
397 S  SD  A MET B 8  ? 0.1628 0.2699 0.1789 0.0185  -0.0438 -0.0107 8   MET B SD  
398 S  SD  B MET B 8  ? 0.0870 0.1121 0.0968 0.0374  -0.0200 -0.0163 8   MET B SD  
399 C  CE  A MET B 8  ? 0.1752 0.6518 0.2093 0.0584  -0.0001 0.0315  8   MET B CE  
400 C  CE  B MET B 8  ? 0.1017 0.0978 0.1921 0.0167  -0.0689 0.0035  8   MET B CE  
401 N  N   . HIS B 9  ? 0.0922 0.0740 0.0656 0.0366  0.0284  0.0305  9   HIS B N   
402 C  CA  . HIS B 9  ? 0.1022 0.0899 0.0665 0.0444  0.0252  0.0124  9   HIS B CA  
403 C  C   . HIS B 9  ? 0.0995 0.0786 0.0513 0.0347  0.0242  0.0127  9   HIS B C   
404 O  O   . HIS B 9  ? 0.1062 0.0832 0.0699 0.0414  0.0183  0.0260  9   HIS B O   
405 C  CB  . HIS B 9  ? 0.1438 0.0924 0.0774 0.0655  0.0314  0.0103  9   HIS B CB  
406 C  CG  . HIS B 9  ? 0.1455 0.1154 0.0792 0.0596  0.0235  0.0037  9   HIS B CG  
407 N  ND1 . HIS B 9  ? 0.1851 0.1491 0.1394 0.0498  0.0832  -0.0195 9   HIS B ND1 
408 C  CD2 . HIS B 9  ? 0.1350 0.1545 0.0667 0.0506  0.0215  0.0191  9   HIS B CD2 
409 C  CE1 . HIS B 9  ? 0.1669 0.1614 0.1275 0.0479  0.0554  -0.0046 9   HIS B CE1 
410 N  NE2 . HIS B 9  ? 0.1534 0.1735 0.0782 0.0611  0.0281  0.0079  9   HIS B NE2 
411 N  N   . ASN B 10 ? 0.1143 0.0627 0.0601 0.0329  0.0217  0.0126  10  ASN B N   
412 C  CA  . ASN B 10 ? 0.1067 0.0679 0.0768 0.0094  0.0220  0.0032  10  ASN B CA  
413 C  C   . ASN B 10 ? 0.0757 0.0611 0.0560 0.0158  0.0164  0.0120  10  ASN B C   
414 O  O   . ASN B 10 ? 0.0794 0.0728 0.0747 0.0138  0.0013  0.0038  10  ASN B O   
415 C  CB  . ASN B 10 ? 0.1343 0.0678 0.1297 0.0008  0.0271  0.0080  10  ASN B CB  
416 C  CG  . ASN B 10 ? 0.2366 0.0828 0.1996 -0.0282 0.0126  -0.0217 10  ASN B CG  
417 O  OD1 . ASN B 10 ? 0.4782 0.0873 0.2894 -0.0075 0.0255  0.0069  10  ASN B OD1 
418 N  ND2 . ASN B 10 ? 0.2211 0.1316 0.1920 -0.0698 0.0306  -0.0674 10  ASN B ND2 
419 N  N   . LEU B 11 ? 0.0888 0.0635 0.0500 0.0297  0.0105  0.0153  11  LEU B N   
420 C  CA  . LEU B 11 ? 0.0688 0.0605 0.0645 0.0170  0.0051  0.0132  11  LEU B CA  
421 C  C   . LEU B 11 ? 0.0529 0.0616 0.0555 0.0182  -0.0031 0.0085  11  LEU B C   
422 O  O   . LEU B 11 ? 0.0744 0.0609 0.0608 0.0229  0.0107  0.0133  11  LEU B O   
423 C  CB  . LEU B 11 ? 0.0793 0.0614 0.0697 0.0222  -0.0031 0.0177  11  LEU B CB  
424 C  CG  . LEU B 11 ? 0.1107 0.0725 0.0628 0.0233  -0.0060 0.0099  11  LEU B CG  
425 C  CD1 . LEU B 11 ? 0.1175 0.0878 0.0659 0.0216  0.0056  -0.0067 11  LEU B CD1 
426 C  CD2 . LEU B 11 ? 0.1245 0.0798 0.1061 -0.0026 -0.0290 0.0224  11  LEU B CD2 
427 N  N   . GLY B 12 ? 0.0690 0.0639 0.0656 0.0249  0.0061  0.0149  12  GLY B N   
428 C  CA  . GLY B 12 ? 0.0649 0.0646 0.0736 0.0194  0.0080  0.0176  12  GLY B CA  
429 C  C   . GLY B 12 ? 0.0717 0.0704 0.0548 0.0243  0.0181  0.0151  12  GLY B C   
430 O  O   . GLY B 12 ? 0.0774 0.0636 0.0668 0.0259  0.0096  0.0192  12  GLY B O   
431 N  N   . LYS B 13 ? 0.0812 0.0707 0.0584 0.0291  -0.0076 0.0100  13  LYS B N   
432 C  CA  . LYS B 13 ? 0.0978 0.0816 0.0727 0.0324  -0.0183 0.0043  13  LYS B CA  
433 C  C   . LYS B 13 ? 0.0724 0.0593 0.0949 0.0066  -0.0157 -0.0008 13  LYS B C   
434 O  O   . LYS B 13 ? 0.1027 0.0703 0.1112 0.0234  -0.0245 0.0090  13  LYS B O   
435 C  CB  . LYS B 13 ? 0.1101 0.0831 0.0773 0.0172  -0.0157 0.0015  13  LYS B CB  
436 C  CG  . LYS B 13 ? 0.1547 0.1165 0.0804 0.0184  -0.0048 -0.0199 13  LYS B CG  
437 C  CD  . LYS B 13 ? 0.1307 0.1207 0.1425 0.0028  0.0118  -0.0372 13  LYS B CD  
438 C  CE  . LYS B 13 ? 0.1373 0.1569 0.1746 0.0175  0.0182  -0.0705 13  LYS B CE  
439 N  NZ  . LYS B 13 ? 0.2286 0.1470 0.3127 -0.0144 0.1285  -0.0840 13  LYS B NZ  
440 N  N   . HIS B 14 ? 0.0627 0.0546 0.1077 0.0113  -0.0001 0.0135  14  HIS B N   
441 C  CA  . HIS B 14 ? 0.0711 0.0596 0.1163 0.0033  0.0106  0.0167  14  HIS B CA  
442 C  C   . HIS B 14 ? 0.0622 0.0569 0.0984 0.0197  0.0020  0.0225  14  HIS B C   
443 O  O   . HIS B 14 ? 0.0584 0.0592 0.1184 0.0127  0.0075  0.0243  14  HIS B O   
444 C  CB  A HIS B 14 ? 0.0792 0.0795 0.1760 0.0242  0.0598  0.0597  14  HIS B CB  
445 C  CB  B HIS B 14 ? 0.0998 0.0550 0.1296 0.0111  0.0329  0.0296  14  HIS B CB  
446 C  CG  A HIS B 14 ? 0.2182 0.0748 0.2160 0.0143  0.0450  0.0521  14  HIS B CG  
447 C  CG  B HIS B 14 ? 0.1281 0.0559 0.1631 0.0158  0.0815  0.0259  14  HIS B CG  
448 N  ND1 A HIS B 14 ? 0.2619 0.0860 0.3463 -0.0317 -0.0609 0.0587  14  HIS B ND1 
449 N  ND1 B HIS B 14 ? 0.1461 0.0662 0.3572 0.0289  0.1461  0.0781  14  HIS B ND1 
450 C  CD2 A HIS B 14 ? 0.1546 0.0917 0.2082 0.0307  0.1234  0.0694  14  HIS B CD2 
451 C  CD2 B HIS B 14 ? 0.1568 0.0404 0.0535 -0.0129 0.0939  0.0095  14  HIS B CD2 
452 C  CE1 A HIS B 14 ? 0.2629 0.0895 0.2998 -0.0183 0.0520  0.0217  14  HIS B CE1 
453 C  CE1 B HIS B 14 ? 0.2301 0.0486 0.1280 0.0317  0.1337  0.0192  14  HIS B CE1 
454 N  NE2 A HIS B 14 ? 0.1773 0.0727 0.3539 0.0008  0.0829  0.0680  14  HIS B NE2 
455 N  NE2 B HIS B 14 ? 0.2354 0.0526 0.1486 -0.0051 0.0876  0.0016  14  HIS B NE2 
456 N  N   . LEU B 15 ? 0.0599 0.0498 0.0942 0.0140  0.0062  0.0180  15  LEU B N   
457 C  CA  . LEU B 15 ? 0.0755 0.0541 0.0721 0.0182  0.0062  0.0125  15  LEU B CA  
458 C  C   . LEU B 15 ? 0.0623 0.0558 0.0731 0.0173  0.0005  0.0063  15  LEU B C   
459 O  O   . LEU B 15 ? 0.0614 0.0603 0.0890 0.0201  0.0038  0.0144  15  LEU B O   
460 C  CB  . LEU B 15 ? 0.0803 0.0517 0.0773 0.0182  -0.0129 0.0012  15  LEU B CB  
461 C  CG  . LEU B 15 ? 0.1026 0.0860 0.0771 0.0231  -0.0184 -0.0039 15  LEU B CG  
462 C  CD1 . LEU B 15 ? 0.1050 0.1052 0.1022 0.0253  -0.0401 0.0042  15  LEU B CD1 
463 C  CD2 . LEU B 15 ? 0.1608 0.1329 0.0762 0.0404  0.0060  -0.0079 15  LEU B CD2 
464 N  N   . ASN B 16 ? 0.0694 0.0549 0.0753 0.0224  -0.0041 0.0127  16  ASN B N   
465 C  CA  . ASN B 16 ? 0.0606 0.0488 0.0696 0.0161  -0.0069 0.0113  16  ASN B CA  
466 C  C   . ASN B 16 ? 0.0645 0.0541 0.0762 0.0136  -0.0025 0.0114  16  ASN B C   
467 O  O   . ASN B 16 ? 0.0614 0.0629 0.0777 0.0223  -0.0023 0.0178  16  ASN B O   
468 C  CB  . ASN B 16 ? 0.0671 0.0652 0.0789 0.0238  0.0073  0.0215  16  ASN B CB  
469 C  CG  . ASN B 16 ? 0.0687 0.0791 0.0908 0.0175  0.0104  0.0161  16  ASN B CG  
470 O  OD1 . ASN B 16 ? 0.0894 0.1180 0.1342 -0.0028 -0.0072 -0.0091 16  ASN B OD1 
471 N  ND2 . ASN B 16 ? 0.0743 0.1085 0.1159 0.0122  0.0237  -0.0060 16  ASN B ND2 
472 N  N   . SER B 17 ? 0.0608 0.0602 0.1004 0.0120  0.0009  0.0106  17  SER B N   
473 C  CA  . SER B 17 ? 0.0577 0.0557 0.1273 0.0056  -0.0108 0.0020  17  SER B CA  
474 C  C   . SER B 17 ? 0.0450 0.0504 0.1280 0.0009  0.0045  0.0192  17  SER B C   
475 O  O   . SER B 17 ? 0.0549 0.0715 0.1421 0.0140  -0.0042 0.0166  17  SER B O   
476 C  CB  A SER B 17 ? 0.0922 0.0580 0.1939 -0.0065 0.0045  0.0033  17  SER B CB  
477 C  CB  B SER B 17 ? 0.0674 0.0574 0.1478 0.0067  -0.0101 0.0080  17  SER B CB  
478 C  CB  C SER B 17 ? 0.0816 0.0648 0.1029 0.0002  0.0304  -0.0123 17  SER B CB  
479 O  OG  A SER B 17 ? 0.1882 0.2167 0.2314 -0.0183 0.0192  0.1202  17  SER B OG  
480 O  OG  B SER B 17 ? 0.0647 0.0765 0.1338 -0.0085 -0.0241 0.0308  17  SER B OG  
481 O  OG  C SER B 17 ? 0.0263 0.0487 0.1166 -0.0060 0.0154  -0.0212 17  SER B OG  
482 N  N   . MET B 18 ? 0.0610 0.0718 0.1017 0.0250  0.0144  0.0309  18  MET B N   
483 C  CA  . MET B 18 ? 0.0709 0.0875 0.0909 0.0234  0.0222  0.0373  18  MET B CA  
484 C  C   . MET B 18 ? 0.0508 0.0761 0.0644 0.0194  0.0028  0.0203  18  MET B C   
485 O  O   . MET B 18 ? 0.0672 0.0834 0.0730 0.0255  0.0183  0.0058  18  MET B O   
486 C  CB  A MET B 18 ? 0.0899 0.1586 0.0602 0.0390  0.0493  0.0691  18  MET B CB  
487 C  CB  B MET B 18 ? 0.1231 0.0942 0.0937 0.0537  0.0231  0.0411  18  MET B CB  
488 C  CG  A MET B 18 ? 0.0783 0.1144 0.0595 0.0373  0.0229  0.0289  18  MET B CG  
489 C  CG  B MET B 18 ? 0.1330 0.1018 0.1441 0.0512  0.0428  0.0638  18  MET B CG  
490 S  SD  A MET B 18 ? 0.0915 0.1253 0.1044 0.0234  0.0432  0.0607  18  MET B SD  
491 S  SD  B MET B 18 ? 0.3591 0.2227 0.1642 0.0276  0.0034  0.1243  18  MET B SD  
492 C  CE  A MET B 18 ? 0.1176 0.3442 0.3004 -0.0063 0.1161  -0.1474 18  MET B CE  
493 C  CE  B MET B 18 ? 0.2053 0.5542 0.3802 0.0603  -0.0244 -0.3033 18  MET B CE  
494 N  N   . GLU B 19 ? 0.0499 0.0664 0.0663 0.0194  0.0093  0.0122  19  GLU B N   
495 C  CA  . GLU B 19 ? 0.0345 0.0611 0.0639 0.0122  0.0020  0.0012  19  GLU B CA  
496 C  C   . GLU B 19 ? 0.0420 0.0625 0.0510 0.0130  0.0056  0.0000  19  GLU B C   
497 O  O   . GLU B 19 ? 0.0413 0.0501 0.0772 0.0109  0.0014  0.0082  19  GLU B O   
498 C  CB  . GLU B 19 ? 0.0390 0.0628 0.0713 0.0065  0.0043  -0.0063 19  GLU B CB  
499 C  CG  . GLU B 19 ? 0.0445 0.0569 0.0683 0.0043  -0.0037 0.0110  19  GLU B CG  
500 C  CD  . GLU B 19 ? 0.0390 0.1000 0.0716 0.0017  -0.0085 -0.0009 19  GLU B CD  
501 O  OE1 . GLU B 19 ? 0.0521 0.1157 0.0726 -0.0063 0.0048  0.0078  19  GLU B OE1 
502 O  OE2 . GLU B 19 ? 0.0763 0.3358 0.1300 0.0957  0.0294  0.1004  19  GLU B OE2 
503 N  N   . ARG B 20 ? 0.0380 0.0530 0.0613 0.0087  0.0035  0.0066  20  ARG B N   
504 C  CA  . ARG B 20 ? 0.0367 0.0597 0.0668 0.0063  0.0007  0.0040  20  ARG B CA  
505 C  C   . ARG B 20 ? 0.0342 0.0458 0.0673 0.0002  0.0046  -0.0044 20  ARG B C   
506 O  O   . ARG B 20 ? 0.0480 0.0593 0.0680 0.0141  -0.0021 0.0019  20  ARG B O   
507 C  CB  . ARG B 20 ? 0.0548 0.0688 0.0620 0.0112  0.0044  -0.0065 20  ARG B CB  
508 C  CG  . ARG B 20 ? 0.0654 0.0945 0.0724 0.0298  0.0108  0.0066  20  ARG B CG  
509 C  CD  . ARG B 20 ? 0.0866 0.1346 0.0636 0.0289  0.0231  -0.0035 20  ARG B CD  
510 N  NE  . ARG B 20 ? 0.1439 0.1089 0.1240 -0.0112 0.0253  -0.0421 20  ARG B NE  
511 C  CZ  . ARG B 20 ? 0.1435 0.1314 0.1185 -0.0144 0.0362  -0.0306 20  ARG B CZ  
512 N  NH1 . ARG B 20 ? 0.1366 0.2241 0.2089 -0.0182 0.0164  -0.0491 20  ARG B NH1 
513 N  NH2 . ARG B 20 ? 0.2736 0.1015 0.2891 0.0126  0.0112  -0.0487 20  ARG B NH2 
514 N  N   . VAL B 21 ? 0.0374 0.0461 0.0758 0.0074  0.0096  -0.0005 21  VAL B N   
515 C  CA  . VAL B 21 ? 0.0443 0.0469 0.0902 0.0010  0.0238  -0.0022 21  VAL B CA  
516 C  C   . VAL B 21 ? 0.0502 0.0460 0.0676 0.0038  0.0165  0.0066  21  VAL B C   
517 O  O   . VAL B 21 ? 0.0407 0.0519 0.0943 0.0128  0.0130  -0.0021 21  VAL B O   
518 C  CB  . VAL B 21 ? 0.0744 0.0624 0.1117 0.0076  0.0344  0.0145  21  VAL B CB  
519 C  CG1 . VAL B 21 ? 0.0962 0.0938 0.1566 0.0246  0.0650  0.0523  21  VAL B CG1 
520 C  CG2 . VAL B 21 ? 0.1273 0.0492 0.2132 0.0135  0.0523  0.0218  21  VAL B CG2 
521 N  N   . GLU B 22 ? 0.0424 0.0465 0.0688 0.0051  0.0137  0.0017  22  GLU B N   
522 C  CA  . GLU B 22 ? 0.0466 0.0543 0.0646 0.0062  0.0067  -0.0046 22  GLU B CA  
523 C  C   . GLU B 22 ? 0.0384 0.0474 0.0634 -0.0012 0.0042  -0.0020 22  GLU B C   
524 O  O   . GLU B 22 ? 0.0522 0.0560 0.0767 0.0101  0.0065  0.0001  22  GLU B O   
525 C  CB  A GLU B 22 ? 0.0523 0.0663 0.0703 -0.0092 -0.0001 0.0134  22  GLU B CB  
526 C  CB  B GLU B 22 ? 0.0503 0.0666 0.0461 -0.0034 0.0111  0.0015  22  GLU B CB  
527 C  CB  C GLU B 22 ? 0.0473 0.0623 0.0933 0.0039  -0.0082 0.0002  22  GLU B CB  
528 C  CG  A GLU B 22 ? 0.0566 0.0832 0.0843 -0.0118 0.0021  -0.0049 22  GLU B CG  
529 C  CG  B GLU B 22 ? 0.0344 0.0686 0.0278 0.0007  0.0260  0.0018  22  GLU B CG  
530 C  CG  C GLU B 22 ? 0.1086 0.2850 0.0791 0.0998  0.0122  0.0395  22  GLU B CG  
531 C  CD  A GLU B 22 ? 0.1136 0.0888 0.0998 0.0157  0.0263  -0.0032 22  GLU B CD  
532 C  CD  B GLU B 22 ? 0.0340 0.0626 0.0454 -0.0091 0.0109  0.0100  22  GLU B CD  
533 C  CD  C GLU B 22 ? 0.1793 0.4015 0.0668 0.0862  0.0306  -0.0299 22  GLU B CD  
534 O  OE1 A GLU B 22 ? 0.1137 0.1052 0.0552 0.0113  0.0281  -0.0113 22  GLU B OE1 
535 O  OE1 B GLU B 22 ? 0.0437 0.0714 0.0572 0.0031  0.0051  0.0115  22  GLU B OE1 
536 O  OE1 C GLU B 22 ? 0.0762 0.2819 0.1339 -0.0363 0.0451  -0.1310 22  GLU B OE1 
537 O  OE2 A GLU B 22 ? 0.2356 0.1192 0.1157 -0.0496 0.0773  -0.0212 22  GLU B OE2 
538 O  OE2 B GLU B 22 ? 0.0711 0.1465 0.0393 0.0336  -0.0006 -0.0056 22  GLU B OE2 
539 O  OE2 C GLU B 22 ? 0.1399 0.4452 0.0238 0.0508  0.0148  -0.0366 22  GLU B OE2 
540 N  N   . TRP B 23 ? 0.0430 0.0525 0.0636 0.0098  0.0015  0.0023  23  TRP B N   
541 C  CA  . TRP B 23 ? 0.0336 0.0574 0.0651 -0.0034 0.0041  0.0107  23  TRP B CA  
542 C  C   . TRP B 23 ? 0.0314 0.0507 0.0552 0.0019  0.0052  0.0007  23  TRP B C   
543 O  O   . TRP B 23 ? 0.0408 0.0493 0.0744 0.0006  0.0066  0.0057  23  TRP B O   
544 C  CB  . TRP B 23 ? 0.0375 0.0801 0.0674 0.0060  0.0117  0.0067  23  TRP B CB  
545 C  CG  . TRP B 23 ? 0.0427 0.0811 0.0691 0.0090  0.0115  0.0133  23  TRP B CG  
546 C  CD1 . TRP B 23 ? 0.0750 0.0924 0.0924 -0.0032 0.0129  0.0235  23  TRP B CD1 
547 C  CD2 . TRP B 23 ? 0.0471 0.0916 0.0743 0.0122  0.0052  0.0110  23  TRP B CD2 
548 N  NE1 . TRP B 23 ? 0.1072 0.1035 0.0990 0.0014  0.0129  0.0415  23  TRP B NE1 
549 C  CE2 . TRP B 23 ? 0.0749 0.1065 0.0689 0.0225  0.0115  0.0135  23  TRP B CE2 
550 C  CE3 . TRP B 23 ? 0.0609 0.0944 0.0780 0.0061  0.0004  -0.0127 23  TRP B CE3 
551 C  CZ2 . TRP B 23 ? 0.0876 0.1646 0.0768 0.0351  0.0056  0.0339  23  TRP B CZ2 
552 C  CZ3 . TRP B 23 ? 0.0728 0.1424 0.0788 -0.0014 0.0012  -0.0262 23  TRP B CZ3 
553 C  CH2 . TRP B 23 ? 0.0790 0.1712 0.0870 0.0312  -0.0087 -0.0081 23  TRP B CH2 
554 N  N   . LEU B 24 ? 0.0320 0.0503 0.0609 0.0023  0.0125  0.0021  24  LEU B N   
555 C  CA  . LEU B 24 ? 0.0324 0.0457 0.0639 0.0017  0.0045  -0.0064 24  LEU B CA  
556 C  C   . LEU B 24 ? 0.0371 0.0461 0.0605 0.0037  0.0108  -0.0077 24  LEU B C   
557 O  O   . LEU B 24 ? 0.0379 0.0513 0.0639 0.0053  0.0039  -0.0059 24  LEU B O   
558 C  CB  . LEU B 24 ? 0.0405 0.0548 0.0676 -0.0035 0.0077  -0.0215 24  LEU B CB  
559 C  CG  . LEU B 24 ? 0.0412 0.0816 0.0933 -0.0131 0.0230  -0.0299 24  LEU B CG  
560 C  CD1 . LEU B 24 ? 0.0471 0.1028 0.1236 0.0074  -0.0159 -0.0366 24  LEU B CD1 
561 C  CD2 . LEU B 24 ? 0.0690 0.0914 0.1242 -0.0310 0.0224  -0.0470 24  LEU B CD2 
562 N  N   . ARG B 25 ? 0.0421 0.0423 0.0633 0.0088  0.0074  -0.0065 25  ARG B N   
563 C  CA  . ARG B 25 ? 0.0438 0.0552 0.0571 0.0068  0.0184  -0.0014 25  ARG B CA  
564 C  C   . ARG B 25 ? 0.0481 0.0506 0.0474 0.0068  -0.0006 -0.0090 25  ARG B C   
565 O  O   . ARG B 25 ? 0.0521 0.0509 0.0616 0.0110  0.0097  -0.0068 25  ARG B O   
566 C  CB  . ARG B 25 ? 0.0555 0.0517 0.0544 0.0021  0.0152  0.0071  25  ARG B CB  
567 C  CG  . ARG B 25 ? 0.0923 0.0742 0.0558 0.0244  0.0272  0.0069  25  ARG B CG  
568 C  CD  . ARG B 25 ? 0.1168 0.0859 0.0470 0.0030  0.0179  0.0181  25  ARG B CD  
569 N  NE  . ARG B 25 ? 0.1412 0.1523 0.0628 -0.0341 -0.0080 0.0074  25  ARG B NE  
570 C  CZ  . ARG B 25 ? 0.1967 0.1561 0.0966 -0.0716 -0.0337 0.0357  25  ARG B CZ  
571 N  NH1 . ARG B 25 ? 0.2544 0.1240 0.1371 -0.0682 -0.0214 0.0051  25  ARG B NH1 
572 N  NH2 . ARG B 25 ? 0.2234 0.2557 0.1070 -0.1313 -0.0253 0.0121  25  ARG B NH2 
573 N  N   . LYS B 26 ? 0.0500 0.0455 0.0615 0.0034  0.0066  -0.0074 26  LYS B N   
574 C  CA  . LYS B 26 ? 0.0521 0.0518 0.0824 0.0002  0.0008  -0.0023 26  LYS B CA  
575 C  C   . LYS B 26 ? 0.0546 0.0475 0.0715 -0.0027 0.0123  -0.0041 26  LYS B C   
576 O  O   . LYS B 26 ? 0.0822 0.0466 0.0871 0.0041  -0.0014 0.0027  26  LYS B O   
577 C  CB  . LYS B 26 ? 0.0596 0.0852 0.1549 -0.0219 -0.0156 0.0123  26  LYS B CB  
578 C  CG  . LYS B 26 ? 0.1185 0.1719 0.1718 0.0055  -0.0686 -0.0421 26  LYS B CG  
579 C  CD  . LYS B 26 ? 0.2005 0.3172 0.3144 -0.0958 -0.1532 0.0714  26  LYS B CD  
580 C  CE  . LYS B 26 ? 0.4771 0.2865 0.4099 -0.2026 -0.1121 0.0940  26  LYS B CE  
581 N  NZ  . LYS B 26 ? 0.9011 0.3653 0.4919 -0.0187 -0.2202 -0.0219 26  LYS B NZ  
582 N  N   . LYS B 27 ? 0.0519 0.0467 0.0698 0.0001  0.0142  0.0045  27  LYS B N   
583 C  CA  . LYS B 27 ? 0.0732 0.0560 0.0631 -0.0021 0.0096  0.0098  27  LYS B CA  
584 C  C   . LYS B 27 ? 0.0622 0.0451 0.0545 0.0036  -0.0050 -0.0019 27  LYS B C   
585 O  O   . LYS B 27 ? 0.0874 0.0585 0.0598 0.0156  0.0083  0.0109  27  LYS B O   
586 C  CB  . LYS B 27 ? 0.1031 0.0914 0.0521 0.0167  0.0156  0.0012  27  LYS B CB  
587 C  CG  . LYS B 27 ? 0.1244 0.1739 0.0853 0.0593  0.0344  0.0130  27  LYS B CG  
588 C  CD  . LYS B 27 ? 0.1846 0.2479 0.1496 0.0504  0.1058  0.0841  27  LYS B CD  
589 C  CE  . LYS B 27 ? 0.2954 0.3913 0.2276 0.1311  0.0175  0.1553  27  LYS B CE  
590 N  NZ  . LYS B 27 ? 0.5916 0.5100 0.3421 -0.0202 -0.0887 0.3372  27  LYS B NZ  
591 N  N   . LEU B 28 ? 0.0464 0.0400 0.0699 0.0074  -0.0017 -0.0025 28  LEU B N   
592 C  CA  . LEU B 28 ? 0.0500 0.0493 0.0693 0.0091  0.0021  0.0018  28  LEU B CA  
593 C  C   . LEU B 28 ? 0.0527 0.0430 0.0713 0.0055  0.0090  0.0065  28  LEU B C   
594 O  O   . LEU B 28 ? 0.0627 0.0604 0.0849 0.0159  0.0021  -0.0096 28  LEU B O   
595 C  CB  . LEU B 28 ? 0.0426 0.0453 0.0685 0.0049  -0.0029 -0.0087 28  LEU B CB  
596 C  CG  . LEU B 28 ? 0.0438 0.0513 0.0666 0.0022  0.0063  -0.0081 28  LEU B CG  
597 C  CD1 . LEU B 28 ? 0.0610 0.0501 0.0930 -0.0009 0.0013  -0.0027 28  LEU B CD1 
598 C  CD2 . LEU B 28 ? 0.0623 0.0660 0.0722 -0.0086 -0.0039 -0.0053 28  LEU B CD2 
599 N  N   . GLN B 29 ? 0.0596 0.0475 0.0622 0.0111  0.0085  -0.0061 29  GLN B N   
600 C  CA  . GLN B 29 ? 0.0659 0.0481 0.0643 0.0067  0.0077  -0.0050 29  GLN B CA  
601 C  C   . GLN B 29 ? 0.0653 0.0463 0.0745 0.0106  -0.0027 -0.0009 29  GLN B C   
602 O  O   . GLN B 29 ? 0.0824 0.0553 0.0851 0.0185  0.0002  -0.0114 29  GLN B O   
603 C  CB  . GLN B 29 ? 0.0891 0.0725 0.0604 0.0232  -0.0150 -0.0157 29  GLN B CB  
604 C  CG  . GLN B 29 ? 0.1369 0.0635 0.0924 0.0256  -0.0323 -0.0007 29  GLN B CG  
605 C  CD  . GLN B 29 ? 0.2308 0.1327 0.0648 0.0046  -0.0020 0.0065  29  GLN B CD  
606 O  OE1 . GLN B 29 ? 0.1551 0.2191 0.1179 0.0094  0.0049  -0.0036 29  GLN B OE1 
607 N  NE2 . GLN B 29 ? 0.4276 0.1195 0.1470 -0.0080 0.1063  -0.0219 29  GLN B NE2 
608 N  N   . ASP B 30 ? 0.0726 0.0425 0.0659 0.0036  -0.0048 -0.0020 30  ASP B N   
609 C  CA  . ASP B 30 ? 0.0834 0.0434 0.0850 -0.0002 0.0014  0.0003  30  ASP B CA  
610 C  C   . ASP B 30 ? 0.0875 0.0485 0.0754 0.0108  0.0020  0.0060  30  ASP B C   
611 O  O   . ASP B 30 ? 0.0855 0.0589 0.0917 0.0220  -0.0021 -0.0114 30  ASP B O   
612 C  CB  . ASP B 30 ? 0.0917 0.0840 0.1140 0.0160  0.0180  0.0358  30  ASP B CB  
613 C  CG  . ASP B 30 ? 0.0841 0.1763 0.2122 -0.0103 -0.0001 0.0884  30  ASP B CG  
614 O  OD1 . ASP B 30 ? 0.1044 0.1781 0.2427 -0.0535 -0.0520 0.0733  30  ASP B OD1 
615 O  OD2 . ASP B 30 ? 0.0999 0.1831 0.3207 0.0132  0.0501  0.0869  30  ASP B OD2 
616 N  N   . VAL B 31 ? 0.0804 0.0552 0.0823 0.0084  -0.0057 -0.0087 31  VAL B N   
617 C  CA  . VAL B 31 ? 0.0823 0.0642 0.0742 0.0161  -0.0087 0.0074  31  VAL B CA  
618 C  C   . VAL B 31 ? 0.0794 0.0752 0.0923 0.0241  -0.0003 0.0011  31  VAL B C   
619 O  O   . VAL B 31 ? 0.1042 0.0833 0.1204 0.0419  -0.0063 0.0138  31  VAL B O   
620 C  CB  . VAL B 31 ? 0.0853 0.0840 0.0941 -0.0013 -0.0090 -0.0100 31  VAL B CB  
621 C  CG1 . VAL B 31 ? 0.0882 0.1049 0.1387 0.0175  -0.0347 -0.0263 31  VAL B CG1 
622 C  CG2 . VAL B 31 ? 0.1190 0.0782 0.0891 -0.0055 -0.0038 -0.0137 31  VAL B CG2 
623 N  N   . HIS B 32 ? 0.0684 0.0649 0.0911 0.0181  0.0054  0.0145  32  HIS B N   
624 C  CA  . HIS B 32 ? 0.0819 0.0768 0.0931 0.0165  0.0083  0.0071  32  HIS B CA  
625 C  C   . HIS B 32 ? 0.0831 0.0694 0.1011 0.0296  0.0242  0.0132  32  HIS B C   
626 O  O   . HIS B 32 ? 0.1122 0.1007 0.1316 0.0402  0.0486  0.0059  32  HIS B O   
627 C  CB  A HIS B 32 ? 0.0985 0.0734 0.0964 0.0297  0.0279  0.0174  32  HIS B CB  
628 C  CB  B HIS B 32 ? 0.0792 0.0712 0.0958 -0.0003 0.0074  0.0190  32  HIS B CB  
629 C  CG  A HIS B 32 ? 0.1360 0.0868 0.1101 0.0368  0.0472  0.0234  32  HIS B CG  
630 C  CG  B HIS B 32 ? 0.1207 0.1008 0.1199 0.0204  0.0390  0.0391  32  HIS B CG  
631 N  ND1 A HIS B 32 ? 0.1405 0.1539 0.1206 0.0766  0.0650  0.0593  32  HIS B ND1 
632 N  ND1 B HIS B 32 ? 0.1930 0.1626 0.1177 -0.0009 0.0708  -0.0045 32  HIS B ND1 
633 C  CD2 A HIS B 32 ? 0.1824 0.0556 0.0994 0.0309  0.0520  0.0236  32  HIS B CD2 
634 C  CD2 B HIS B 32 ? 0.1129 0.1892 0.1500 0.0344  0.0549  0.0611  32  HIS B CD2 
635 C  CE1 A HIS B 32 ? 0.1889 0.2139 0.1227 0.0926  0.0718  0.0559  32  HIS B CE1 
636 C  CE1 B HIS B 32 ? 0.1917 0.2350 0.1171 0.0366  0.0722  0.0354  32  HIS B CE1 
637 N  NE2 A HIS B 32 ? 0.2102 0.0946 0.1197 0.0394  0.0765  0.0285  32  HIS B NE2 
638 N  NE2 B HIS B 32 ? 0.1762 0.2534 0.1399 0.0339  0.0690  0.0661  32  HIS B NE2 
639 N  N   . ASN B 33 ? 0.1002 0.0595 0.1175 0.0261  0.0307  0.0054  33  ASN B N   
640 C  CA  . ASN B 33 ? 0.1543 0.0596 0.1283 0.0085  0.0508  -0.0044 33  ASN B CA  
641 C  C   . ASN B 33 ? 0.2469 0.0712 0.1255 0.0484  0.0885  0.0042  33  ASN B C   
642 O  O   . ASN B 33 ? 0.2844 0.0720 0.1561 0.0379  0.0835  -0.0085 33  ASN B O   
643 C  CB  . ASN B 33 ? 0.1584 0.0946 0.1895 0.0012  0.0242  -0.0472 33  ASN B CB  
644 C  CG  . ASN B 33 ? 0.2279 0.1094 0.1886 0.0321  -0.0280 -0.0479 33  ASN B CG  
645 O  OD1 . ASN B 33 ? 0.2776 0.2092 0.1586 0.0285  -0.0092 -0.0065 33  ASN B OD1 
646 N  ND2 . ASN B 33 ? 0.3018 0.3026 0.2168 0.1362  -0.1164 -0.1339 33  ASN B ND2 
647 N  N   . PHE B 34 ? 0.1650 0.0499 0.1246 0.0237  0.0002  -0.0031 34  PHE B N   
648 C  CA  . PHE B 34 ? 0.1538 0.0897 0.1099 0.0307  0.0080  0.0136  34  PHE B CA  
649 C  C   . PHE B 34 ? 0.1567 0.1087 0.1501 -0.0018 -0.0071 0.0353  34  PHE B C   
650 O  O   . PHE B 34 ? 0.1496 0.1695 0.3061 -0.0162 -0.0163 0.0923  34  PHE B O   
651 C  CB  . PHE B 34 ? 0.1582 0.0868 0.0888 0.0201  0.0021  -0.0140 34  PHE B CB  
652 C  CG  . PHE B 34 ? 0.1652 0.0723 0.0966 -0.0102 -0.0028 0.0048  34  PHE B CG  
653 C  CD1 . PHE B 34 ? 0.1989 0.0832 0.1282 -0.0233 0.0055  -0.0104 34  PHE B CD1 
654 C  CD2 . PHE B 34 ? 0.1271 0.0996 0.1399 -0.0003 0.0071  0.0082  34  PHE B CD2 
655 C  CE1 . PHE B 34 ? 0.1712 0.1140 0.1594 -0.0500 0.0039  -0.0265 34  PHE B CE1 
656 C  CE2 . PHE B 34 ? 0.1701 0.1284 0.1432 -0.0296 -0.0223 0.0458  34  PHE B CE2 
657 C  CZ  . PHE B 34 ? 0.2393 0.1409 0.1318 -0.0516 -0.0176 0.0265  34  PHE B CZ  
658 O  OXT . PHE B 34 ? 0.1875 0.2063 0.1756 0.0061  -0.0466 0.0944  34  PHE B OXT 
659 NA NA  . NA  C .  ? 0.2627 0.3695 0.3128 0.0191  0.0106  -0.0538 101 NA  A NA  
660 NA NA  . NA  D .  ? 0.3116 0.4845 0.2711 0.0417  0.0289  0.0200  102 NA  B NA  
661 O  O   . HOH E .  ? 0.2493 0.1601 0.2663 -0.0292 0.0018  -0.0108 102 HOH A O   
662 O  O   . HOH E .  ? 0.3198 0.2511 0.1456 0.0738  -0.0374 -0.0359 103 HOH A O   
663 O  O   . HOH E .  ? 0.1897 0.2403 0.1196 0.0052  -0.0010 0.0139  104 HOH A O   
664 O  O   . HOH E .  ? 0.4064 0.3495 0.2943 0.2127  0.0120  -0.0152 105 HOH A O   
665 O  O   . HOH E .  ? 0.1539 0.2464 1.3318 0.0000  0.1217  0.1321  106 HOH A O   
666 O  O   . HOH E .  ? 0.5091 1.3933 0.3659 -0.1913 0.1251  0.1173  107 HOH A O   
667 O  O   . HOH E .  ? 0.1696 0.3557 0.2830 -0.0252 0.0300  -0.0494 108 HOH A O   
668 O  O   . HOH E .  ? 0.3925 0.5541 0.3938 -0.0707 0.0009  -0.0288 109 HOH A O   
669 O  O   . HOH E .  ? 0.2120 0.4673 0.4570 -0.0303 0.0370  -0.0162 110 HOH A O   
670 O  O   . HOH E .  ? 0.6430 0.2950 0.4005 -0.1025 -0.1865 -0.0639 111 HOH A O   
671 O  O   . HOH E .  ? 0.3968 1.1545 0.1586 0.2301  0.0612  0.1820  112 HOH A O   
672 O  O   . HOH E .  ? 0.7798 0.2188 0.5487 0.0883  -0.2125 -0.2486 113 HOH A O   
673 O  O   . HOH E .  ? 0.5337 0.1276 0.1302 -0.0344 0.0771  0.0049  114 HOH A O   
674 O  O   . HOH E .  ? 0.1801 0.2186 0.1834 -0.0098 0.0610  -0.0013 115 HOH A O   
675 O  O   . HOH E .  ? 0.4816 0.3415 0.2950 0.1552  0.1529  0.0313  116 HOH A O   
676 O  O   . HOH E .  ? 0.3216 0.7256 0.2001 0.1677  0.1044  0.0660  117 HOH A O   
677 O  O   . HOH E .  ? 0.2351 0.1731 0.3386 0.0268  0.0205  0.0139  118 HOH A O   
678 O  O   . HOH E .  ? 0.2220 0.4624 0.2780 -0.0840 0.0561  -0.1469 119 HOH A O   
679 O  O   . HOH E .  ? 0.3708 0.3549 0.3213 0.0492  -0.0604 0.0558  120 HOH A O   
680 O  O   . HOH E .  ? 0.5660 0.8875 0.2559 0.1833  -0.0448 -0.0861 121 HOH A O   
681 O  O   . HOH E .  ? 0.4885 0.3462 0.2371 0.0424  -0.1003 -0.1202 122 HOH A O   
682 O  O   . HOH E .  ? 0.4256 0.4006 0.2385 -0.2332 0.0515  0.0428  123 HOH A O   
683 O  O   . HOH E .  ? 0.7393 0.9369 0.2322 0.1658  -0.0046 -0.0682 124 HOH A O   
684 O  O   . HOH E .  ? 0.5581 0.7630 0.2778 -0.0898 -0.1909 -0.0171 125 HOH A O   
685 O  O   . HOH E .  ? 0.3573 1.0094 1.0102 -0.0609 -0.3145 0.0774  126 HOH A O   
686 O  O   . HOH E .  ? 0.3698 0.3954 0.3847 -0.1451 -0.0269 -0.0009 127 HOH A O   
687 O  O   . HOH E .  ? 0.2305 0.7268 0.3145 -0.0702 0.0079  0.0869  128 HOH A O   
688 O  O   . HOH E .  ? 0.3102 0.5939 0.3810 -0.0315 0.1650  -0.1841 129 HOH A O   
689 O  O   . HOH E .  ? 0.3825 0.2236 0.3187 -0.1169 -0.0228 -0.0392 130 HOH A O   
690 O  O   . HOH E .  ? 0.4099 0.3004 0.2142 -0.1559 0.0771  -0.0312 131 HOH A O   
691 O  O   . HOH E .  ? 0.3810 0.9350 0.2082 -0.2453 -0.0113 0.1197  132 HOH A O   
692 O  O   . HOH E .  ? 0.3633 0.8727 0.4524 0.1444  -0.1363 -0.1679 133 HOH A O   
693 O  O   . HOH E .  ? 0.5237 0.9934 0.4827 0.3419  0.2525  0.2946  134 HOH A O   
694 O  O   . HOH E .  ? 0.5246 0.2258 0.7147 -0.1048 -0.0574 0.0678  135 HOH A O   
695 O  O   . HOH E .  ? 0.2192 0.2654 0.3006 -0.0440 -0.0303 -0.0549 136 HOH A O   
696 O  O   . HOH E .  ? 0.1510 0.2323 0.2933 -0.0381 0.0261  0.0254  137 HOH A O   
697 O  O   . HOH E .  ? 0.3311 0.5004 0.9148 -0.0421 -0.0189 -0.4576 138 HOH A O   
698 O  O   . HOH E .  ? 0.5995 1.1308 0.3313 -0.0186 -0.1128 0.0467  139 HOH A O   
699 O  O   . HOH E .  ? 0.6552 0.5717 0.5116 -0.0644 -0.0823 -0.3210 140 HOH A O   
700 O  O   . HOH F .  ? 0.1698 0.1613 0.1355 0.0072  0.0153  0.0459  103 HOH B O   
701 O  O   . HOH F .  ? 0.1513 0.1617 0.2509 -0.0352 0.0921  -0.0207 104 HOH B O   
702 O  O   . HOH F .  ? 0.1603 0.1607 0.2332 -0.0489 0.0754  -0.0356 105 HOH B O   
703 O  O   . HOH F .  ? 0.2313 0.1821 0.1738 -0.0551 0.1032  -0.0337 106 HOH B O   
704 O  O   . HOH F .  ? 0.1677 0.2155 0.2625 0.0039  0.0415  -0.0121 107 HOH B O   
705 O  O   . HOH F .  ? 0.2487 0.2657 0.1568 0.0153  -0.0588 -0.0363 108 HOH B O   
706 O  O   . HOH F .  ? 0.3076 0.3925 0.5065 0.0577  -0.1086 -0.1076 109 HOH B O   
707 O  O   . HOH F .  ? 0.3267 0.2564 0.1450 0.0477  0.0317  -0.0303 110 HOH B O   
708 O  O   . HOH F .  ? 0.2347 0.3299 0.1631 0.0746  0.0198  -0.0287 111 HOH B O   
709 O  O   . HOH F .  ? 0.1712 0.2208 0.3203 0.0289  -0.0461 -0.1259 112 HOH B O   
710 O  O   . HOH F .  ? 0.1671 0.1554 0.2865 -0.0177 -0.0119 -0.0375 113 HOH B O   
711 O  O   . HOH F .  ? 0.2933 0.1641 0.1658 0.0530  -0.0450 -0.0097 114 HOH B O   
712 O  O   . HOH F .  ? 0.2158 0.1859 0.2951 -0.0025 -0.0633 -0.0108 115 HOH B O   
713 O  O   . HOH F .  ? 0.2302 0.6171 0.2308 0.1278  -0.0630 -0.1949 116 HOH B O   
714 O  O   . HOH F .  ? 0.1968 0.3176 0.3695 -0.0061 0.1062  0.0592  117 HOH B O   
715 O  O   . HOH F .  ? 0.4020 0.1775 0.2952 -0.0146 -0.1588 0.0372  118 HOH B O   
716 O  O   . HOH F .  ? 0.1642 0.2711 0.4676 0.0761  -0.1280 -0.1799 119 HOH B O   
717 O  O   . HOH F .  ? 0.4332 0.2919 0.8553 0.0272  0.3512  0.2194  120 HOH B O   
718 O  O   . HOH F .  ? 0.3616 0.1632 0.2704 -0.0966 -0.0176 -0.0247 121 HOH B O   
719 O  O   . HOH F .  ? 0.4446 0.3290 0.1515 0.0484  -0.0608 -0.0495 122 HOH B O   
720 O  O   . HOH F .  ? 0.6245 0.3230 0.2832 -0.0507 -0.1984 0.0217  123 HOH B O   
721 O  O   . HOH F .  ? 0.5604 0.2671 0.7934 -0.1050 -0.3612 0.1390  124 HOH B O   
722 O  O   . HOH F .  ? 0.2138 0.3811 0.6716 -0.0827 0.2050  -0.2216 125 HOH B O   
723 O  O   . HOH F .  ? 0.4914 0.3924 0.4040 0.1118  -0.1059 -0.2558 126 HOH B O   
724 O  O   . HOH F .  ? 0.5569 0.7255 0.0649 0.0176  -0.0575 0.0572  127 HOH B O   
725 O  O   . HOH F .  ? 0.7732 0.7733 0.6162 0.5978  -0.4142 -0.2895 128 HOH B O   
726 O  O   . HOH F .  ? 0.2934 0.2436 0.2409 -0.0551 -0.0185 -0.0668 129 HOH B O   
727 O  O   . HOH F .  ? 0.1839 0.2722 1.4948 0.0789  0.0736  0.2027  130 HOH B O   
728 O  O   . HOH F .  ? 0.2853 0.5135 0.4402 -0.0219 -0.0192 0.2843  131 HOH B O   
729 O  O   . HOH F .  ? 0.2112 0.6812 0.3976 0.0853  -0.0129 0.2095  132 HOH B O   
730 O  O   . HOH F .  ? 0.1323 0.2094 0.2961 -0.0160 -0.0560 -0.0739 133 HOH B O   
731 O  O   . HOH F .  ? 0.7023 0.2513 0.4915 -0.0218 -0.3718 -0.0877 134 HOH B O   
732 O  O   . HOH F .  ? 0.1471 0.2963 0.0524 -0.0683 -0.0262 -0.0142 135 HOH B O   
733 O  O   . HOH F .  ? 0.1231 0.2200 0.2427 0.0272  -0.0636 0.1471  136 HOH B O   
734 O  O   . HOH F .  ? 0.2255 0.2427 0.2083 -0.1328 -0.0222 -0.0110 137 HOH B O   
735 O  O   . HOH F .  ? 0.5936 0.3779 0.8529 0.1175  -0.1874 -0.2346 138 HOH B O   
736 O  O   . HOH F .  ? 0.6732 0.6042 0.7528 0.4920  0.2867  0.2768  139 HOH B O   
737 O  O   . HOH F .  ? 0.6683 0.6330 0.4405 0.1183  -0.1225 0.4272  140 HOH B O   
738 O  O   . HOH F .  ? 0.4534 0.3373 1.0842 -0.0720 -0.3112 -0.0878 141 HOH B O   
739 O  O   . HOH F .  ? 0.3945 0.3137 0.1622 -0.0077 0.0628  -0.0216 142 HOH B O   
740 O  O   . HOH F .  ? 0.6909 0.7147 0.2481 0.4349  -0.0412 0.0176  143 HOH B O   
741 O  O   . HOH F .  ? 0.6161 0.3013 0.3343 0.0869  0.0305  0.0279  144 HOH B O   
742 O  O   . HOH F .  ? 0.5917 0.6086 0.4311 -0.0629 0.1002  -0.0549 145 HOH B O   
743 O  O   . HOH F .  ? 0.6870 0.6692 0.6613 -0.5735 0.0049  -0.0044 146 HOH B O   
744 O  O   . HOH F .  ? 0.6103 0.2715 0.3563 0.0407  -0.1404 -0.0424 147 HOH B O   
745 O  O   . HOH F .  ? 0.4739 0.5721 0.5688 0.1319  0.1715  0.3196  148 HOH B O   
746 O  O   . HOH F .  ? 0.5908 0.3224 0.4041 -0.1193 -0.2015 0.0431  149 HOH B O   
747 O  O   . HOH F .  ? 0.4761 0.2419 0.2727 -0.0877 0.1190  0.0216  150 HOH B O   
748 O  O   . HOH F .  ? 0.2916 0.7045 0.4977 0.1442  0.1675  0.0506  151 HOH B O   
749 O  O   . HOH F .  ? 0.3342 0.2993 1.3443 0.1037  -0.4633 -0.2035 152 HOH B O   
750 O  O   . HOH F .  ? 0.2259 0.2421 1.3231 -0.0742 0.2284  -0.1688 153 HOH B O   
751 O  O   . HOH F .  ? 0.3779 1.0025 0.7769 0.3353  0.2741  0.5950  154 HOH B O   
752 O  O   . HOH F .  ? 0.7304 1.2693 0.2827 0.2597  0.1234  -0.1627 155 HOH B O   
753 O  O   . HOH F .  ? 0.7480 0.3282 1.0684 0.1252  0.4731  0.0760  156 HOH B O   
754 O  O   . HOH F .  ? 0.7339 0.3902 0.3512 -0.1401 -0.1553 -0.0117 157 HOH B O   
755 O  O   . HOH F .  ? 0.3261 0.4251 1.1419 0.0558  0.0800  0.2589  158 HOH B O   
756 O  O   . HOH F .  ? 0.4792 0.2262 0.6145 -0.0258 0.1682  0.0163  159 HOH B O   
757 O  O   . HOH F .  ? 0.2048 0.1682 0.2887 0.0454  0.1421  0.1001  160 HOH B O   
758 O  O   . HOH F .  ? 0.5505 0.3945 0.4082 0.1791  0.2272  0.0419  161 HOH B O   
759 O  O   . HOH F .  ? 0.3550 0.3496 0.9450 0.0860  -0.0886 -0.0830 162 HOH B O   
760 O  O   . HOH F .  ? 0.2191 1.2785 0.7821 -0.0162 0.1166  0.2144  163 HOH B O   
761 O  O   . HOH F .  ? 0.3967 1.5128 0.4524 0.2737  -0.1453 -0.4758 164 HOH B O   
762 O  O   . HOH F .  ? 0.3891 0.4010 0.2309 0.1404  -0.0223 -0.0531 165 HOH B O   
763 O  O   . HOH F .  ? 0.3052 1.3648 0.4634 -0.3971 -0.2414 0.4939  166 HOH B O   
764 O  O   . HOH F .  ? 0.5648 0.4133 0.5011 -0.2533 -0.1505 0.1500  167 HOH B O   
# 
